data_2GS0
#
_entry.id   2GS0
#
loop_
_entity.id
_entity.type
_entity.pdbx_description
1 polymer 'RNA polymerase II transcription factor B subunit 1'
2 polymer 'Cellular tumor antigen p53'
#
loop_
_entity_poly.entity_id
_entity_poly.type
_entity_poly.pdbx_seq_one_letter_code
_entity_poly.pdbx_strand_id
1 'polypeptide(L)'
;PSHSGAAIFEKVSGIIAINEDVSPAELTWRSTDGDKVHTVVLSTIDKLQATPASSEKMMLRLIGKVDESKKRKDNEGNEV
VPKPQRHMFSFNNRTVMDNIKMTLQQIISRYKDAD
;
A
2 'polypeptide(L)' SDLWKLLPENNVLSPLPSQAMDDLMLSPDDIEQWFTEDPGPDEAPRMPEAAPPV B
#
# COMPACT_ATOMS: atom_id res chain seq x y z
N PRO A 1 -5.75 16.98 -4.76
CA PRO A 1 -4.84 16.08 -4.04
C PRO A 1 -5.60 15.15 -3.09
N SER A 2 -6.70 14.61 -3.56
CA SER A 2 -7.51 13.70 -2.76
C SER A 2 -8.10 12.58 -3.61
N HIS A 3 -7.90 11.34 -3.17
CA HIS A 3 -8.40 10.18 -3.90
C HIS A 3 -7.76 10.07 -5.29
N SER A 4 -6.51 10.49 -5.36
CA SER A 4 -5.74 10.43 -6.61
C SER A 4 -4.36 11.02 -6.41
N GLY A 5 -3.35 10.28 -6.82
CA GLY A 5 -1.98 10.75 -6.69
C GLY A 5 -1.03 9.97 -7.54
N ALA A 6 -0.45 10.64 -8.52
CA ALA A 6 0.51 10.01 -9.43
C ALA A 6 1.49 9.11 -8.68
N ALA A 7 1.23 7.81 -8.72
CA ALA A 7 2.06 6.83 -8.03
C ALA A 7 2.73 5.87 -9.02
N ILE A 8 3.87 5.30 -8.61
CA ILE A 8 4.58 4.35 -9.44
C ILE A 8 4.32 2.93 -8.98
N PHE A 9 3.89 2.09 -9.90
CA PHE A 9 3.59 0.69 -9.58
C PHE A 9 4.57 -0.24 -10.29
N GLU A 10 5.15 -1.17 -9.55
CA GLU A 10 6.09 -2.13 -10.10
C GLU A 10 7.24 -1.42 -10.81
N LYS A 11 7.64 -0.27 -10.27
CA LYS A 11 8.72 0.51 -10.87
C LYS A 11 8.22 1.26 -12.10
N VAL A 12 6.93 1.09 -12.41
CA VAL A 12 6.33 1.77 -13.54
C VAL A 12 5.59 2.99 -13.07
N SER A 13 5.40 3.94 -13.95
CA SER A 13 4.71 5.15 -13.59
C SER A 13 3.25 5.15 -14.00
N GLY A 14 2.45 5.85 -13.22
CA GLY A 14 1.02 5.95 -13.45
C GLY A 14 0.36 6.70 -12.33
N ILE A 15 -0.96 6.87 -12.39
CA ILE A 15 -1.66 7.58 -11.33
C ILE A 15 -2.44 6.61 -10.48
N ILE A 16 -2.46 6.88 -9.19
CA ILE A 16 -3.18 6.04 -8.25
C ILE A 16 -4.42 6.78 -7.80
N ALA A 17 -5.57 6.20 -8.09
CA ALA A 17 -6.83 6.82 -7.74
C ALA A 17 -7.65 5.95 -6.81
N ILE A 18 -8.24 6.58 -5.79
CA ILE A 18 -9.04 5.87 -4.80
C ILE A 18 -10.52 6.22 -4.96
N ASN A 19 -11.37 5.22 -4.80
CA ASN A 19 -12.81 5.41 -4.92
C ASN A 19 -13.55 4.79 -3.73
N GLU A 20 -14.13 5.63 -2.89
CA GLU A 20 -14.87 5.15 -1.72
C GLU A 20 -16.34 4.96 -2.04
N ASP A 21 -16.71 5.11 -3.31
CA ASP A 21 -18.08 4.95 -3.74
C ASP A 21 -18.42 3.47 -3.88
N VAL A 22 -17.38 2.64 -3.97
CA VAL A 22 -17.55 1.20 -4.11
C VAL A 22 -17.28 0.50 -2.79
N SER A 23 -18.04 -0.56 -2.52
CA SER A 23 -17.88 -1.33 -1.29
C SER A 23 -17.42 -2.76 -1.59
N PRO A 24 -16.24 -3.15 -1.09
CA PRO A 24 -15.37 -2.30 -0.28
C PRO A 24 -14.54 -1.36 -1.15
N ALA A 25 -14.42 -0.11 -0.71
CA ALA A 25 -13.65 0.89 -1.46
C ALA A 25 -12.33 0.31 -1.96
N GLU A 26 -11.95 0.69 -3.17
CA GLU A 26 -10.72 0.17 -3.77
C GLU A 26 -9.88 1.28 -4.37
N LEU A 27 -8.63 0.96 -4.69
CA LEU A 27 -7.70 1.90 -5.29
C LEU A 27 -7.23 1.37 -6.63
N THR A 28 -7.28 2.22 -7.66
CA THR A 28 -6.87 1.80 -8.99
C THR A 28 -5.70 2.62 -9.52
N TRP A 29 -4.64 1.93 -9.93
CA TRP A 29 -3.45 2.55 -10.46
C TRP A 29 -3.48 2.47 -11.99
N ARG A 30 -3.29 3.61 -12.64
CA ARG A 30 -3.30 3.65 -14.11
C ARG A 30 -2.02 4.28 -14.64
N SER A 31 -1.26 3.51 -15.41
CA SER A 31 -0.01 3.98 -15.99
C SER A 31 -0.17 5.38 -16.59
N THR A 32 0.96 6.01 -16.91
CA THR A 32 0.93 7.34 -17.50
C THR A 32 0.52 7.25 -18.96
N ASP A 33 1.08 6.25 -19.63
CA ASP A 33 0.80 6.03 -21.03
C ASP A 33 -0.46 5.18 -21.20
N GLY A 34 -0.86 4.49 -20.12
CA GLY A 34 -2.04 3.65 -20.18
C GLY A 34 -1.73 2.25 -20.67
N ASP A 35 -0.55 1.76 -20.32
CA ASP A 35 -0.12 0.42 -20.74
C ASP A 35 -0.34 -0.60 -19.62
N LYS A 36 -0.42 -0.12 -18.39
CA LYS A 36 -0.61 -1.01 -17.25
C LYS A 36 -1.61 -0.42 -16.25
N VAL A 37 -2.41 -1.29 -15.64
CA VAL A 37 -3.40 -0.87 -14.66
C VAL A 37 -3.44 -1.84 -13.49
N HIS A 38 -3.66 -1.32 -12.29
CA HIS A 38 -3.73 -2.15 -11.09
C HIS A 38 -4.87 -1.73 -10.18
N THR A 39 -5.47 -2.71 -9.52
CA THR A 39 -6.57 -2.46 -8.60
C THR A 39 -6.32 -3.10 -7.24
N VAL A 40 -6.64 -2.38 -6.17
CA VAL A 40 -6.44 -2.87 -4.82
C VAL A 40 -7.64 -2.58 -3.93
N VAL A 41 -7.98 -3.54 -3.08
CA VAL A 41 -9.08 -3.37 -2.14
C VAL A 41 -8.57 -2.62 -0.92
N LEU A 42 -9.11 -1.44 -0.68
CA LEU A 42 -8.70 -0.61 0.44
C LEU A 42 -9.25 -1.12 1.77
N SER A 43 -10.45 -1.68 1.74
CA SER A 43 -11.10 -2.20 2.94
C SER A 43 -10.19 -3.12 3.74
N THR A 44 -9.23 -3.74 3.05
CA THR A 44 -8.30 -4.66 3.69
C THR A 44 -7.12 -3.92 4.31
N ILE A 45 -6.83 -2.73 3.77
CA ILE A 45 -5.72 -1.93 4.26
C ILE A 45 -5.72 -1.84 5.78
N ASP A 46 -4.85 -2.63 6.41
CA ASP A 46 -4.74 -2.66 7.85
C ASP A 46 -3.63 -1.74 8.36
N LYS A 47 -2.70 -1.39 7.48
CA LYS A 47 -1.59 -0.51 7.86
C LYS A 47 -1.05 0.25 6.67
N LEU A 48 -0.76 1.53 6.87
CA LEU A 48 -0.23 2.38 5.81
C LEU A 48 1.24 2.71 6.06
N GLN A 49 2.08 2.41 5.09
CA GLN A 49 3.51 2.69 5.21
C GLN A 49 3.91 3.81 4.26
N ALA A 50 4.62 4.79 4.78
CA ALA A 50 5.07 5.93 3.97
C ALA A 50 6.43 6.42 4.43
N THR A 51 7.28 6.76 3.47
CA THR A 51 8.62 7.26 3.77
C THR A 51 8.55 8.71 4.25
N PRO A 52 9.27 9.04 5.34
CA PRO A 52 9.27 10.40 5.90
C PRO A 52 9.79 11.43 4.89
N ALA A 53 9.29 12.66 5.02
CA ALA A 53 9.70 13.74 4.12
C ALA A 53 11.19 14.01 4.23
N SER A 54 11.70 13.99 5.46
CA SER A 54 13.13 14.24 5.69
C SER A 54 13.98 13.21 4.96
N SER A 55 13.40 12.04 4.72
CA SER A 55 14.10 10.97 4.03
C SER A 55 13.91 11.10 2.52
N GLU A 56 15.04 11.26 1.82
CA GLU A 56 15.00 11.37 0.36
C GLU A 56 14.34 10.14 -0.25
N LYS A 57 14.27 9.07 0.52
CA LYS A 57 13.67 7.82 0.06
C LYS A 57 12.17 8.00 -0.19
N MET A 58 11.78 7.98 -1.46
CA MET A 58 10.38 8.14 -1.85
C MET A 58 9.72 6.77 -2.02
N MET A 59 8.63 6.55 -1.28
CA MET A 59 7.92 5.27 -1.37
C MET A 59 6.66 5.26 -0.49
N LEU A 60 5.77 4.33 -0.82
CA LEU A 60 4.51 4.18 -0.09
C LEU A 60 4.09 2.71 -0.09
N ARG A 61 3.89 2.14 1.10
CA ARG A 61 3.51 0.74 1.21
C ARG A 61 2.13 0.57 1.84
N LEU A 62 1.33 -0.32 1.26
CA LEU A 62 -0.01 -0.61 1.76
C LEU A 62 -0.05 -2.02 2.34
N ILE A 63 -0.60 -2.14 3.54
CA ILE A 63 -0.68 -3.44 4.21
C ILE A 63 -2.13 -3.93 4.26
N GLY A 64 -2.36 -5.10 3.69
CA GLY A 64 -3.70 -5.68 3.69
C GLY A 64 -3.94 -6.60 4.86
N LYS A 65 -5.17 -6.62 5.37
CA LYS A 65 -5.52 -7.48 6.49
C LYS A 65 -5.27 -8.94 6.17
N VAL A 66 -5.12 -9.75 7.21
CA VAL A 66 -4.88 -11.19 7.03
C VAL A 66 -5.96 -12.02 7.71
N ASP A 67 -5.66 -13.29 7.94
CA ASP A 67 -6.61 -14.19 8.57
C ASP A 67 -5.97 -15.56 8.80
N GLU A 68 -4.83 -15.56 9.49
CA GLU A 68 -4.10 -16.80 9.78
C GLU A 68 -4.97 -17.79 10.54
N SER A 69 -6.00 -17.28 11.20
CA SER A 69 -6.92 -18.13 11.96
C SER A 69 -7.58 -19.17 11.06
N LYS A 70 -7.55 -18.93 9.76
CA LYS A 70 -8.15 -19.85 8.80
C LYS A 70 -7.37 -21.16 8.73
N LYS A 71 -6.04 -21.05 8.79
CA LYS A 71 -5.19 -22.23 8.74
C LYS A 71 -5.39 -22.99 7.43
N ARG A 72 -4.58 -22.66 6.43
CA ARG A 72 -4.68 -23.30 5.13
C ARG A 72 -3.68 -24.46 5.02
N LYS A 73 -4.12 -25.55 4.39
CA LYS A 73 -3.27 -26.72 4.22
C LYS A 73 -2.43 -26.61 2.95
N ASP A 74 -1.22 -27.14 3.01
CA ASP A 74 -0.31 -27.10 1.86
C ASP A 74 -0.43 -28.37 1.02
N ASN A 75 0.23 -28.38 -0.13
CA ASN A 75 0.20 -29.53 -1.02
C ASN A 75 0.75 -30.78 -0.33
N GLU A 76 1.51 -30.59 0.74
CA GLU A 76 2.08 -31.70 1.48
C GLU A 76 1.12 -32.23 2.54
N GLY A 77 -0.09 -31.67 2.56
CA GLY A 77 -1.08 -32.11 3.54
C GLY A 77 -0.83 -31.53 4.92
N ASN A 78 0.02 -30.51 4.99
CA ASN A 78 0.33 -29.88 6.27
C ASN A 78 -0.24 -28.47 6.33
N GLU A 79 -0.67 -28.07 7.52
CA GLU A 79 -1.26 -26.75 7.71
C GLU A 79 -0.18 -25.66 7.62
N VAL A 80 -0.59 -24.48 7.15
CA VAL A 80 0.34 -23.36 7.02
C VAL A 80 -0.27 -22.09 7.61
N VAL A 81 0.59 -21.14 7.94
CA VAL A 81 0.15 -19.87 8.49
C VAL A 81 0.21 -18.79 7.40
N PRO A 82 -0.93 -18.49 6.76
CA PRO A 82 -0.99 -17.49 5.70
C PRO A 82 -0.23 -16.21 6.05
N LYS A 83 0.09 -15.42 5.03
CA LYS A 83 0.81 -14.17 5.24
C LYS A 83 -0.05 -12.98 4.86
N PRO A 84 0.18 -11.83 5.51
CA PRO A 84 -0.58 -10.60 5.27
C PRO A 84 -0.22 -9.94 3.94
N GLN A 85 -1.20 -9.28 3.33
CA GLN A 85 -0.99 -8.61 2.06
C GLN A 85 -0.17 -7.34 2.25
N ARG A 86 0.71 -7.07 1.29
CA ARG A 86 1.57 -5.90 1.35
C ARG A 86 1.92 -5.40 -0.04
N HIS A 87 1.54 -4.16 -0.35
CA HIS A 87 1.81 -3.58 -1.65
C HIS A 87 2.94 -2.55 -1.56
N MET A 88 3.58 -2.26 -2.69
CA MET A 88 4.67 -1.30 -2.72
C MET A 88 4.49 -0.30 -3.85
N PHE A 89 4.43 0.99 -3.50
CA PHE A 89 4.27 2.05 -4.48
C PHE A 89 5.34 3.12 -4.28
N SER A 90 5.67 3.84 -5.35
CA SER A 90 6.67 4.90 -5.29
C SER A 90 6.13 6.21 -5.83
N PHE A 91 6.38 7.29 -5.09
CA PHE A 91 5.92 8.61 -5.49
C PHE A 91 7.12 9.56 -5.66
N ASN A 92 6.89 10.67 -6.37
CA ASN A 92 7.95 11.64 -6.59
C ASN A 92 7.69 12.92 -5.80
N ASN A 93 6.44 13.15 -5.42
CA ASN A 93 6.07 14.34 -4.67
C ASN A 93 5.54 13.94 -3.29
N ARG A 94 6.30 14.30 -2.25
CA ARG A 94 5.90 13.98 -0.88
C ARG A 94 4.45 14.37 -0.62
N THR A 95 3.99 15.38 -1.33
CA THR A 95 2.64 15.86 -1.20
C THR A 95 1.64 14.85 -1.74
N VAL A 96 1.90 14.35 -2.95
CA VAL A 96 1.03 13.35 -3.57
C VAL A 96 0.92 12.12 -2.69
N MET A 97 2.06 11.56 -2.31
CA MET A 97 2.08 10.39 -1.44
C MET A 97 1.46 10.74 -0.10
N ASP A 98 1.64 11.99 0.32
CA ASP A 98 1.09 12.46 1.58
C ASP A 98 -0.43 12.40 1.54
N ASN A 99 -0.99 12.66 0.37
CA ASN A 99 -2.43 12.64 0.19
C ASN A 99 -2.95 11.20 0.22
N ILE A 100 -2.24 10.31 -0.47
CA ILE A 100 -2.61 8.90 -0.52
C ILE A 100 -2.61 8.30 0.88
N LYS A 101 -1.52 8.52 1.60
CA LYS A 101 -1.38 8.00 2.96
C LYS A 101 -2.44 8.59 3.88
N MET A 102 -2.85 9.82 3.57
CA MET A 102 -3.86 10.51 4.35
C MET A 102 -5.25 10.01 3.98
N THR A 103 -5.49 9.87 2.68
CA THR A 103 -6.78 9.41 2.19
C THR A 103 -7.02 7.95 2.58
N LEU A 104 -5.98 7.13 2.46
CA LEU A 104 -6.10 5.71 2.80
C LEU A 104 -6.43 5.56 4.28
N GLN A 105 -5.81 6.39 5.12
CA GLN A 105 -6.06 6.34 6.56
C GLN A 105 -7.51 6.62 6.87
N GLN A 106 -8.14 7.45 6.05
CA GLN A 106 -9.54 7.80 6.23
C GLN A 106 -10.44 6.60 5.95
N ILE A 107 -9.98 5.70 5.07
CA ILE A 107 -10.74 4.53 4.72
C ILE A 107 -10.65 3.45 5.81
N ILE A 108 -9.43 3.14 6.23
CA ILE A 108 -9.23 2.15 7.28
C ILE A 108 -9.99 2.56 8.51
N SER A 109 -9.63 3.72 9.02
CA SER A 109 -10.28 4.28 10.20
C SER A 109 -11.79 4.28 10.02
N ARG A 110 -12.24 4.38 8.77
CA ARG A 110 -13.65 4.39 8.45
C ARG A 110 -14.29 3.05 8.81
N TYR A 111 -13.56 1.98 8.52
CA TYR A 111 -14.04 0.64 8.80
C TYR A 111 -13.71 0.24 10.24
N LYS A 112 -12.61 0.78 10.76
CA LYS A 112 -12.18 0.51 12.12
C LYS A 112 -13.22 1.01 13.12
N ASP A 113 -13.68 2.23 12.89
CA ASP A 113 -14.68 2.85 13.77
C ASP A 113 -15.96 2.01 13.81
N ALA A 114 -16.31 1.44 12.67
CA ALA A 114 -17.52 0.61 12.58
C ALA A 114 -17.41 -0.62 13.47
N ASP A 115 -16.20 -1.14 13.60
CA ASP A 115 -15.96 -2.32 14.42
C ASP A 115 -15.16 -1.96 15.67
N LEU B 26 17.27 -7.22 -2.69
CA LEU B 26 17.02 -8.64 -3.04
C LEU B 26 15.90 -9.23 -2.18
N SER B 27 15.82 -8.78 -0.93
CA SER B 27 14.81 -9.26 -0.01
C SER B 27 13.94 -8.10 0.50
N PRO B 28 12.74 -8.42 1.04
CA PRO B 28 11.82 -7.40 1.56
C PRO B 28 12.50 -6.46 2.55
N ASP B 29 13.33 -7.04 3.41
CA ASP B 29 14.04 -6.25 4.42
C ASP B 29 14.87 -5.14 3.77
N ASP B 30 15.30 -5.39 2.53
CA ASP B 30 16.10 -4.43 1.80
C ASP B 30 15.30 -3.14 1.54
N ILE B 31 14.08 -3.32 1.07
CA ILE B 31 13.21 -2.18 0.78
C ILE B 31 12.79 -1.48 2.06
N GLU B 32 12.74 -2.22 3.15
CA GLU B 32 12.36 -1.68 4.44
C GLU B 32 13.38 -0.67 4.94
N GLN B 33 14.64 -0.89 4.59
CA GLN B 33 15.71 0.01 4.99
C GLN B 33 15.49 1.41 4.45
N TRP B 34 14.84 1.50 3.29
CA TRP B 34 14.54 2.77 2.67
C TRP B 34 13.78 3.69 3.62
N PHE B 35 12.95 3.08 4.47
CA PHE B 35 12.16 3.83 5.43
C PHE B 35 12.98 4.17 6.67
N THR B 36 13.97 3.33 6.97
CA THR B 36 14.83 3.53 8.12
C THR B 36 15.87 4.62 7.83
N GLU B 37 16.49 4.54 6.66
CA GLU B 37 17.50 5.51 6.25
C GLU B 37 18.49 5.79 7.38
N ASP B 38 19.27 6.86 7.22
CA ASP B 38 20.26 7.24 8.22
C ASP B 38 20.29 8.76 8.39
N PRO B 39 20.39 9.25 9.65
CA PRO B 39 20.44 10.68 9.93
C PRO B 39 21.74 11.32 9.47
N PRO A 1 -5.23 17.57 -4.47
CA PRO A 1 -5.68 16.18 -4.65
C PRO A 1 -6.41 15.65 -3.41
N SER A 2 -6.81 14.39 -3.46
CA SER A 2 -7.52 13.77 -2.36
C SER A 2 -7.82 12.30 -2.64
N HIS A 3 -8.17 12.01 -3.88
CA HIS A 3 -8.49 10.65 -4.29
C HIS A 3 -7.82 10.31 -5.62
N SER A 4 -6.63 10.84 -5.82
CA SER A 4 -5.85 10.60 -7.03
C SER A 4 -4.51 11.30 -6.98
N GLY A 5 -3.44 10.52 -6.95
CA GLY A 5 -2.11 11.08 -6.91
C GLY A 5 -1.11 10.24 -7.67
N ALA A 6 -0.59 10.79 -8.76
CA ALA A 6 0.38 10.09 -9.61
C ALA A 6 1.27 9.16 -8.77
N ALA A 7 1.25 7.88 -9.08
CA ALA A 7 2.03 6.90 -8.33
C ALA A 7 2.73 5.89 -9.25
N ILE A 8 3.88 5.39 -8.81
CA ILE A 8 4.64 4.41 -9.59
C ILE A 8 4.35 3.01 -9.07
N PHE A 9 3.90 2.15 -9.96
CA PHE A 9 3.61 0.76 -9.60
C PHE A 9 4.53 -0.20 -10.32
N GLU A 10 5.13 -1.12 -9.56
CA GLU A 10 6.03 -2.11 -10.15
C GLU A 10 7.19 -1.42 -10.86
N LYS A 11 7.61 -0.27 -10.34
CA LYS A 11 8.71 0.48 -10.94
C LYS A 11 8.20 1.21 -12.18
N VAL A 12 6.91 1.06 -12.47
CA VAL A 12 6.30 1.71 -13.61
C VAL A 12 5.55 2.92 -13.15
N SER A 13 5.47 3.91 -14.01
CA SER A 13 4.77 5.13 -13.65
C SER A 13 3.30 5.05 -14.00
N GLY A 14 2.49 5.69 -13.17
CA GLY A 14 1.07 5.69 -13.37
C GLY A 14 0.36 6.57 -12.36
N ILE A 15 -0.94 6.63 -12.44
CA ILE A 15 -1.73 7.43 -11.54
C ILE A 15 -2.45 6.54 -10.55
N ILE A 16 -2.44 6.95 -9.30
CA ILE A 16 -3.12 6.19 -8.28
C ILE A 16 -4.37 6.95 -7.87
N ALA A 17 -5.52 6.33 -8.09
CA ALA A 17 -6.78 6.98 -7.80
C ALA A 17 -7.62 6.14 -6.85
N ILE A 18 -8.03 6.76 -5.75
CA ILE A 18 -8.84 6.10 -4.74
C ILE A 18 -10.33 6.36 -4.97
N ASN A 19 -11.14 5.33 -4.77
CA ASN A 19 -12.58 5.45 -4.96
C ASN A 19 -13.34 4.88 -3.77
N GLU A 20 -14.04 5.75 -3.05
CA GLU A 20 -14.80 5.33 -1.89
C GLU A 20 -16.24 4.99 -2.28
N ASP A 21 -16.53 5.00 -3.57
CA ASP A 21 -17.86 4.67 -4.06
C ASP A 21 -18.06 3.16 -4.08
N VAL A 22 -16.96 2.42 -4.02
CA VAL A 22 -17.01 0.97 -4.03
C VAL A 22 -16.87 0.42 -2.61
N SER A 23 -17.58 -0.67 -2.33
CA SER A 23 -17.52 -1.28 -1.02
C SER A 23 -17.02 -2.73 -1.11
N PRO A 24 -15.85 -3.02 -0.50
CA PRO A 24 -15.06 -2.03 0.24
C PRO A 24 -14.27 -1.11 -0.69
N ALA A 25 -14.07 0.13 -0.26
CA ALA A 25 -13.33 1.11 -1.06
C ALA A 25 -12.02 0.49 -1.57
N GLU A 26 -11.69 0.81 -2.82
CA GLU A 26 -10.48 0.27 -3.43
C GLU A 26 -9.65 1.36 -4.09
N LEU A 27 -8.41 1.02 -4.42
CA LEU A 27 -7.50 1.95 -5.07
C LEU A 27 -7.06 1.39 -6.42
N THR A 28 -7.18 2.19 -7.47
CA THR A 28 -6.81 1.75 -8.80
C THR A 28 -5.65 2.56 -9.37
N TRP A 29 -4.61 1.86 -9.81
CA TRP A 29 -3.45 2.48 -10.39
C TRP A 29 -3.50 2.41 -11.91
N ARG A 30 -3.39 3.55 -12.56
CA ARG A 30 -3.44 3.60 -14.02
C ARG A 30 -2.16 4.21 -14.57
N SER A 31 -1.40 3.43 -15.33
CA SER A 31 -0.14 3.91 -15.92
C SER A 31 -0.31 5.30 -16.51
N THR A 32 0.78 6.02 -16.64
CA THR A 32 0.75 7.37 -17.19
C THR A 32 0.35 7.30 -18.65
N ASP A 33 0.89 6.28 -19.31
CA ASP A 33 0.61 6.06 -20.71
C ASP A 33 -0.64 5.20 -20.90
N GLY A 34 -1.02 4.47 -19.84
CA GLY A 34 -2.18 3.61 -19.91
C GLY A 34 -1.86 2.23 -20.44
N ASP A 35 -0.66 1.74 -20.13
CA ASP A 35 -0.24 0.43 -20.58
C ASP A 35 -0.45 -0.63 -19.50
N LYS A 36 -0.52 -0.20 -18.25
CA LYS A 36 -0.72 -1.11 -17.13
C LYS A 36 -1.74 -0.56 -16.13
N VAL A 37 -2.52 -1.45 -15.54
CA VAL A 37 -3.54 -1.06 -14.57
C VAL A 37 -3.58 -2.04 -13.39
N HIS A 38 -3.74 -1.50 -12.19
CA HIS A 38 -3.80 -2.32 -10.99
C HIS A 38 -4.87 -1.82 -10.03
N THR A 39 -5.49 -2.74 -9.32
CA THR A 39 -6.54 -2.40 -8.35
C THR A 39 -6.27 -3.05 -7.00
N VAL A 40 -6.49 -2.30 -5.92
CA VAL A 40 -6.26 -2.82 -4.58
C VAL A 40 -7.43 -2.52 -3.65
N VAL A 41 -7.77 -3.49 -2.81
CA VAL A 41 -8.83 -3.32 -1.83
C VAL A 41 -8.27 -2.69 -0.57
N LEU A 42 -8.76 -1.51 -0.22
CA LEU A 42 -8.28 -0.79 0.95
C LEU A 42 -8.79 -1.39 2.26
N SER A 43 -9.99 -1.96 2.23
CA SER A 43 -10.58 -2.56 3.42
C SER A 43 -9.65 -3.58 4.08
N THR A 44 -8.76 -4.15 3.28
CA THR A 44 -7.82 -5.15 3.79
C THR A 44 -6.52 -4.50 4.23
N ILE A 45 -6.24 -3.32 3.71
CA ILE A 45 -5.02 -2.60 4.06
C ILE A 45 -4.93 -2.39 5.56
N ASP A 46 -4.27 -3.33 6.24
CA ASP A 46 -4.11 -3.28 7.67
C ASP A 46 -3.28 -2.07 8.09
N LYS A 47 -2.37 -1.63 7.21
CA LYS A 47 -1.53 -0.47 7.52
C LYS A 47 -1.06 0.23 6.25
N LEU A 48 -0.71 1.50 6.40
CA LEU A 48 -0.23 2.30 5.28
C LEU A 48 1.11 2.96 5.66
N GLN A 49 2.11 2.77 4.82
CA GLN A 49 3.43 3.34 5.09
C GLN A 49 3.83 4.37 4.03
N ALA A 50 4.47 5.45 4.49
CA ALA A 50 4.91 6.51 3.60
C ALA A 50 6.19 7.15 4.12
N THR A 51 7.14 7.37 3.22
CA THR A 51 8.42 7.97 3.60
C THR A 51 8.26 9.47 3.82
N PRO A 52 8.78 9.98 4.95
CA PRO A 52 8.70 11.42 5.28
C PRO A 52 9.55 12.27 4.36
N ALA A 53 9.24 13.58 4.31
CA ALA A 53 9.98 14.51 3.47
C ALA A 53 11.47 14.47 3.78
N SER A 54 11.79 14.40 5.08
CA SER A 54 13.19 14.35 5.51
C SER A 54 13.89 13.12 4.96
N SER A 55 13.11 12.07 4.72
CA SER A 55 13.63 10.82 4.20
C SER A 55 13.96 10.93 2.72
N GLU A 56 15.21 10.69 2.38
CA GLU A 56 15.65 10.75 0.99
C GLU A 56 14.82 9.82 0.13
N LYS A 57 14.14 8.86 0.79
CA LYS A 57 13.30 7.91 0.08
C LYS A 57 11.99 8.55 -0.35
N MET A 58 11.38 8.01 -1.39
CA MET A 58 10.11 8.53 -1.89
C MET A 58 9.21 7.40 -2.38
N MET A 59 8.54 6.74 -1.44
CA MET A 59 7.65 5.63 -1.78
C MET A 59 6.57 5.42 -0.71
N LEU A 60 5.58 4.60 -1.02
CA LEU A 60 4.49 4.30 -0.10
C LEU A 60 4.26 2.79 -0.04
N ARG A 61 4.33 2.22 1.16
CA ARG A 61 4.14 0.78 1.33
C ARG A 61 2.79 0.45 1.97
N LEU A 62 1.99 -0.34 1.27
CA LEU A 62 0.69 -0.76 1.79
C LEU A 62 0.76 -2.19 2.30
N ILE A 63 0.18 -2.43 3.47
CA ILE A 63 0.19 -3.76 4.06
C ILE A 63 -1.14 -4.47 3.82
N GLY A 64 -1.09 -5.79 3.74
CA GLY A 64 -2.30 -6.56 3.52
C GLY A 64 -2.62 -7.47 4.70
N LYS A 65 -3.88 -7.48 5.10
CA LYS A 65 -4.31 -8.31 6.23
C LYS A 65 -3.92 -9.76 6.02
N VAL A 66 -3.47 -10.42 7.08
CA VAL A 66 -3.05 -11.81 7.01
C VAL A 66 -4.00 -12.70 7.83
N ASP A 67 -3.53 -13.90 8.14
CA ASP A 67 -4.32 -14.86 8.92
C ASP A 67 -3.49 -16.12 9.19
N GLU A 68 -2.47 -15.97 10.00
CA GLU A 68 -1.58 -17.08 10.35
C GLU A 68 -2.36 -18.23 10.99
N SER A 69 -3.53 -17.91 11.53
CA SER A 69 -4.37 -18.91 12.16
C SER A 69 -4.74 -20.03 11.19
N LYS A 70 -4.59 -19.76 9.89
CA LYS A 70 -4.90 -20.75 8.87
C LYS A 70 -4.02 -21.99 8.99
N LYS A 71 -2.73 -21.75 9.21
CA LYS A 71 -1.77 -22.86 9.36
C LYS A 71 -1.74 -23.70 8.09
N ARG A 72 -0.82 -23.38 7.19
CA ARG A 72 -0.69 -24.11 5.94
C ARG A 72 0.55 -24.99 5.95
N LYS A 73 0.51 -26.10 5.22
CA LYS A 73 1.62 -27.03 5.15
C LYS A 73 2.47 -26.77 3.90
N ASP A 74 3.76 -27.04 4.02
CA ASP A 74 4.68 -26.83 2.90
C ASP A 74 4.91 -28.13 2.13
N ASN A 75 5.60 -28.02 1.01
CA ASN A 75 5.88 -29.19 0.17
C ASN A 75 6.69 -30.23 0.93
N GLU A 76 7.35 -29.80 2.00
CA GLU A 76 8.16 -30.71 2.82
C GLU A 76 7.31 -31.40 3.89
N GLY A 77 6.00 -31.18 3.84
CA GLY A 77 5.11 -31.80 4.83
C GLY A 77 5.18 -31.11 6.18
N ASN A 78 5.73 -29.90 6.21
CA ASN A 78 5.84 -29.15 7.45
C ASN A 78 4.93 -27.92 7.43
N GLU A 79 4.38 -27.58 8.59
CA GLU A 79 3.49 -26.43 8.70
C GLU A 79 4.28 -25.12 8.64
N VAL A 80 3.67 -24.10 8.04
CA VAL A 80 4.32 -22.80 7.91
C VAL A 80 3.39 -21.69 8.38
N VAL A 81 3.98 -20.55 8.72
CA VAL A 81 3.21 -19.39 9.15
C VAL A 81 3.10 -18.39 8.01
N PRO A 82 1.96 -18.39 7.28
CA PRO A 82 1.76 -17.49 6.15
C PRO A 82 2.19 -16.05 6.46
N LYS A 83 2.70 -15.38 5.44
CA LYS A 83 3.15 -14.00 5.60
C LYS A 83 2.12 -13.02 5.06
N PRO A 84 2.05 -11.83 5.66
CA PRO A 84 1.09 -10.79 5.28
C PRO A 84 1.44 -10.12 3.95
N GLN A 85 0.42 -9.66 3.24
CA GLN A 85 0.62 -9.01 1.95
C GLN A 85 1.27 -7.63 2.15
N ARG A 86 1.98 -7.17 1.12
CA ARG A 86 2.64 -5.87 1.18
C ARG A 86 2.88 -5.33 -0.23
N HIS A 87 2.31 -4.17 -0.52
CA HIS A 87 2.47 -3.53 -1.82
C HIS A 87 3.52 -2.43 -1.76
N MET A 88 4.11 -2.11 -2.90
CA MET A 88 5.14 -1.07 -2.97
C MET A 88 4.84 -0.08 -4.07
N PHE A 89 4.78 1.21 -3.71
CA PHE A 89 4.51 2.27 -4.67
C PHE A 89 5.53 3.39 -4.51
N SER A 90 5.87 4.03 -5.63
CA SER A 90 6.84 5.13 -5.62
C SER A 90 6.20 6.42 -6.12
N PHE A 91 6.44 7.51 -5.39
CA PHE A 91 5.90 8.81 -5.76
C PHE A 91 7.01 9.84 -5.85
N ASN A 92 6.96 10.66 -6.90
CA ASN A 92 7.96 11.71 -7.09
C ASN A 92 7.47 13.05 -6.56
N ASN A 93 6.50 13.01 -5.66
CA ASN A 93 5.94 14.22 -5.07
C ASN A 93 5.57 13.99 -3.61
N ARG A 94 6.36 14.56 -2.70
CA ARG A 94 6.12 14.42 -1.27
C ARG A 94 4.69 14.79 -0.92
N THR A 95 4.12 15.69 -1.71
CA THR A 95 2.77 16.16 -1.50
C THR A 95 1.75 15.13 -1.98
N VAL A 96 1.87 14.74 -3.24
CA VAL A 96 0.96 13.76 -3.83
C VAL A 96 0.90 12.49 -2.98
N MET A 97 2.07 12.00 -2.61
CA MET A 97 2.15 10.80 -1.78
C MET A 97 1.49 11.03 -0.43
N ASP A 98 1.63 12.25 0.08
CA ASP A 98 1.03 12.61 1.36
C ASP A 98 -0.49 12.58 1.27
N ASN A 99 -1.00 12.93 0.10
CA ASN A 99 -2.44 12.93 -0.13
C ASN A 99 -2.99 11.51 -0.07
N ILE A 100 -2.24 10.58 -0.66
CA ILE A 100 -2.64 9.18 -0.67
C ILE A 100 -2.61 8.60 0.74
N LYS A 101 -1.51 8.84 1.44
CA LYS A 101 -1.35 8.37 2.81
C LYS A 101 -2.34 9.05 3.75
N MET A 102 -2.73 10.27 3.37
CA MET A 102 -3.67 11.05 4.17
C MET A 102 -5.10 10.58 3.91
N THR A 103 -5.39 10.25 2.67
CA THR A 103 -6.72 9.78 2.30
C THR A 103 -6.87 8.30 2.65
N LEU A 104 -5.78 7.55 2.55
CA LEU A 104 -5.79 6.13 2.86
C LEU A 104 -6.09 5.91 4.34
N GLN A 105 -5.52 6.75 5.18
CA GLN A 105 -5.72 6.64 6.62
C GLN A 105 -7.19 6.85 6.98
N GLN A 106 -7.89 7.61 6.14
CA GLN A 106 -9.30 7.89 6.36
C GLN A 106 -10.14 6.63 6.14
N ILE A 107 -9.84 5.90 5.08
CA ILE A 107 -10.58 4.67 4.77
C ILE A 107 -10.43 3.64 5.87
N ILE A 108 -9.21 3.42 6.32
CA ILE A 108 -8.97 2.46 7.39
C ILE A 108 -9.78 2.84 8.60
N SER A 109 -9.51 4.04 9.09
CA SER A 109 -10.20 4.59 10.25
C SER A 109 -11.71 4.45 10.11
N ARG A 110 -12.20 4.45 8.88
CA ARG A 110 -13.62 4.30 8.62
C ARG A 110 -14.10 2.91 8.97
N TYR A 111 -13.23 1.93 8.78
CA TYR A 111 -13.56 0.54 9.07
C TYR A 111 -13.20 0.19 10.51
N LYS A 112 -12.19 0.87 11.06
CA LYS A 112 -11.77 0.63 12.42
C LYS A 112 -12.85 1.07 13.41
N ASP A 113 -13.51 2.18 13.09
CA ASP A 113 -14.58 2.71 13.94
C ASP A 113 -15.73 1.71 14.05
N ALA A 114 -16.02 1.04 12.95
CA ALA A 114 -17.11 0.05 12.92
C ALA A 114 -16.82 -1.11 13.85
N ASP A 115 -15.53 -1.46 13.99
CA ASP A 115 -15.13 -2.56 14.86
C ASP A 115 -14.46 -2.03 16.11
N LEU B 26 17.29 -7.51 -5.10
CA LEU B 26 16.97 -7.34 -3.65
C LEU B 26 15.70 -8.10 -3.27
N SER B 27 15.29 -7.95 -2.02
CA SER B 27 14.09 -8.62 -1.52
C SER B 27 13.12 -7.61 -0.91
N PRO B 28 11.83 -7.97 -0.83
CA PRO B 28 10.80 -7.09 -0.26
C PRO B 28 11.18 -6.58 1.12
N ASP B 29 11.77 -7.45 1.94
CA ASP B 29 12.19 -7.08 3.28
C ASP B 29 13.18 -5.92 3.24
N ASP B 30 13.92 -5.81 2.14
CA ASP B 30 14.90 -4.75 1.99
C ASP B 30 14.22 -3.38 1.96
N ILE B 31 13.12 -3.29 1.24
CA ILE B 31 12.38 -2.05 1.11
C ILE B 31 11.75 -1.64 2.45
N GLU B 32 11.53 -2.63 3.31
CA GLU B 32 10.94 -2.39 4.62
C GLU B 32 11.85 -1.50 5.47
N GLN B 33 13.16 -1.67 5.30
CA GLN B 33 14.14 -0.89 6.05
C GLN B 33 14.13 0.57 5.60
N TRP B 34 13.82 0.79 4.33
CA TRP B 34 13.77 2.14 3.78
C TRP B 34 12.83 3.03 4.58
N PHE B 35 11.78 2.42 5.13
CA PHE B 35 10.80 3.15 5.93
C PHE B 35 11.22 3.19 7.40
N THR B 36 12.00 2.21 7.82
CA THR B 36 12.46 2.13 9.20
C THR B 36 13.58 3.15 9.45
N GLU B 37 14.38 3.41 8.44
CA GLU B 37 15.48 4.36 8.55
C GLU B 37 14.96 5.80 8.53
N ASP B 38 15.49 6.62 9.42
CA ASP B 38 15.08 8.02 9.51
C ASP B 38 16.25 8.91 9.93
N PRO B 39 16.14 10.22 9.70
CA PRO B 39 17.19 11.18 10.06
C PRO B 39 17.61 11.05 11.52
N PRO A 1 -4.86 15.85 -6.09
CA PRO A 1 -4.71 15.61 -4.65
C PRO A 1 -5.96 14.99 -4.04
N SER A 2 -5.78 14.28 -2.92
CA SER A 2 -6.90 13.64 -2.24
C SER A 2 -7.58 12.61 -3.14
N HIS A 3 -7.49 11.34 -2.75
CA HIS A 3 -8.09 10.26 -3.53
C HIS A 3 -7.43 10.13 -4.90
N SER A 4 -6.15 10.45 -4.93
CA SER A 4 -5.37 10.37 -6.17
C SER A 4 -3.94 10.83 -5.93
N GLY A 5 -3.05 10.47 -6.83
CA GLY A 5 -1.67 10.86 -6.71
C GLY A 5 -0.76 10.02 -7.58
N ALA A 6 -0.12 10.68 -8.53
CA ALA A 6 0.79 10.01 -9.45
C ALA A 6 1.75 9.08 -8.70
N ALA A 7 1.46 7.78 -8.78
CA ALA A 7 2.28 6.78 -8.09
C ALA A 7 2.91 5.79 -9.08
N ILE A 8 4.05 5.23 -8.70
CA ILE A 8 4.73 4.26 -9.55
C ILE A 8 4.44 2.84 -9.08
N PHE A 9 3.94 2.03 -9.99
CA PHE A 9 3.61 0.64 -9.66
C PHE A 9 4.52 -0.33 -10.41
N GLU A 10 5.11 -1.27 -9.67
CA GLU A 10 6.00 -2.25 -10.26
C GLU A 10 7.16 -1.58 -10.99
N LYS A 11 7.61 -0.45 -10.45
CA LYS A 11 8.70 0.31 -11.06
C LYS A 11 8.20 1.07 -12.28
N VAL A 12 6.90 0.95 -12.56
CA VAL A 12 6.30 1.64 -13.68
C VAL A 12 5.59 2.87 -13.19
N SER A 13 5.41 3.84 -14.06
CA SER A 13 4.77 5.07 -13.68
C SER A 13 3.29 5.10 -14.06
N GLY A 14 2.52 5.81 -13.24
CA GLY A 14 1.10 5.95 -13.46
C GLY A 14 0.47 6.70 -12.31
N ILE A 15 -0.84 6.91 -12.35
CA ILE A 15 -1.50 7.62 -11.27
C ILE A 15 -2.30 6.66 -10.42
N ILE A 16 -2.28 6.90 -9.13
CA ILE A 16 -3.00 6.07 -8.19
C ILE A 16 -4.21 6.85 -7.69
N ALA A 17 -5.39 6.31 -7.97
CA ALA A 17 -6.63 6.97 -7.57
C ALA A 17 -7.46 6.10 -6.66
N ILE A 18 -7.91 6.68 -5.55
CA ILE A 18 -8.71 5.98 -4.57
C ILE A 18 -10.18 6.41 -4.64
N ASN A 19 -11.07 5.44 -4.53
CA ASN A 19 -12.51 5.71 -4.59
C ASN A 19 -13.24 5.04 -3.44
N GLU A 20 -13.85 5.85 -2.57
CA GLU A 20 -14.59 5.33 -1.43
C GLU A 20 -16.08 5.16 -1.77
N ASP A 21 -16.43 5.41 -3.02
CA ASP A 21 -17.82 5.28 -3.46
C ASP A 21 -18.15 3.83 -3.70
N VAL A 22 -17.12 3.00 -3.84
CA VAL A 22 -17.30 1.58 -4.08
C VAL A 22 -17.15 0.78 -2.78
N SER A 23 -17.98 -0.24 -2.61
CA SER A 23 -17.93 -1.07 -1.42
C SER A 23 -17.50 -2.50 -1.77
N PRO A 24 -16.33 -2.96 -1.26
CA PRO A 24 -15.46 -2.17 -0.39
C PRO A 24 -14.58 -1.22 -1.19
N ALA A 25 -14.35 -0.02 -0.64
CA ALA A 25 -13.51 0.98 -1.31
C ALA A 25 -12.24 0.35 -1.85
N GLU A 26 -11.80 0.80 -3.03
CA GLU A 26 -10.60 0.26 -3.64
C GLU A 26 -9.74 1.37 -4.24
N LEU A 27 -8.51 1.00 -4.59
CA LEU A 27 -7.56 1.94 -5.18
C LEU A 27 -7.11 1.44 -6.54
N THR A 28 -7.19 2.30 -7.55
CA THR A 28 -6.82 1.91 -8.90
C THR A 28 -5.65 2.72 -9.43
N TRP A 29 -4.61 2.02 -9.88
CA TRP A 29 -3.42 2.63 -10.44
C TRP A 29 -3.48 2.59 -11.96
N ARG A 30 -3.27 3.73 -12.59
CA ARG A 30 -3.29 3.80 -14.06
C ARG A 30 -2.00 4.39 -14.60
N SER A 31 -1.27 3.59 -15.37
CA SER A 31 0.00 4.02 -15.96
C SER A 31 -0.14 5.40 -16.58
N THR A 32 0.98 6.01 -16.93
CA THR A 32 1.00 7.32 -17.55
C THR A 32 0.53 7.21 -18.99
N ASP A 33 1.02 6.17 -19.64
CA ASP A 33 0.66 5.92 -21.02
C ASP A 33 -0.65 5.13 -21.13
N GLY A 34 -1.00 4.46 -20.03
CA GLY A 34 -2.22 3.67 -20.02
C GLY A 34 -2.00 2.26 -20.51
N ASP A 35 -0.82 1.71 -20.22
CA ASP A 35 -0.49 0.35 -20.64
C ASP A 35 -0.64 -0.64 -19.48
N LYS A 36 -0.56 -0.13 -18.27
CA LYS A 36 -0.69 -0.98 -17.08
C LYS A 36 -1.71 -0.40 -16.10
N VAL A 37 -2.57 -1.27 -15.57
CA VAL A 37 -3.58 -0.85 -14.62
C VAL A 37 -3.73 -1.86 -13.48
N HIS A 38 -3.69 -1.36 -12.24
CA HIS A 38 -3.82 -2.23 -11.08
C HIS A 38 -4.89 -1.70 -10.12
N THR A 39 -5.57 -2.63 -9.47
CA THR A 39 -6.63 -2.28 -8.52
C THR A 39 -6.42 -3.00 -7.19
N VAL A 40 -6.57 -2.25 -6.09
CA VAL A 40 -6.41 -2.83 -4.76
C VAL A 40 -7.62 -2.56 -3.89
N VAL A 41 -7.99 -3.55 -3.09
CA VAL A 41 -9.10 -3.43 -2.18
C VAL A 41 -8.61 -2.79 -0.88
N LEU A 42 -9.14 -1.62 -0.56
CA LEU A 42 -8.73 -0.89 0.64
C LEU A 42 -9.33 -1.51 1.91
N SER A 43 -10.50 -2.12 1.77
CA SER A 43 -11.18 -2.73 2.92
C SER A 43 -10.30 -3.76 3.61
N THR A 44 -9.31 -4.28 2.90
CA THR A 44 -8.41 -5.28 3.48
C THR A 44 -7.13 -4.65 3.98
N ILE A 45 -6.81 -3.46 3.47
CA ILE A 45 -5.60 -2.76 3.88
C ILE A 45 -5.59 -2.55 5.39
N ASP A 46 -5.01 -3.49 6.11
CA ASP A 46 -4.93 -3.43 7.57
C ASP A 46 -3.95 -2.35 8.02
N LYS A 47 -2.95 -2.06 7.19
CA LYS A 47 -1.95 -1.07 7.54
C LYS A 47 -1.49 -0.28 6.31
N LEU A 48 -1.06 0.95 6.55
CA LEU A 48 -0.57 1.81 5.48
C LEU A 48 0.75 2.45 5.90
N GLN A 49 1.74 2.39 5.02
CA GLN A 49 3.05 2.96 5.30
C GLN A 49 3.46 3.93 4.20
N ALA A 50 4.15 5.00 4.59
CA ALA A 50 4.61 6.00 3.64
C ALA A 50 5.96 6.57 4.07
N THR A 51 6.79 6.90 3.09
CA THR A 51 8.11 7.47 3.38
C THR A 51 7.98 8.94 3.80
N PRO A 52 8.58 9.32 4.94
CA PRO A 52 8.52 10.69 5.46
C PRO A 52 9.16 11.69 4.50
N ALA A 53 8.70 12.94 4.58
CA ALA A 53 9.22 14.01 3.73
C ALA A 53 10.70 14.24 3.97
N SER A 54 11.10 14.20 5.24
CA SER A 54 12.49 14.41 5.61
C SER A 54 13.39 13.38 4.96
N SER A 55 12.82 12.21 4.67
CA SER A 55 13.56 11.13 4.04
C SER A 55 13.54 11.29 2.52
N GLU A 56 14.72 11.45 1.95
CA GLU A 56 14.84 11.59 0.50
C GLU A 56 14.23 10.40 -0.21
N LYS A 57 14.06 9.30 0.53
CA LYS A 57 13.48 8.08 -0.02
C LYS A 57 11.98 8.26 -0.28
N MET A 58 11.57 8.02 -1.52
CA MET A 58 10.17 8.14 -1.90
C MET A 58 9.53 6.77 -2.05
N MET A 59 8.51 6.49 -1.25
CA MET A 59 7.83 5.19 -1.31
C MET A 59 6.63 5.13 -0.38
N LEU A 60 5.76 4.17 -0.64
CA LEU A 60 4.55 3.97 0.16
C LEU A 60 4.11 2.51 0.07
N ARG A 61 3.99 1.85 1.23
CA ARG A 61 3.62 0.44 1.25
C ARG A 61 2.29 0.21 1.99
N LEU A 62 1.45 -0.65 1.42
CA LEU A 62 0.15 -0.98 2.01
C LEU A 62 0.14 -2.43 2.49
N ILE A 63 -0.39 -2.66 3.68
CA ILE A 63 -0.45 -4.02 4.23
C ILE A 63 -1.86 -4.59 4.12
N GLY A 64 -1.94 -5.83 3.65
CA GLY A 64 -3.22 -6.50 3.51
C GLY A 64 -3.49 -7.47 4.64
N LYS A 65 -4.70 -7.41 5.20
CA LYS A 65 -5.08 -8.31 6.29
C LYS A 65 -4.64 -9.74 6.03
N VAL A 66 -4.11 -10.40 7.06
CA VAL A 66 -3.64 -11.77 6.94
C VAL A 66 -4.61 -12.74 7.59
N ASP A 67 -4.13 -13.95 7.87
CA ASP A 67 -4.95 -14.98 8.50
C ASP A 67 -4.08 -16.20 8.83
N GLU A 68 -3.19 -16.02 9.80
CA GLU A 68 -2.30 -17.10 10.22
C GLU A 68 -3.07 -18.35 10.62
N SER A 69 -4.33 -18.16 11.00
CA SER A 69 -5.18 -19.27 11.40
C SER A 69 -5.30 -20.31 10.29
N LYS A 70 -4.96 -19.90 9.07
CA LYS A 70 -5.02 -20.81 7.93
C LYS A 70 -3.93 -21.87 8.02
N LYS A 71 -2.73 -21.45 8.40
CA LYS A 71 -1.60 -22.37 8.52
C LYS A 71 -1.29 -23.03 7.19
N ARG A 72 -0.38 -22.43 6.43
CA ARG A 72 0.00 -22.97 5.12
C ARG A 72 1.21 -23.89 5.25
N LYS A 73 1.17 -25.01 4.54
CA LYS A 73 2.26 -25.97 4.58
C LYS A 73 3.30 -25.65 3.52
N ASP A 74 4.56 -25.91 3.85
CA ASP A 74 5.67 -25.65 2.93
C ASP A 74 6.00 -26.89 2.11
N ASN A 75 6.87 -26.73 1.12
CA ASN A 75 7.28 -27.83 0.26
C ASN A 75 7.92 -28.96 1.07
N GLU A 76 8.38 -28.63 2.28
CA GLU A 76 9.01 -29.62 3.15
C GLU A 76 7.97 -30.36 3.99
N GLY A 77 6.70 -30.06 3.77
CA GLY A 77 5.64 -30.70 4.52
C GLY A 77 5.47 -30.11 5.91
N ASN A 78 6.06 -28.94 6.13
CA ASN A 78 5.95 -28.28 7.42
C ASN A 78 5.09 -27.02 7.33
N GLU A 79 4.34 -26.75 8.38
CA GLU A 79 3.46 -25.58 8.43
C GLU A 79 4.27 -24.29 8.53
N VAL A 80 3.75 -23.24 7.93
CA VAL A 80 4.41 -21.94 7.95
C VAL A 80 3.41 -20.80 8.13
N VAL A 81 3.88 -19.66 8.60
CA VAL A 81 3.02 -18.50 8.77
C VAL A 81 2.90 -17.76 7.45
N PRO A 82 1.72 -17.79 6.81
CA PRO A 82 1.51 -17.14 5.52
C PRO A 82 2.06 -15.72 5.49
N LYS A 83 2.57 -15.33 4.33
CA LYS A 83 3.14 -14.00 4.15
C LYS A 83 2.05 -12.96 3.86
N PRO A 84 1.64 -12.20 4.89
CA PRO A 84 0.62 -11.16 4.76
C PRO A 84 0.76 -10.34 3.49
N GLN A 85 -0.36 -9.86 2.97
CA GLN A 85 -0.34 -9.06 1.75
C GLN A 85 0.39 -7.74 1.97
N ARG A 86 1.18 -7.34 0.97
CA ARG A 86 1.94 -6.10 1.06
C ARG A 86 2.15 -5.49 -0.32
N HIS A 87 1.65 -4.27 -0.51
CA HIS A 87 1.79 -3.58 -1.79
C HIS A 87 2.87 -2.51 -1.70
N MET A 88 3.61 -2.34 -2.79
CA MET A 88 4.69 -1.35 -2.84
C MET A 88 4.42 -0.29 -3.91
N PHE A 89 4.56 0.97 -3.52
CA PHE A 89 4.35 2.08 -4.45
C PHE A 89 5.41 3.16 -4.24
N SER A 90 5.82 3.79 -5.34
CA SER A 90 6.83 4.85 -5.27
C SER A 90 6.32 6.13 -5.91
N PHE A 91 6.56 7.26 -5.23
CA PHE A 91 6.13 8.55 -5.74
C PHE A 91 7.32 9.50 -5.86
N ASN A 92 7.08 10.66 -6.45
CA ASN A 92 8.14 11.66 -6.62
C ASN A 92 7.71 13.02 -6.06
N ASN A 93 6.81 12.99 -5.08
CA ASN A 93 6.32 14.20 -4.46
C ASN A 93 5.78 13.91 -3.06
N ARG A 94 6.34 14.58 -2.05
CA ARG A 94 5.90 14.38 -0.68
C ARG A 94 4.41 14.64 -0.54
N THR A 95 3.94 15.62 -1.28
CA THR A 95 2.54 15.99 -1.27
C THR A 95 1.67 14.89 -1.85
N VAL A 96 1.99 14.48 -3.08
CA VAL A 96 1.25 13.42 -3.74
C VAL A 96 1.35 12.13 -2.94
N MET A 97 2.54 11.87 -2.42
CA MET A 97 2.78 10.67 -1.63
C MET A 97 2.06 10.77 -0.29
N ASP A 98 1.98 11.99 0.26
CA ASP A 98 1.32 12.21 1.53
C ASP A 98 -0.20 12.19 1.37
N ASN A 99 -0.67 12.61 0.20
CA ASN A 99 -2.11 12.62 -0.08
C ASN A 99 -2.67 11.21 -0.02
N ILE A 100 -1.88 10.25 -0.48
CA ILE A 100 -2.29 8.85 -0.49
C ILE A 100 -2.33 8.29 0.93
N LYS A 101 -1.26 8.51 1.68
CA LYS A 101 -1.18 8.04 3.05
C LYS A 101 -2.23 8.72 3.93
N MET A 102 -2.61 9.93 3.55
CA MET A 102 -3.61 10.69 4.28
C MET A 102 -5.01 10.17 3.95
N THR A 103 -5.24 9.91 2.67
CA THR A 103 -6.52 9.41 2.22
C THR A 103 -6.73 7.96 2.67
N LEU A 104 -5.68 7.15 2.58
CA LEU A 104 -5.76 5.76 2.99
C LEU A 104 -6.12 5.65 4.46
N GLN A 105 -5.54 6.51 5.28
CA GLN A 105 -5.81 6.50 6.71
C GLN A 105 -7.27 6.80 7.00
N GLN A 106 -7.89 7.57 6.12
CA GLN A 106 -9.29 7.93 6.26
C GLN A 106 -10.20 6.72 6.06
N ILE A 107 -9.81 5.85 5.14
CA ILE A 107 -10.59 4.65 4.84
C ILE A 107 -10.50 3.64 5.98
N ILE A 108 -9.29 3.39 6.48
CA ILE A 108 -9.11 2.45 7.59
C ILE A 108 -9.95 2.90 8.76
N SER A 109 -9.63 4.09 9.24
CA SER A 109 -10.33 4.69 10.36
C SER A 109 -11.84 4.65 10.15
N ARG A 110 -12.25 4.74 8.89
CA ARG A 110 -13.66 4.70 8.55
C ARG A 110 -14.25 3.34 8.82
N TYR A 111 -13.44 2.30 8.63
CA TYR A 111 -13.87 0.93 8.85
C TYR A 111 -13.57 0.48 10.27
N LYS A 112 -12.46 0.98 10.82
CA LYS A 112 -12.05 0.64 12.17
C LYS A 112 -13.06 1.16 13.20
N ASP A 113 -13.61 2.33 12.91
CA ASP A 113 -14.58 2.95 13.80
C ASP A 113 -15.84 2.08 13.93
N ALA A 114 -16.22 1.44 12.83
CA ALA A 114 -17.39 0.57 12.82
C ALA A 114 -17.20 -0.63 13.73
N ASP A 115 -16.00 -1.23 13.68
CA ASP A 115 -15.69 -2.38 14.51
C ASP A 115 -14.82 -1.99 15.70
N LEU B 26 16.44 -6.65 -2.83
CA LEU B 26 16.57 -8.12 -2.78
C LEU B 26 15.38 -8.77 -2.10
N SER B 27 15.16 -8.41 -0.84
CA SER B 27 14.05 -8.95 -0.07
C SER B 27 13.18 -7.84 0.49
N PRO B 28 11.96 -8.17 0.94
CA PRO B 28 11.02 -7.19 1.50
C PRO B 28 11.66 -6.35 2.59
N ASP B 29 12.41 -7.00 3.48
CA ASP B 29 13.07 -6.31 4.57
C ASP B 29 14.03 -5.24 4.05
N ASP B 30 14.54 -5.47 2.85
CA ASP B 30 15.47 -4.53 2.23
C ASP B 30 14.80 -3.18 2.01
N ILE B 31 13.56 -3.21 1.53
CA ILE B 31 12.81 -1.99 1.25
C ILE B 31 12.45 -1.27 2.55
N GLU B 32 12.37 -2.03 3.64
CA GLU B 32 12.04 -1.45 4.94
C GLU B 32 13.13 -0.51 5.41
N GLN B 33 14.38 -0.81 5.06
CA GLN B 33 15.51 0.01 5.44
C GLN B 33 15.42 1.39 4.79
N TRP B 34 14.86 1.43 3.58
CA TRP B 34 14.70 2.68 2.84
C TRP B 34 13.90 3.69 3.66
N PHE B 35 12.85 3.22 4.31
CA PHE B 35 12.01 4.09 5.14
C PHE B 35 12.76 4.57 6.37
N THR B 36 13.71 3.77 6.83
CA THR B 36 14.50 4.11 8.00
C THR B 36 15.63 5.08 7.63
N GLU B 37 16.23 4.87 6.46
CA GLU B 37 17.32 5.72 6.00
C GLU B 37 16.85 7.17 5.88
N ASP B 38 17.73 8.10 6.27
CA ASP B 38 17.41 9.52 6.19
C ASP B 38 18.63 10.33 5.76
N PRO B 39 18.42 11.58 5.32
CA PRO B 39 19.51 12.46 4.88
C PRO B 39 20.40 12.90 6.03
N PRO A 1 -5.19 15.63 -5.45
CA PRO A 1 -4.65 15.66 -4.08
C PRO A 1 -5.70 15.25 -3.06
N SER A 2 -6.33 14.09 -3.29
CA SER A 2 -7.35 13.59 -2.38
C SER A 2 -7.72 12.15 -2.73
N HIS A 3 -8.22 11.94 -3.94
CA HIS A 3 -8.61 10.61 -4.39
C HIS A 3 -7.94 10.27 -5.71
N SER A 4 -6.72 10.77 -5.87
CA SER A 4 -5.93 10.51 -7.07
C SER A 4 -4.59 11.22 -7.00
N GLY A 5 -3.53 10.44 -6.98
CA GLY A 5 -2.19 11.00 -6.92
C GLY A 5 -1.19 10.15 -7.66
N ALA A 6 -0.65 10.70 -8.75
CA ALA A 6 0.33 9.98 -9.57
C ALA A 6 1.21 9.07 -8.72
N ALA A 7 1.18 7.77 -9.01
CA ALA A 7 1.96 6.80 -8.24
C ALA A 7 2.66 5.79 -9.14
N ILE A 8 3.80 5.28 -8.66
CA ILE A 8 4.56 4.29 -9.42
C ILE A 8 4.25 2.89 -8.91
N PHE A 9 3.85 2.02 -9.82
CA PHE A 9 3.52 0.64 -9.47
C PHE A 9 4.46 -0.33 -10.18
N GLU A 10 5.03 -1.25 -9.42
CA GLU A 10 5.95 -2.24 -9.97
C GLU A 10 7.13 -1.56 -10.66
N LYS A 11 7.54 -0.41 -10.11
CA LYS A 11 8.65 0.34 -10.69
C LYS A 11 8.18 1.08 -11.95
N VAL A 12 6.90 0.94 -12.26
CA VAL A 12 6.32 1.59 -13.42
C VAL A 12 5.54 2.80 -12.98
N SER A 13 5.52 3.80 -13.82
CA SER A 13 4.82 5.02 -13.48
C SER A 13 3.35 4.94 -13.87
N GLY A 14 2.53 5.58 -13.05
CA GLY A 14 1.11 5.58 -13.28
C GLY A 14 0.37 6.46 -12.29
N ILE A 15 -0.93 6.52 -12.42
CA ILE A 15 -1.74 7.32 -11.53
C ILE A 15 -2.49 6.44 -10.55
N ILE A 16 -2.49 6.84 -9.30
CA ILE A 16 -3.19 6.09 -8.28
C ILE A 16 -4.44 6.86 -7.92
N ALA A 17 -5.59 6.24 -8.15
CA ALA A 17 -6.85 6.88 -7.89
C ALA A 17 -7.71 6.06 -6.93
N ILE A 18 -8.25 6.73 -5.93
CA ILE A 18 -9.09 6.08 -4.93
C ILE A 18 -10.56 6.37 -5.18
N ASN A 19 -11.37 5.32 -5.12
CA ASN A 19 -12.81 5.46 -5.35
C ASN A 19 -13.60 4.91 -4.17
N GLU A 20 -14.31 5.80 -3.47
CA GLU A 20 -15.11 5.39 -2.32
C GLU A 20 -16.53 4.99 -2.75
N ASP A 21 -16.76 4.96 -4.05
CA ASP A 21 -18.06 4.56 -4.59
C ASP A 21 -18.23 3.05 -4.55
N VAL A 22 -17.10 2.35 -4.42
CA VAL A 22 -17.11 0.90 -4.37
C VAL A 22 -17.04 0.41 -2.93
N SER A 23 -17.70 -0.71 -2.64
CA SER A 23 -17.71 -1.27 -1.31
C SER A 23 -17.17 -2.71 -1.32
N PRO A 24 -16.03 -2.96 -0.63
CA PRO A 24 -15.29 -1.92 0.10
C PRO A 24 -14.50 -1.01 -0.83
N ALA A 25 -14.33 0.24 -0.42
CA ALA A 25 -13.58 1.22 -1.22
C ALA A 25 -12.28 0.61 -1.73
N GLU A 26 -11.97 0.88 -3.00
CA GLU A 26 -10.76 0.33 -3.60
C GLU A 26 -9.91 1.42 -4.26
N LEU A 27 -8.66 1.08 -4.53
CA LEU A 27 -7.73 2.00 -5.18
C LEU A 27 -7.23 1.40 -6.48
N THR A 28 -7.31 2.16 -7.56
CA THR A 28 -6.88 1.68 -8.86
C THR A 28 -5.69 2.47 -9.41
N TRP A 29 -4.66 1.76 -9.82
CA TRP A 29 -3.48 2.37 -10.38
C TRP A 29 -3.50 2.27 -11.90
N ARG A 30 -3.36 3.41 -12.56
CA ARG A 30 -3.37 3.45 -14.02
C ARG A 30 -2.10 4.08 -14.55
N SER A 31 -1.29 3.31 -15.27
CA SER A 31 -0.04 3.82 -15.83
C SER A 31 -0.23 5.20 -16.46
N THR A 32 0.87 5.94 -16.58
CA THR A 32 0.82 7.27 -17.16
C THR A 32 0.44 7.17 -18.62
N ASP A 33 0.98 6.16 -19.26
CA ASP A 33 0.73 5.92 -20.66
C ASP A 33 -0.55 5.09 -20.85
N GLY A 34 -0.96 4.38 -19.81
CA GLY A 34 -2.15 3.56 -19.88
C GLY A 34 -1.87 2.16 -20.40
N ASP A 35 -0.70 1.64 -20.08
CA ASP A 35 -0.31 0.31 -20.52
C ASP A 35 -0.51 -0.73 -19.41
N LYS A 36 -0.50 -0.27 -18.16
CA LYS A 36 -0.68 -1.15 -17.02
C LYS A 36 -1.75 -0.62 -16.08
N VAL A 37 -2.53 -1.52 -15.50
CA VAL A 37 -3.59 -1.14 -14.58
C VAL A 37 -3.66 -2.11 -13.39
N HIS A 38 -3.83 -1.56 -12.20
CA HIS A 38 -3.90 -2.37 -10.98
C HIS A 38 -5.01 -1.88 -10.06
N THR A 39 -5.63 -2.82 -9.36
CA THR A 39 -6.72 -2.50 -8.44
C THR A 39 -6.45 -3.09 -7.06
N VAL A 40 -6.71 -2.30 -6.02
CA VAL A 40 -6.50 -2.76 -4.64
C VAL A 40 -7.70 -2.44 -3.76
N VAL A 41 -8.02 -3.38 -2.87
CA VAL A 41 -9.11 -3.20 -1.94
C VAL A 41 -8.60 -2.50 -0.69
N LEU A 42 -9.13 -1.31 -0.42
CA LEU A 42 -8.68 -0.52 0.73
C LEU A 42 -9.16 -1.11 2.06
N SER A 43 -10.29 -1.80 2.05
CA SER A 43 -10.83 -2.40 3.26
C SER A 43 -9.83 -3.34 3.93
N THR A 44 -8.87 -3.82 3.16
CA THR A 44 -7.85 -4.73 3.68
C THR A 44 -6.66 -3.97 4.23
N ILE A 45 -6.46 -2.75 3.73
CA ILE A 45 -5.35 -1.93 4.18
C ILE A 45 -5.38 -1.72 5.69
N ASP A 46 -4.70 -2.61 6.41
CA ASP A 46 -4.66 -2.54 7.86
C ASP A 46 -3.67 -1.48 8.35
N LYS A 47 -2.67 -1.16 7.54
CA LYS A 47 -1.68 -0.16 7.91
C LYS A 47 -1.15 0.59 6.70
N LEU A 48 -0.79 1.85 6.92
CA LEU A 48 -0.26 2.69 5.85
C LEU A 48 1.18 3.08 6.14
N GLN A 49 2.07 2.78 5.21
CA GLN A 49 3.49 3.10 5.38
C GLN A 49 3.94 4.13 4.35
N ALA A 50 4.73 5.09 4.78
CA ALA A 50 5.22 6.13 3.88
C ALA A 50 6.62 6.57 4.28
N THR A 51 7.40 7.02 3.30
CA THR A 51 8.76 7.47 3.55
C THR A 51 8.76 8.85 4.22
N PRO A 52 9.51 9.02 5.31
CA PRO A 52 9.58 10.29 6.04
C PRO A 52 10.19 11.41 5.20
N ALA A 53 9.90 12.65 5.56
CA ALA A 53 10.41 13.81 4.85
C ALA A 53 11.93 13.83 4.87
N SER A 54 12.51 13.54 6.02
CA SER A 54 13.96 13.52 6.17
C SER A 54 14.59 12.52 5.22
N SER A 55 13.83 11.49 4.88
CA SER A 55 14.30 10.45 3.97
C SER A 55 14.14 10.89 2.53
N GLU A 56 15.25 10.94 1.82
CA GLU A 56 15.24 11.33 0.41
C GLU A 56 14.33 10.40 -0.39
N LYS A 57 14.03 9.24 0.19
CA LYS A 57 13.17 8.27 -0.46
C LYS A 57 11.78 8.86 -0.73
N MET A 58 11.09 8.30 -1.72
CA MET A 58 9.76 8.76 -2.08
C MET A 58 8.86 7.59 -2.48
N MET A 59 8.33 6.88 -1.49
CA MET A 59 7.46 5.74 -1.75
C MET A 59 6.39 5.58 -0.68
N LEU A 60 5.41 4.73 -0.96
CA LEU A 60 4.32 4.47 -0.03
C LEU A 60 4.02 2.97 0.02
N ARG A 61 3.98 2.41 1.22
CA ARG A 61 3.73 0.98 1.38
C ARG A 61 2.40 0.72 2.09
N LEU A 62 1.52 -0.03 1.42
CA LEU A 62 0.22 -0.38 1.98
C LEU A 62 0.27 -1.77 2.60
N ILE A 63 -0.36 -1.93 3.74
CA ILE A 63 -0.37 -3.23 4.43
C ILE A 63 -1.79 -3.80 4.50
N GLY A 64 -1.97 -4.97 3.89
CA GLY A 64 -3.28 -5.60 3.90
C GLY A 64 -3.46 -6.51 5.10
N LYS A 65 -4.71 -6.67 5.53
CA LYS A 65 -5.01 -7.52 6.68
C LYS A 65 -4.55 -8.94 6.44
N VAL A 66 -3.91 -9.54 7.45
CA VAL A 66 -3.41 -10.90 7.34
C VAL A 66 -4.54 -11.92 7.54
N ASP A 67 -4.14 -13.17 7.70
CA ASP A 67 -5.09 -14.26 7.90
C ASP A 67 -4.48 -15.34 8.80
N GLU A 68 -4.12 -14.95 10.02
CA GLU A 68 -3.52 -15.88 10.98
C GLU A 68 -4.42 -17.09 11.21
N SER A 69 -5.71 -16.92 10.94
CA SER A 69 -6.67 -18.00 11.13
C SER A 69 -6.31 -19.21 10.26
N LYS A 70 -5.46 -18.98 9.25
CA LYS A 70 -5.04 -20.06 8.36
C LYS A 70 -4.12 -21.03 9.07
N LYS A 71 -3.08 -20.50 9.72
CA LYS A 71 -2.13 -21.33 10.44
C LYS A 71 -1.38 -22.25 9.48
N ARG A 72 -0.20 -21.81 9.04
CA ARG A 72 0.61 -22.60 8.12
C ARG A 72 1.71 -23.33 8.87
N LYS A 73 2.37 -24.26 8.18
CA LYS A 73 3.45 -25.04 8.79
C LYS A 73 4.73 -24.92 7.97
N ASP A 74 5.87 -24.94 8.66
CA ASP A 74 7.17 -24.85 8.01
C ASP A 74 7.65 -26.23 7.56
N ASN A 75 8.75 -26.25 6.81
CA ASN A 75 9.31 -27.49 6.31
C ASN A 75 9.76 -28.40 7.44
N GLU A 76 9.92 -27.83 8.64
CA GLU A 76 10.35 -28.59 9.80
C GLU A 76 9.15 -29.23 10.51
N GLY A 77 7.97 -29.09 9.93
CA GLY A 77 6.77 -29.67 10.53
C GLY A 77 6.18 -28.78 11.62
N ASN A 78 6.76 -27.61 11.82
CA ASN A 78 6.26 -26.68 12.83
C ASN A 78 5.24 -25.72 12.23
N GLU A 79 4.54 -24.99 13.10
CA GLU A 79 3.53 -24.04 12.65
C GLU A 79 4.12 -22.63 12.54
N VAL A 80 3.53 -21.82 11.68
CA VAL A 80 4.01 -20.45 11.48
C VAL A 80 2.84 -19.47 11.36
N VAL A 81 3.12 -18.21 11.62
CA VAL A 81 2.11 -17.16 11.52
C VAL A 81 2.29 -16.40 10.21
N PRO A 82 1.51 -16.73 9.17
CA PRO A 82 1.61 -16.08 7.86
C PRO A 82 1.76 -14.57 7.97
N LYS A 83 2.53 -13.99 7.05
CA LYS A 83 2.76 -12.56 7.04
C LYS A 83 1.64 -11.83 6.32
N PRO A 84 1.35 -10.59 6.75
CA PRO A 84 0.28 -9.76 6.18
C PRO A 84 0.64 -9.22 4.80
N GLN A 85 -0.38 -8.78 4.07
CA GLN A 85 -0.18 -8.22 2.73
C GLN A 85 0.63 -6.94 2.79
N ARG A 86 1.48 -6.72 1.80
CA ARG A 86 2.31 -5.52 1.74
C ARG A 86 2.51 -5.06 0.30
N HIS A 87 2.07 -3.84 0.00
CA HIS A 87 2.21 -3.29 -1.34
C HIS A 87 3.28 -2.22 -1.38
N MET A 88 3.81 -1.93 -2.56
CA MET A 88 4.85 -0.92 -2.71
C MET A 88 4.51 0.05 -3.83
N PHE A 89 4.65 1.35 -3.53
CA PHE A 89 4.37 2.40 -4.51
C PHE A 89 5.41 3.50 -4.41
N SER A 90 5.75 4.10 -5.55
CA SER A 90 6.74 5.17 -5.59
C SER A 90 6.12 6.47 -6.10
N PHE A 91 6.42 7.57 -5.41
CA PHE A 91 5.89 8.87 -5.79
C PHE A 91 7.03 9.88 -5.91
N ASN A 92 6.79 10.96 -6.66
CA ASN A 92 7.79 12.00 -6.84
C ASN A 92 7.33 13.32 -6.25
N ASN A 93 6.45 13.24 -5.26
CA ASN A 93 5.92 14.43 -4.59
C ASN A 93 5.42 14.08 -3.20
N ARG A 94 6.16 14.51 -2.18
CA ARG A 94 5.79 14.24 -0.79
C ARG A 94 4.31 14.53 -0.55
N THR A 95 3.78 15.48 -1.30
CA THR A 95 2.40 15.88 -1.17
C THR A 95 1.46 14.83 -1.76
N VAL A 96 1.70 14.46 -3.02
CA VAL A 96 0.87 13.45 -3.68
C VAL A 96 0.79 12.18 -2.86
N MET A 97 1.95 11.68 -2.44
CA MET A 97 1.99 10.47 -1.63
C MET A 97 1.30 10.71 -0.30
N ASP A 98 1.46 11.90 0.25
CA ASP A 98 0.84 12.27 1.52
C ASP A 98 -0.67 12.30 1.37
N ASN A 99 -1.13 12.67 0.18
CA ASN A 99 -2.56 12.73 -0.10
C ASN A 99 -3.16 11.33 -0.07
N ILE A 100 -2.43 10.37 -0.64
CA ILE A 100 -2.86 8.99 -0.68
C ILE A 100 -2.91 8.40 0.73
N LYS A 101 -1.82 8.58 1.46
CA LYS A 101 -1.72 8.09 2.83
C LYS A 101 -2.71 8.82 3.74
N MET A 102 -3.04 10.05 3.36
CA MET A 102 -3.97 10.87 4.12
C MET A 102 -5.40 10.45 3.85
N THR A 103 -5.68 10.15 2.58
CA THR A 103 -7.01 9.72 2.19
C THR A 103 -7.23 8.25 2.54
N LEU A 104 -6.19 7.44 2.39
CA LEU A 104 -6.27 6.03 2.69
C LEU A 104 -6.59 5.81 4.16
N GLN A 105 -5.99 6.62 5.02
CA GLN A 105 -6.22 6.53 6.46
C GLN A 105 -7.68 6.77 6.80
N GLN A 106 -8.35 7.57 5.97
CA GLN A 106 -9.75 7.88 6.18
C GLN A 106 -10.62 6.65 5.92
N ILE A 107 -10.21 5.82 4.97
CA ILE A 107 -10.95 4.61 4.62
C ILE A 107 -10.82 3.55 5.71
N ILE A 108 -9.59 3.35 6.21
CA ILE A 108 -9.37 2.37 7.26
C ILE A 108 -10.21 2.72 8.47
N SER A 109 -9.94 3.90 9.00
CA SER A 109 -10.66 4.42 10.15
C SER A 109 -12.16 4.33 9.95
N ARG A 110 -12.58 4.41 8.69
CA ARG A 110 -13.99 4.35 8.35
C ARG A 110 -14.54 2.94 8.58
N TYR A 111 -13.69 1.95 8.34
CA TYR A 111 -14.06 0.56 8.51
C TYR A 111 -13.71 0.07 9.91
N LYS A 112 -12.61 0.56 10.45
CA LYS A 112 -12.16 0.18 11.79
C LYS A 112 -13.17 0.63 12.84
N ASP A 113 -13.71 1.83 12.66
CA ASP A 113 -14.69 2.38 13.59
C ASP A 113 -15.93 1.49 13.66
N ALA A 114 -16.31 0.93 12.52
CA ALA A 114 -17.48 0.06 12.45
C ALA A 114 -17.28 -1.19 13.31
N ASP A 115 -16.03 -1.65 13.40
CA ASP A 115 -15.71 -2.83 14.20
C ASP A 115 -16.67 -3.98 13.89
N LEU B 26 18.49 -4.72 -3.86
CA LEU B 26 18.67 -6.00 -4.58
C LEU B 26 17.79 -7.10 -3.97
N SER B 27 17.53 -6.99 -2.67
CA SER B 27 16.71 -7.96 -1.97
C SER B 27 15.55 -7.28 -1.25
N PRO B 28 14.43 -7.99 -1.06
CA PRO B 28 13.25 -7.44 -0.37
C PRO B 28 13.61 -6.75 0.93
N ASP B 29 14.54 -7.35 1.68
CA ASP B 29 14.96 -6.78 2.95
C ASP B 29 15.60 -5.42 2.76
N ASP B 30 16.15 -5.20 1.57
CA ASP B 30 16.79 -3.93 1.26
C ASP B 30 15.78 -2.79 1.24
N ILE B 31 14.63 -3.04 0.60
CA ILE B 31 13.57 -2.05 0.51
C ILE B 31 12.96 -1.77 1.88
N GLU B 32 13.04 -2.75 2.76
CA GLU B 32 12.51 -2.61 4.11
C GLU B 32 13.26 -1.55 4.90
N GLN B 33 14.57 -1.45 4.63
CA GLN B 33 15.41 -0.47 5.31
C GLN B 33 15.06 0.96 4.90
N TRP B 34 14.53 1.11 3.68
CA TRP B 34 14.15 2.42 3.19
C TRP B 34 13.18 3.11 4.14
N PHE B 35 12.40 2.31 4.87
CA PHE B 35 11.44 2.83 5.82
C PHE B 35 12.00 2.81 7.24
N THR B 36 12.96 1.92 7.48
CA THR B 36 13.58 1.80 8.79
C THR B 36 14.66 2.88 8.98
N GLU B 37 15.28 3.28 7.88
CA GLU B 37 16.33 4.30 7.90
C GLU B 37 17.32 4.05 9.05
N ASP B 38 18.14 5.05 9.35
CA ASP B 38 19.12 4.93 10.41
C ASP B 38 18.95 6.05 11.45
N PRO B 39 17.95 5.90 12.35
CA PRO B 39 17.67 6.90 13.38
C PRO B 39 18.77 6.94 14.45
N PRO A 1 -4.41 14.16 -5.94
CA PRO A 1 -4.73 14.75 -4.62
C PRO A 1 -6.06 14.23 -4.08
N SER A 2 -6.22 14.34 -2.76
CA SER A 2 -7.44 13.87 -2.10
C SER A 2 -7.65 12.38 -2.31
N HIS A 3 -8.21 12.01 -3.44
CA HIS A 3 -8.46 10.60 -3.75
C HIS A 3 -7.67 10.16 -4.98
N SER A 4 -6.45 10.66 -5.11
CA SER A 4 -5.59 10.30 -6.22
C SER A 4 -4.16 10.74 -5.96
N GLY A 5 -3.27 10.41 -6.87
CA GLY A 5 -1.89 10.78 -6.73
C GLY A 5 -0.97 9.93 -7.57
N ALA A 6 -0.15 10.58 -8.38
CA ALA A 6 0.78 9.88 -9.24
C ALA A 6 1.65 8.91 -8.45
N ALA A 7 1.43 7.62 -8.68
CA ALA A 7 2.18 6.59 -7.98
C ALA A 7 2.84 5.61 -8.95
N ILE A 8 3.98 5.04 -8.55
CA ILE A 8 4.69 4.07 -9.38
C ILE A 8 4.38 2.66 -8.93
N PHE A 9 3.93 1.84 -9.87
CA PHE A 9 3.59 0.46 -9.55
C PHE A 9 4.55 -0.51 -10.24
N GLU A 10 5.09 -1.46 -9.48
CA GLU A 10 6.01 -2.44 -10.03
C GLU A 10 7.18 -1.76 -10.72
N LYS A 11 7.60 -0.62 -10.18
CA LYS A 11 8.70 0.14 -10.77
C LYS A 11 8.23 0.88 -12.02
N VAL A 12 6.95 0.73 -12.34
CA VAL A 12 6.37 1.40 -13.49
C VAL A 12 5.65 2.65 -13.03
N SER A 13 5.53 3.60 -13.93
CA SER A 13 4.88 4.86 -13.58
C SER A 13 3.42 4.88 -13.99
N GLY A 14 2.65 5.61 -13.19
CA GLY A 14 1.23 5.76 -13.43
C GLY A 14 0.59 6.57 -12.32
N ILE A 15 -0.70 6.78 -12.38
CA ILE A 15 -1.37 7.53 -11.33
C ILE A 15 -2.20 6.60 -10.46
N ILE A 16 -2.24 6.92 -9.18
CA ILE A 16 -3.00 6.13 -8.23
C ILE A 16 -4.24 6.91 -7.84
N ALA A 17 -5.40 6.35 -8.13
CA ALA A 17 -6.65 7.00 -7.81
C ALA A 17 -7.51 6.15 -6.89
N ILE A 18 -8.04 6.79 -5.84
CA ILE A 18 -8.86 6.12 -4.86
C ILE A 18 -10.34 6.46 -5.06
N ASN A 19 -11.19 5.46 -4.89
CA ASN A 19 -12.63 5.66 -5.06
C ASN A 19 -13.40 5.03 -3.89
N GLU A 20 -14.01 5.89 -3.07
CA GLU A 20 -14.78 5.42 -1.92
C GLU A 20 -16.25 5.20 -2.29
N ASP A 21 -16.57 5.35 -3.57
CA ASP A 21 -17.92 5.15 -4.04
C ASP A 21 -18.23 3.66 -4.18
N VAL A 22 -17.17 2.86 -4.23
CA VAL A 22 -17.30 1.42 -4.36
C VAL A 22 -17.16 0.73 -3.02
N SER A 23 -17.94 -0.33 -2.81
CA SER A 23 -17.88 -1.07 -1.55
C SER A 23 -17.41 -2.51 -1.80
N PRO A 24 -16.25 -2.90 -1.23
CA PRO A 24 -15.43 -2.02 -0.40
C PRO A 24 -14.57 -1.07 -1.23
N ALA A 25 -14.38 0.15 -0.72
CA ALA A 25 -13.57 1.15 -1.43
C ALA A 25 -12.26 0.54 -1.92
N GLU A 26 -11.86 0.90 -3.13
CA GLU A 26 -10.63 0.38 -3.70
C GLU A 26 -9.78 1.49 -4.32
N LEU A 27 -8.53 1.14 -4.62
CA LEU A 27 -7.60 2.09 -5.23
C LEU A 27 -7.13 1.54 -6.57
N THR A 28 -7.22 2.36 -7.62
CA THR A 28 -6.82 1.93 -8.95
C THR A 28 -5.61 2.72 -9.47
N TRP A 29 -4.60 1.98 -9.90
CA TRP A 29 -3.40 2.57 -10.44
C TRP A 29 -3.44 2.52 -11.96
N ARG A 30 -3.19 3.66 -12.60
CA ARG A 30 -3.21 3.72 -14.06
C ARG A 30 -1.88 4.26 -14.59
N SER A 31 -1.16 3.41 -15.33
CA SER A 31 0.13 3.80 -15.90
C SER A 31 0.05 5.19 -16.53
N THR A 32 1.21 5.77 -16.80
CA THR A 32 1.27 7.10 -17.40
C THR A 32 0.88 7.00 -18.86
N ASP A 33 1.37 5.95 -19.50
CA ASP A 33 1.09 5.71 -20.89
C ASP A 33 -0.27 5.00 -21.07
N GLY A 34 -0.72 4.35 -20.01
CA GLY A 34 -1.99 3.66 -20.06
C GLY A 34 -1.85 2.23 -20.55
N ASP A 35 -0.73 1.60 -20.23
CA ASP A 35 -0.47 0.22 -20.64
C ASP A 35 -0.59 -0.75 -19.46
N LYS A 36 -0.48 -0.22 -18.24
CA LYS A 36 -0.58 -1.05 -17.05
C LYS A 36 -1.58 -0.47 -16.06
N VAL A 37 -2.43 -1.33 -15.50
CA VAL A 37 -3.44 -0.89 -14.54
C VAL A 37 -3.56 -1.89 -13.39
N HIS A 38 -3.69 -1.38 -12.17
CA HIS A 38 -3.81 -2.23 -10.99
C HIS A 38 -4.89 -1.71 -10.05
N THR A 39 -5.57 -2.64 -9.38
CA THR A 39 -6.63 -2.28 -8.44
C THR A 39 -6.40 -2.93 -7.09
N VAL A 40 -6.52 -2.15 -6.02
CA VAL A 40 -6.34 -2.64 -4.66
C VAL A 40 -7.56 -2.37 -3.80
N VAL A 41 -7.89 -3.34 -2.95
CA VAL A 41 -9.02 -3.19 -2.05
C VAL A 41 -8.54 -2.47 -0.78
N LEU A 42 -9.09 -1.28 -0.53
CA LEU A 42 -8.70 -0.49 0.62
C LEU A 42 -9.27 -1.03 1.92
N SER A 43 -10.44 -1.65 1.84
CA SER A 43 -11.11 -2.19 3.02
C SER A 43 -10.23 -3.18 3.78
N THR A 44 -9.23 -3.75 3.10
CA THR A 44 -8.33 -4.70 3.73
C THR A 44 -7.08 -4.02 4.27
N ILE A 45 -6.75 -2.87 3.68
CA ILE A 45 -5.57 -2.12 4.10
C ILE A 45 -5.57 -1.90 5.61
N ASP A 46 -4.91 -2.81 6.32
CA ASP A 46 -4.82 -2.74 7.78
C ASP A 46 -3.82 -1.68 8.23
N LYS A 47 -2.80 -1.42 7.41
CA LYS A 47 -1.79 -0.46 7.77
C LYS A 47 -1.38 0.39 6.56
N LEU A 48 -0.80 1.55 6.83
CA LEU A 48 -0.33 2.45 5.80
C LEU A 48 1.13 2.82 6.05
N GLN A 49 1.98 2.58 5.07
CA GLN A 49 3.39 2.87 5.20
C GLN A 49 3.85 3.85 4.12
N ALA A 50 4.66 4.83 4.52
CA ALA A 50 5.15 5.83 3.59
C ALA A 50 6.54 6.30 3.99
N THR A 51 7.32 6.72 3.00
CA THR A 51 8.67 7.21 3.25
C THR A 51 8.63 8.61 3.85
N PRO A 52 9.29 8.83 4.99
CA PRO A 52 9.32 10.14 5.66
C PRO A 52 9.91 11.23 4.77
N ALA A 53 9.55 12.48 5.05
CA ALA A 53 10.03 13.61 4.28
C ALA A 53 11.55 13.72 4.36
N SER A 54 12.09 13.53 5.57
CA SER A 54 13.53 13.61 5.78
C SER A 54 14.25 12.58 4.93
N SER A 55 13.55 11.49 4.62
CA SER A 55 14.11 10.41 3.82
C SER A 55 14.04 10.76 2.34
N GLU A 56 15.20 10.79 1.69
CA GLU A 56 15.25 11.09 0.26
C GLU A 56 14.39 10.12 -0.52
N LYS A 57 14.07 8.99 0.11
CA LYS A 57 13.24 7.97 -0.53
C LYS A 57 11.82 8.49 -0.75
N MET A 58 11.13 7.89 -1.73
CA MET A 58 9.76 8.29 -2.05
C MET A 58 8.92 7.07 -2.41
N MET A 59 8.28 6.46 -1.41
CA MET A 59 7.47 5.28 -1.65
C MET A 59 6.40 5.10 -0.58
N LEU A 60 5.33 4.40 -0.92
CA LEU A 60 4.23 4.14 0.00
C LEU A 60 3.86 2.66 -0.02
N ARG A 61 3.89 2.02 1.15
CA ARG A 61 3.56 0.60 1.26
C ARG A 61 2.21 0.39 1.95
N LEU A 62 1.33 -0.36 1.29
CA LEU A 62 0.00 -0.64 1.82
C LEU A 62 -0.13 -2.11 2.22
N ILE A 63 -0.48 -2.36 3.48
CA ILE A 63 -0.65 -3.72 3.96
C ILE A 63 -2.11 -4.03 4.23
N GLY A 64 -2.55 -5.21 3.80
CA GLY A 64 -3.92 -5.62 4.01
C GLY A 64 -4.10 -6.43 5.27
N LYS A 65 -5.28 -7.03 5.43
CA LYS A 65 -5.56 -7.85 6.60
C LYS A 65 -4.96 -9.24 6.45
N VAL A 66 -4.48 -9.79 7.57
CA VAL A 66 -3.87 -11.11 7.56
C VAL A 66 -4.85 -12.17 8.07
N ASP A 67 -4.32 -13.32 8.45
CA ASP A 67 -5.13 -14.43 8.94
C ASP A 67 -4.24 -15.57 9.42
N GLU A 68 -3.56 -15.35 10.53
CA GLU A 68 -2.66 -16.34 11.09
C GLU A 68 -3.38 -17.66 11.36
N SER A 69 -4.71 -17.59 11.48
CA SER A 69 -5.51 -18.77 11.73
C SER A 69 -5.29 -19.83 10.65
N LYS A 70 -4.76 -19.42 9.51
CA LYS A 70 -4.50 -20.34 8.41
C LYS A 70 -3.58 -21.48 8.83
N LYS A 71 -2.50 -21.13 9.52
CA LYS A 71 -1.54 -22.13 9.99
C LYS A 71 -0.91 -22.86 8.82
N ARG A 72 0.24 -22.38 8.39
CA ARG A 72 0.96 -22.99 7.27
C ARG A 72 2.19 -23.73 7.76
N LYS A 73 2.63 -24.74 6.99
CA LYS A 73 3.80 -25.52 7.36
C LYS A 73 4.89 -25.40 6.30
N ASP A 74 6.15 -25.42 6.75
CA ASP A 74 7.29 -25.31 5.85
C ASP A 74 7.65 -26.68 5.28
N ASN A 75 8.56 -26.69 4.31
CA ASN A 75 9.01 -27.93 3.68
C ASN A 75 9.68 -28.85 4.70
N GLU A 76 10.10 -28.29 5.83
CA GLU A 76 10.76 -29.07 6.87
C GLU A 76 9.75 -29.73 7.81
N GLY A 77 8.46 -29.60 7.49
CA GLY A 77 7.42 -30.18 8.31
C GLY A 77 7.08 -29.34 9.53
N ASN A 78 7.66 -28.14 9.60
CA ASN A 78 7.41 -27.25 10.73
C ASN A 78 6.29 -26.27 10.39
N GLU A 79 5.71 -25.65 11.42
CA GLU A 79 4.63 -24.70 11.23
C GLU A 79 5.17 -23.27 11.18
N VAL A 80 4.45 -22.40 10.47
CA VAL A 80 4.86 -21.01 10.35
C VAL A 80 3.67 -20.07 10.53
N VAL A 81 3.97 -18.83 10.87
CA VAL A 81 2.93 -17.82 11.04
C VAL A 81 2.85 -16.93 9.81
N PRO A 82 1.89 -17.21 8.91
CA PRO A 82 1.73 -16.44 7.67
C PRO A 82 1.87 -14.94 7.88
N LYS A 83 2.44 -14.25 6.90
CA LYS A 83 2.63 -12.80 6.98
C LYS A 83 1.61 -12.07 6.12
N PRO A 84 1.25 -10.85 6.51
CA PRO A 84 0.26 -10.02 5.81
C PRO A 84 0.81 -9.47 4.49
N GLN A 85 -0.09 -9.33 3.52
CA GLN A 85 0.28 -8.81 2.21
C GLN A 85 0.74 -7.35 2.31
N ARG A 86 1.86 -7.04 1.67
CA ARG A 86 2.40 -5.68 1.68
C ARG A 86 2.57 -5.16 0.26
N HIS A 87 1.97 -4.01 -0.03
CA HIS A 87 2.06 -3.40 -1.35
C HIS A 87 3.21 -2.40 -1.40
N MET A 88 3.68 -2.09 -2.60
CA MET A 88 4.78 -1.15 -2.77
C MET A 88 4.48 -0.14 -3.87
N PHE A 89 4.64 1.15 -3.55
CA PHE A 89 4.39 2.21 -4.51
C PHE A 89 5.46 3.30 -4.37
N SER A 90 5.77 3.96 -5.49
CA SER A 90 6.76 5.03 -5.48
C SER A 90 6.19 6.33 -6.06
N PHE A 91 6.25 7.40 -5.30
CA PHE A 91 5.74 8.70 -5.74
C PHE A 91 6.87 9.69 -5.94
N ASN A 92 6.55 10.83 -6.52
CA ASN A 92 7.55 11.87 -6.78
C ASN A 92 7.06 13.22 -6.25
N ASN A 93 6.21 13.19 -5.24
CA ASN A 93 5.69 14.41 -4.63
C ASN A 93 5.28 14.16 -3.19
N ARG A 94 6.02 14.77 -2.26
CA ARG A 94 5.75 14.60 -0.84
C ARG A 94 4.31 14.99 -0.52
N THR A 95 3.80 15.97 -1.25
CA THR A 95 2.45 16.45 -1.07
C THR A 95 1.43 15.41 -1.52
N VAL A 96 1.63 14.86 -2.71
CA VAL A 96 0.73 13.85 -3.25
C VAL A 96 0.67 12.63 -2.33
N MET A 97 1.84 12.26 -1.80
CA MET A 97 1.93 11.12 -0.90
C MET A 97 1.13 11.40 0.38
N ASP A 98 1.11 12.66 0.79
CA ASP A 98 0.39 13.05 1.99
C ASP A 98 -1.12 12.85 1.81
N ASN A 99 -1.58 13.09 0.59
CA ASN A 99 -2.99 12.94 0.27
C ASN A 99 -3.40 11.46 0.29
N ILE A 100 -2.53 10.61 -0.24
CA ILE A 100 -2.79 9.17 -0.27
C ILE A 100 -2.89 8.62 1.15
N LYS A 101 -1.88 8.90 1.96
CA LYS A 101 -1.86 8.43 3.33
C LYS A 101 -2.99 9.05 4.13
N MET A 102 -3.41 10.25 3.72
CA MET A 102 -4.48 10.96 4.39
C MET A 102 -5.84 10.40 3.99
N THR A 103 -5.98 10.01 2.74
CA THR A 103 -7.24 9.46 2.25
C THR A 103 -7.36 7.98 2.60
N LEU A 104 -6.26 7.25 2.51
CA LEU A 104 -6.26 5.83 2.82
C LEU A 104 -6.59 5.60 4.29
N GLN A 105 -6.05 6.46 5.16
CA GLN A 105 -6.30 6.34 6.59
C GLN A 105 -7.77 6.57 6.91
N GLN A 106 -8.42 7.37 6.09
CA GLN A 106 -9.83 7.68 6.27
C GLN A 106 -10.70 6.46 6.00
N ILE A 107 -10.24 5.62 5.08
CA ILE A 107 -10.98 4.41 4.71
C ILE A 107 -10.84 3.34 5.79
N ILE A 108 -9.62 3.12 6.26
CA ILE A 108 -9.39 2.12 7.31
C ILE A 108 -10.22 2.47 8.52
N SER A 109 -9.93 3.64 9.06
CA SER A 109 -10.64 4.15 10.22
C SER A 109 -12.15 4.08 10.00
N ARG A 110 -12.55 4.17 8.73
CA ARG A 110 -13.96 4.09 8.37
C ARG A 110 -14.53 2.73 8.73
N TYR A 111 -13.75 1.69 8.45
CA TYR A 111 -14.16 0.33 8.74
C TYR A 111 -13.86 -0.02 10.19
N LYS A 112 -12.82 0.61 10.74
CA LYS A 112 -12.42 0.39 12.12
C LYS A 112 -13.53 0.83 13.07
N ASP A 113 -14.13 1.98 12.78
CA ASP A 113 -15.20 2.53 13.59
C ASP A 113 -16.38 1.56 13.65
N ALA A 114 -16.65 0.92 12.52
CA ALA A 114 -17.76 -0.03 12.44
C ALA A 114 -17.52 -1.23 13.35
N ASP A 115 -16.26 -1.61 13.51
CA ASP A 115 -15.90 -2.74 14.36
C ASP A 115 -14.88 -2.33 15.42
N LEU B 26 15.55 -7.40 -5.58
CA LEU B 26 15.84 -7.06 -4.16
C LEU B 26 15.16 -8.04 -3.20
N SER B 27 15.31 -7.81 -1.90
CA SER B 27 14.71 -8.68 -0.90
C SER B 27 13.95 -7.86 0.14
N PRO B 28 13.14 -8.52 0.98
CA PRO B 28 12.34 -7.84 2.01
C PRO B 28 13.19 -6.90 2.87
N ASP B 29 14.35 -7.39 3.30
CA ASP B 29 15.24 -6.60 4.14
C ASP B 29 15.75 -5.38 3.38
N ASP B 30 15.89 -5.52 2.06
CA ASP B 30 16.37 -4.43 1.23
C ASP B 30 15.37 -3.27 1.22
N ILE B 31 14.09 -3.60 1.16
CA ILE B 31 13.04 -2.59 1.16
C ILE B 31 12.96 -1.87 2.50
N GLU B 32 13.42 -2.53 3.55
CA GLU B 32 13.40 -1.95 4.88
C GLU B 32 14.29 -0.70 4.95
N GLN B 33 15.39 -0.73 4.21
CA GLN B 33 16.32 0.39 4.19
C GLN B 33 15.62 1.67 3.73
N TRP B 34 14.77 1.53 2.72
CA TRP B 34 14.03 2.65 2.17
C TRP B 34 13.22 3.35 3.24
N PHE B 35 12.79 2.58 4.25
CA PHE B 35 12.00 3.14 5.35
C PHE B 35 12.83 3.20 6.64
N THR B 36 14.08 2.76 6.57
CA THR B 36 14.95 2.77 7.74
C THR B 36 15.89 3.98 7.71
N GLU B 37 16.22 4.43 6.50
CA GLU B 37 17.11 5.58 6.35
C GLU B 37 16.53 6.82 7.03
N ASP B 38 17.40 7.58 7.68
CA ASP B 38 16.98 8.80 8.36
C ASP B 38 18.02 9.90 8.22
N PRO B 39 17.64 11.15 8.52
CA PRO B 39 18.56 12.30 8.42
C PRO B 39 19.66 12.26 9.47
N PRO A 1 -4.79 14.62 -6.35
CA PRO A 1 -5.21 15.27 -5.10
C PRO A 1 -6.51 14.69 -4.54
N SER A 2 -6.42 14.04 -3.38
CA SER A 2 -7.58 13.44 -2.75
C SER A 2 -8.18 12.36 -3.65
N HIS A 3 -8.08 11.11 -3.20
CA HIS A 3 -8.61 9.98 -3.96
C HIS A 3 -7.92 9.86 -5.31
N SER A 4 -6.65 10.23 -5.33
CA SER A 4 -5.83 10.15 -6.54
C SER A 4 -4.43 10.68 -6.26
N GLY A 5 -3.50 10.34 -7.15
CA GLY A 5 -2.14 10.79 -6.99
C GLY A 5 -1.17 9.98 -7.81
N ALA A 6 -0.53 10.63 -8.76
CA ALA A 6 0.44 9.98 -9.63
C ALA A 6 1.40 9.12 -8.82
N ALA A 7 1.18 7.81 -8.85
CA ALA A 7 2.01 6.87 -8.10
C ALA A 7 2.73 5.89 -9.04
N ILE A 8 3.90 5.40 -8.60
CA ILE A 8 4.65 4.45 -9.40
C ILE A 8 4.40 3.03 -8.89
N PHE A 9 3.97 2.17 -9.80
CA PHE A 9 3.68 0.78 -9.45
C PHE A 9 4.67 -0.16 -10.13
N GLU A 10 5.25 -1.05 -9.34
CA GLU A 10 6.22 -2.01 -9.87
C GLU A 10 7.37 -1.30 -10.57
N LYS A 11 7.74 -0.13 -10.05
CA LYS A 11 8.81 0.66 -10.65
C LYS A 11 8.31 1.36 -11.91
N VAL A 12 7.04 1.16 -12.24
CA VAL A 12 6.45 1.79 -13.40
C VAL A 12 5.65 3.00 -12.97
N SER A 13 5.48 3.92 -13.88
CA SER A 13 4.76 5.14 -13.57
C SER A 13 3.30 5.07 -13.98
N GLY A 14 2.46 5.77 -13.22
CA GLY A 14 1.04 5.81 -13.47
C GLY A 14 0.34 6.59 -12.37
N ILE A 15 -0.97 6.71 -12.45
CA ILE A 15 -1.70 7.43 -11.42
C ILE A 15 -2.47 6.46 -10.54
N ILE A 16 -2.50 6.76 -9.25
CA ILE A 16 -3.21 5.93 -8.30
C ILE A 16 -4.47 6.66 -7.88
N ALA A 17 -5.61 6.05 -8.15
CA ALA A 17 -6.89 6.67 -7.82
C ALA A 17 -7.72 5.78 -6.90
N ILE A 18 -8.22 6.38 -5.83
CA ILE A 18 -9.02 5.66 -4.85
C ILE A 18 -10.50 5.94 -5.04
N ASN A 19 -11.30 4.88 -5.11
CA ASN A 19 -12.74 5.02 -5.29
C ASN A 19 -13.49 4.48 -4.08
N GLU A 20 -14.13 5.38 -3.34
CA GLU A 20 -14.89 5.00 -2.15
C GLU A 20 -16.34 4.69 -2.52
N ASP A 21 -16.64 4.66 -3.81
CA ASP A 21 -17.99 4.36 -4.28
C ASP A 21 -18.24 2.87 -4.24
N VAL A 22 -17.16 2.09 -4.18
CA VAL A 22 -17.27 0.64 -4.13
C VAL A 22 -17.11 0.13 -2.71
N SER A 23 -17.58 -1.09 -2.48
CA SER A 23 -17.50 -1.71 -1.17
C SER A 23 -16.95 -3.14 -1.28
N PRO A 24 -15.79 -3.41 -0.66
CA PRO A 24 -15.02 -2.40 0.09
C PRO A 24 -14.26 -1.45 -0.82
N ALA A 25 -14.11 -0.21 -0.38
CA ALA A 25 -13.40 0.80 -1.16
C ALA A 25 -12.07 0.24 -1.69
N GLU A 26 -11.77 0.52 -2.94
CA GLU A 26 -10.53 0.02 -3.55
C GLU A 26 -9.74 1.14 -4.21
N LEU A 27 -8.49 0.83 -4.54
CA LEU A 27 -7.61 1.79 -5.18
C LEU A 27 -7.13 1.23 -6.52
N THR A 28 -7.19 2.06 -7.56
CA THR A 28 -6.78 1.62 -8.89
C THR A 28 -5.63 2.46 -9.44
N TRP A 29 -4.57 1.77 -9.86
CA TRP A 29 -3.41 2.42 -10.43
C TRP A 29 -3.44 2.31 -11.95
N ARG A 30 -3.24 3.44 -12.62
CA ARG A 30 -3.26 3.46 -14.08
C ARG A 30 -1.97 4.05 -14.63
N SER A 31 -1.20 3.24 -15.32
CA SER A 31 0.08 3.69 -15.90
C SER A 31 -0.09 5.03 -16.60
N THR A 32 1.03 5.68 -16.90
CA THR A 32 1.02 6.97 -17.57
C THR A 32 0.66 6.78 -19.03
N ASP A 33 1.27 5.76 -19.62
CA ASP A 33 1.04 5.44 -21.01
C ASP A 33 -0.28 4.70 -21.20
N GLY A 34 -0.77 4.08 -20.13
CA GLY A 34 -2.02 3.35 -20.20
C GLY A 34 -1.82 1.91 -20.63
N ASP A 35 -0.70 1.32 -20.24
CA ASP A 35 -0.40 -0.06 -20.58
C ASP A 35 -0.44 -0.97 -19.37
N LYS A 36 -0.35 -0.38 -18.17
CA LYS A 36 -0.36 -1.16 -16.94
C LYS A 36 -1.40 -0.61 -15.96
N VAL A 37 -2.18 -1.50 -15.37
CA VAL A 37 -3.21 -1.12 -14.41
C VAL A 37 -3.25 -2.08 -13.23
N HIS A 38 -3.47 -1.54 -12.03
CA HIS A 38 -3.53 -2.36 -10.83
C HIS A 38 -4.67 -1.93 -9.91
N THR A 39 -5.26 -2.89 -9.23
CA THR A 39 -6.37 -2.62 -8.32
C THR A 39 -6.11 -3.22 -6.94
N VAL A 40 -6.37 -2.44 -5.89
CA VAL A 40 -6.17 -2.90 -4.53
C VAL A 40 -7.39 -2.64 -3.66
N VAL A 41 -7.68 -3.59 -2.79
CA VAL A 41 -8.81 -3.46 -1.86
C VAL A 41 -8.34 -2.72 -0.62
N LEU A 42 -8.93 -1.57 -0.37
CA LEU A 42 -8.55 -0.74 0.78
C LEU A 42 -8.98 -1.35 2.11
N SER A 43 -10.10 -2.09 2.08
CA SER A 43 -10.61 -2.72 3.30
C SER A 43 -9.55 -3.56 3.99
N THR A 44 -8.56 -4.00 3.23
CA THR A 44 -7.48 -4.81 3.77
C THR A 44 -6.37 -3.95 4.36
N ILE A 45 -6.25 -2.73 3.85
CA ILE A 45 -5.22 -1.81 4.32
C ILE A 45 -5.23 -1.71 5.84
N ASP A 46 -4.31 -2.45 6.46
CA ASP A 46 -4.21 -2.47 7.91
C ASP A 46 -3.17 -1.45 8.41
N LYS A 47 -2.25 -1.04 7.54
CA LYS A 47 -1.23 -0.08 7.93
C LYS A 47 -0.67 0.66 6.72
N LEU A 48 -0.49 1.97 6.88
CA LEU A 48 0.05 2.80 5.81
C LEU A 48 1.47 3.25 6.14
N GLN A 49 2.40 2.95 5.24
CA GLN A 49 3.80 3.33 5.44
C GLN A 49 4.19 4.44 4.46
N ALA A 50 4.81 5.48 4.99
CA ALA A 50 5.24 6.61 4.17
C ALA A 50 6.58 7.14 4.62
N THR A 51 7.42 7.51 3.65
CA THR A 51 8.74 8.05 3.96
C THR A 51 8.63 9.49 4.44
N PRO A 52 9.17 9.80 5.65
CA PRO A 52 9.12 11.15 6.21
C PRO A 52 9.84 12.18 5.34
N ALA A 53 9.52 13.45 5.55
CA ALA A 53 10.12 14.53 4.79
C ALA A 53 11.64 14.56 5.01
N SER A 54 12.06 14.39 6.26
CA SER A 54 13.47 14.40 6.60
C SER A 54 14.20 13.28 5.87
N SER A 55 13.48 12.22 5.55
CA SER A 55 14.04 11.08 4.84
C SER A 55 14.10 11.35 3.35
N GLU A 56 15.31 11.32 2.79
CA GLU A 56 15.50 11.54 1.37
C GLU A 56 14.65 10.57 0.56
N LYS A 57 14.23 9.48 1.21
CA LYS A 57 13.41 8.47 0.54
C LYS A 57 12.11 9.07 0.04
N MET A 58 11.57 8.49 -1.01
CA MET A 58 10.31 8.96 -1.60
C MET A 58 9.48 7.79 -2.10
N MET A 59 8.64 7.25 -1.21
CA MET A 59 7.78 6.11 -1.58
C MET A 59 6.79 5.79 -0.47
N LEU A 60 5.60 5.31 -0.87
CA LEU A 60 4.55 4.96 0.07
C LEU A 60 4.30 3.45 0.02
N ARG A 61 4.18 2.83 1.19
CA ARG A 61 3.94 1.39 1.26
C ARG A 61 2.64 1.06 1.99
N LEU A 62 1.76 0.32 1.33
CA LEU A 62 0.48 -0.08 1.91
C LEU A 62 0.59 -1.46 2.53
N ILE A 63 -0.10 -1.67 3.64
CA ILE A 63 -0.09 -2.96 4.32
C ILE A 63 -1.47 -3.57 4.37
N GLY A 64 -1.60 -4.79 3.85
CA GLY A 64 -2.88 -5.48 3.85
C GLY A 64 -3.08 -6.34 5.07
N LYS A 65 -4.34 -6.58 5.44
CA LYS A 65 -4.65 -7.38 6.61
C LYS A 65 -4.27 -8.85 6.36
N VAL A 66 -4.04 -9.58 7.45
CA VAL A 66 -3.66 -10.98 7.35
C VAL A 66 -4.66 -11.87 8.10
N ASP A 67 -4.24 -13.09 8.39
CA ASP A 67 -5.08 -14.04 9.10
C ASP A 67 -4.32 -15.34 9.35
N GLU A 68 -3.35 -15.29 10.25
CA GLU A 68 -2.53 -16.45 10.57
C GLU A 68 -3.39 -17.64 10.99
N SER A 69 -4.60 -17.35 11.46
CA SER A 69 -5.52 -18.39 11.88
C SER A 69 -5.90 -19.30 10.70
N LYS A 70 -5.61 -18.85 9.49
CA LYS A 70 -5.93 -19.61 8.29
C LYS A 70 -5.09 -20.88 8.22
N LYS A 71 -3.79 -20.76 8.52
CA LYS A 71 -2.89 -21.90 8.49
C LYS A 71 -2.82 -22.50 7.08
N ARG A 72 -1.85 -22.04 6.29
CA ARG A 72 -1.70 -22.54 4.93
C ARG A 72 -0.52 -23.50 4.83
N LYS A 73 -0.70 -24.59 4.09
CA LYS A 73 0.36 -25.58 3.93
C LYS A 73 1.32 -25.19 2.82
N ASP A 74 2.59 -25.52 3.00
CA ASP A 74 3.62 -25.21 2.02
C ASP A 74 3.73 -26.30 0.97
N ASN A 75 4.60 -26.09 -0.02
CA ASN A 75 4.80 -27.07 -1.08
C ASN A 75 5.45 -28.34 -0.55
N GLU A 76 6.02 -28.26 0.65
CA GLU A 76 6.66 -29.42 1.26
C GLU A 76 5.67 -30.25 2.06
N GLY A 77 4.46 -29.74 2.22
CA GLY A 77 3.45 -30.47 2.97
C GLY A 77 3.40 -30.04 4.43
N ASN A 78 4.12 -28.98 4.77
CA ASN A 78 4.13 -28.48 6.14
C ASN A 78 3.26 -27.25 6.28
N GLU A 79 2.63 -27.10 7.44
CA GLU A 79 1.76 -25.94 7.70
C GLU A 79 2.59 -24.71 8.04
N VAL A 80 2.15 -23.56 7.53
CA VAL A 80 2.85 -22.31 7.78
C VAL A 80 1.87 -21.17 8.01
N VAL A 81 2.33 -20.18 8.76
CA VAL A 81 1.53 -19.01 9.06
C VAL A 81 1.70 -17.99 7.94
N PRO A 82 0.65 -17.78 7.12
CA PRO A 82 0.70 -16.84 6.01
C PRO A 82 1.17 -15.45 6.43
N LYS A 83 1.90 -14.78 5.55
CA LYS A 83 2.41 -13.45 5.83
C LYS A 83 1.42 -12.38 5.38
N PRO A 84 1.48 -11.20 6.02
CA PRO A 84 0.59 -10.08 5.71
C PRO A 84 0.89 -9.42 4.37
N GLN A 85 -0.16 -8.98 3.69
CA GLN A 85 -0.01 -8.34 2.39
C GLN A 85 0.72 -7.01 2.52
N ARG A 86 1.58 -6.71 1.55
CA ARG A 86 2.34 -5.47 1.55
C ARG A 86 2.53 -4.95 0.13
N HIS A 87 2.03 -3.74 -0.13
CA HIS A 87 2.14 -3.13 -1.45
C HIS A 87 3.12 -1.97 -1.41
N MET A 88 3.65 -1.60 -2.57
CA MET A 88 4.60 -0.49 -2.66
C MET A 88 4.26 0.45 -3.81
N PHE A 89 4.40 1.75 -3.55
CA PHE A 89 4.12 2.77 -4.55
C PHE A 89 5.04 3.97 -4.36
N SER A 90 5.76 4.35 -5.41
CA SER A 90 6.67 5.49 -5.33
C SER A 90 6.07 6.74 -5.96
N PHE A 91 6.21 7.86 -5.27
CA PHE A 91 5.69 9.14 -5.75
C PHE A 91 6.80 10.17 -5.83
N ASN A 92 6.91 10.84 -6.97
CA ASN A 92 7.94 11.86 -7.16
C ASN A 92 7.61 13.14 -6.41
N ASN A 93 6.34 13.29 -6.02
CA ASN A 93 5.90 14.47 -5.29
C ASN A 93 5.45 14.09 -3.89
N ARG A 94 6.18 14.57 -2.88
CA ARG A 94 5.85 14.28 -1.49
C ARG A 94 4.41 14.67 -1.18
N THR A 95 3.90 15.63 -1.92
CA THR A 95 2.54 16.10 -1.75
C THR A 95 1.53 15.07 -2.22
N VAL A 96 1.77 14.49 -3.40
CA VAL A 96 0.88 13.48 -3.95
C VAL A 96 0.75 12.30 -3.00
N MET A 97 1.88 11.75 -2.58
CA MET A 97 1.89 10.63 -1.66
C MET A 97 1.22 11.03 -0.36
N ASP A 98 1.36 12.30 0.01
CA ASP A 98 0.76 12.82 1.22
C ASP A 98 -0.75 12.70 1.16
N ASN A 99 -1.30 12.87 -0.03
CA ASN A 99 -2.74 12.76 -0.23
C ASN A 99 -3.19 11.31 -0.12
N ILE A 100 -2.44 10.42 -0.75
CA ILE A 100 -2.75 8.99 -0.71
C ILE A 100 -2.72 8.48 0.72
N LYS A 101 -1.63 8.75 1.42
CA LYS A 101 -1.46 8.33 2.80
C LYS A 101 -2.51 8.96 3.69
N MET A 102 -2.94 10.16 3.31
CA MET A 102 -3.95 10.90 4.06
C MET A 102 -5.34 10.37 3.76
N THR A 103 -5.59 10.06 2.50
CA THR A 103 -6.88 9.55 2.07
C THR A 103 -7.04 8.08 2.47
N LEU A 104 -5.99 7.30 2.27
CA LEU A 104 -6.02 5.88 2.61
C LEU A 104 -6.27 5.69 4.11
N GLN A 105 -5.70 6.57 4.91
CA GLN A 105 -5.88 6.50 6.36
C GLN A 105 -7.33 6.71 6.75
N GLN A 106 -8.04 7.48 5.94
CA GLN A 106 -9.45 7.75 6.19
C GLN A 106 -10.29 6.48 6.02
N ILE A 107 -9.93 5.66 5.05
CA ILE A 107 -10.65 4.43 4.79
C ILE A 107 -10.46 3.42 5.93
N ILE A 108 -9.22 3.28 6.40
CA ILE A 108 -8.94 2.37 7.50
C ILE A 108 -9.73 2.79 8.72
N SER A 109 -9.43 3.99 9.16
CA SER A 109 -10.09 4.58 10.32
C SER A 109 -11.61 4.53 10.16
N ARG A 110 -12.06 4.57 8.91
CA ARG A 110 -13.50 4.54 8.61
C ARG A 110 -14.05 3.15 8.86
N TYR A 111 -13.23 2.13 8.60
CA TYR A 111 -13.64 0.75 8.80
C TYR A 111 -13.35 0.30 10.23
N LYS A 112 -12.30 0.87 10.82
CA LYS A 112 -11.92 0.52 12.18
C LYS A 112 -13.02 0.91 13.16
N ASP A 113 -13.70 2.01 12.87
CA ASP A 113 -14.78 2.50 13.72
C ASP A 113 -15.88 1.45 13.85
N ALA A 114 -16.14 0.74 12.76
CA ALA A 114 -17.17 -0.30 12.76
C ALA A 114 -16.84 -1.41 13.75
N ASP A 115 -15.54 -1.68 13.92
CA ASP A 115 -15.10 -2.72 14.84
C ASP A 115 -14.18 -2.13 15.91
N LEU B 26 16.12 -5.00 -4.49
CA LEU B 26 15.98 -6.12 -5.47
C LEU B 26 14.78 -7.00 -5.14
N SER B 27 14.49 -7.12 -3.85
CA SER B 27 13.37 -7.93 -3.39
C SER B 27 12.44 -7.13 -2.47
N PRO B 28 11.24 -7.64 -2.21
CA PRO B 28 10.26 -6.96 -1.34
C PRO B 28 10.87 -6.57 0.00
N ASP B 29 11.61 -7.49 0.61
CA ASP B 29 12.25 -7.23 1.90
C ASP B 29 13.18 -6.02 1.81
N ASP B 30 13.76 -5.81 0.63
CA ASP B 30 14.67 -4.69 0.41
C ASP B 30 13.95 -3.36 0.62
N ILE B 31 12.72 -3.28 0.12
CA ILE B 31 11.93 -2.07 0.25
C ILE B 31 11.56 -1.79 1.70
N GLU B 32 11.47 -2.86 2.50
CA GLU B 32 11.13 -2.74 3.90
C GLU B 32 12.21 -1.99 4.66
N GLN B 33 13.45 -2.14 4.21
CA GLN B 33 14.58 -1.48 4.85
C GLN B 33 14.49 0.03 4.67
N TRP B 34 13.86 0.46 3.59
CA TRP B 34 13.71 1.89 3.30
C TRP B 34 13.03 2.61 4.46
N PHE B 35 12.01 1.96 5.03
CA PHE B 35 11.28 2.55 6.15
C PHE B 35 11.97 2.26 7.48
N THR B 36 12.76 1.19 7.51
CA THR B 36 13.49 0.81 8.72
C THR B 36 14.70 1.72 8.93
N GLU B 37 15.43 1.99 7.86
CA GLU B 37 16.60 2.85 7.93
C GLU B 37 16.23 4.26 8.37
N ASP B 38 17.01 4.82 9.29
CA ASP B 38 16.77 6.17 9.78
C ASP B 38 18.07 6.96 9.87
N PRO B 39 18.58 7.43 8.72
CA PRO B 39 19.82 8.21 8.67
C PRO B 39 19.66 9.60 9.28
N PRO A 1 -4.61 15.46 -6.82
CA PRO A 1 -4.64 15.20 -5.36
C PRO A 1 -6.02 14.76 -4.89
N SER A 2 -6.11 14.39 -3.62
CA SER A 2 -7.37 13.95 -3.03
C SER A 2 -7.95 12.78 -3.80
N HIS A 3 -7.82 11.58 -3.23
CA HIS A 3 -8.33 10.37 -3.87
C HIS A 3 -7.62 10.09 -5.18
N SER A 4 -6.35 10.46 -5.23
CA SER A 4 -5.52 10.25 -6.41
C SER A 4 -4.12 10.80 -6.19
N GLY A 5 -3.24 10.54 -7.14
CA GLY A 5 -1.89 11.02 -7.04
C GLY A 5 -0.92 10.13 -7.80
N ALA A 6 -0.28 10.71 -8.81
CA ALA A 6 0.69 9.97 -9.64
C ALA A 6 1.54 9.05 -8.78
N ALA A 7 1.44 7.74 -9.04
CA ALA A 7 2.20 6.76 -8.28
C ALA A 7 2.84 5.72 -9.19
N ILE A 8 3.96 5.15 -8.74
CA ILE A 8 4.67 4.14 -9.52
C ILE A 8 4.30 2.74 -9.04
N PHE A 9 3.87 1.91 -9.97
CA PHE A 9 3.50 0.54 -9.65
C PHE A 9 4.38 -0.45 -10.41
N GLU A 10 4.96 -1.40 -9.68
CA GLU A 10 5.84 -2.40 -10.29
C GLU A 10 7.01 -1.72 -11.00
N LYS A 11 7.50 -0.65 -10.42
CA LYS A 11 8.61 0.11 -10.99
C LYS A 11 8.14 0.89 -12.22
N VAL A 12 6.84 0.80 -12.51
CA VAL A 12 6.26 1.50 -13.64
C VAL A 12 5.53 2.72 -13.14
N SER A 13 5.54 3.75 -13.94
CA SER A 13 4.89 4.99 -13.56
C SER A 13 3.42 4.97 -13.94
N GLY A 14 2.62 5.62 -13.11
CA GLY A 14 1.19 5.69 -13.34
C GLY A 14 0.50 6.54 -12.30
N ILE A 15 -0.81 6.64 -12.41
CA ILE A 15 -1.59 7.42 -11.47
C ILE A 15 -2.32 6.51 -10.51
N ILE A 16 -2.31 6.89 -9.24
CA ILE A 16 -2.99 6.13 -8.24
C ILE A 16 -4.24 6.90 -7.84
N ALA A 17 -5.40 6.29 -8.07
CA ALA A 17 -6.65 6.94 -7.77
C ALA A 17 -7.52 6.09 -6.86
N ILE A 18 -7.93 6.67 -5.74
CA ILE A 18 -8.75 5.98 -4.75
C ILE A 18 -10.22 6.35 -4.92
N ASN A 19 -11.09 5.36 -4.79
CA ASN A 19 -12.53 5.59 -4.93
C ASN A 19 -13.29 4.96 -3.75
N GLU A 20 -13.87 5.80 -2.92
CA GLU A 20 -14.64 5.33 -1.77
C GLU A 20 -16.09 5.03 -2.15
N ASP A 21 -16.43 5.24 -3.41
CA ASP A 21 -17.78 4.98 -3.89
C ASP A 21 -18.00 3.48 -4.06
N VAL A 22 -16.90 2.73 -4.12
CA VAL A 22 -16.96 1.30 -4.28
C VAL A 22 -16.86 0.60 -2.93
N SER A 23 -17.73 -0.40 -2.72
CA SER A 23 -17.73 -1.14 -1.47
C SER A 23 -17.26 -2.58 -1.68
N PRO A 24 -16.12 -2.97 -1.06
CA PRO A 24 -15.33 -2.08 -0.20
C PRO A 24 -14.47 -1.12 -1.00
N ALA A 25 -14.15 0.02 -0.41
CA ALA A 25 -13.32 1.03 -1.07
C ALA A 25 -12.07 0.39 -1.67
N GLU A 26 -11.71 0.82 -2.88
CA GLU A 26 -10.54 0.28 -3.55
C GLU A 26 -9.68 1.38 -4.16
N LEU A 27 -8.44 1.03 -4.48
CA LEU A 27 -7.51 1.97 -5.08
C LEU A 27 -7.03 1.42 -6.42
N THR A 28 -7.19 2.21 -7.48
CA THR A 28 -6.79 1.77 -8.81
C THR A 28 -5.62 2.57 -9.37
N TRP A 29 -4.58 1.86 -9.79
CA TRP A 29 -3.41 2.47 -10.36
C TRP A 29 -3.46 2.37 -11.88
N ARG A 30 -3.25 3.50 -12.55
CA ARG A 30 -3.28 3.53 -14.00
C ARG A 30 -2.02 4.20 -14.55
N SER A 31 -1.23 3.45 -15.31
CA SER A 31 0.00 3.97 -15.89
C SER A 31 -0.22 5.36 -16.49
N THR A 32 0.84 6.15 -16.59
CA THR A 32 0.75 7.49 -17.15
C THR A 32 0.35 7.40 -18.60
N ASP A 33 0.93 6.42 -19.28
CA ASP A 33 0.67 6.19 -20.68
C ASP A 33 -0.64 5.45 -20.87
N GLY A 34 -1.05 4.69 -19.86
CA GLY A 34 -2.29 3.94 -19.93
C GLY A 34 -2.08 2.53 -20.47
N ASP A 35 -0.91 1.96 -20.19
CA ASP A 35 -0.60 0.61 -20.65
C ASP A 35 -0.75 -0.42 -19.53
N LYS A 36 -0.71 0.05 -18.29
CA LYS A 36 -0.84 -0.84 -17.14
C LYS A 36 -1.90 -0.33 -16.18
N VAL A 37 -2.72 -1.25 -15.66
CA VAL A 37 -3.77 -0.89 -14.72
C VAL A 37 -3.87 -1.91 -13.58
N HIS A 38 -3.93 -1.41 -12.35
CA HIS A 38 -4.03 -2.28 -11.18
C HIS A 38 -5.06 -1.75 -10.19
N THR A 39 -5.74 -2.67 -9.52
CA THR A 39 -6.76 -2.31 -8.53
C THR A 39 -6.50 -3.00 -7.19
N VAL A 40 -6.70 -2.26 -6.11
CA VAL A 40 -6.49 -2.79 -4.77
C VAL A 40 -7.70 -2.56 -3.87
N VAL A 41 -8.00 -3.56 -3.05
CA VAL A 41 -9.10 -3.47 -2.12
C VAL A 41 -8.60 -2.84 -0.82
N LEU A 42 -9.16 -1.69 -0.46
CA LEU A 42 -8.75 -0.97 0.74
C LEU A 42 -9.26 -1.65 2.01
N SER A 43 -10.41 -2.32 1.92
CA SER A 43 -11.00 -3.00 3.07
C SER A 43 -10.01 -3.96 3.72
N THR A 44 -9.03 -4.41 2.95
CA THR A 44 -8.03 -5.34 3.45
C THR A 44 -6.81 -4.59 3.96
N ILE A 45 -6.60 -3.39 3.45
CA ILE A 45 -5.46 -2.57 3.85
C ILE A 45 -5.53 -2.26 5.35
N ASP A 46 -5.02 -3.18 6.15
CA ASP A 46 -5.03 -3.02 7.60
C ASP A 46 -4.06 -1.93 8.05
N LYS A 47 -2.98 -1.73 7.29
CA LYS A 47 -1.99 -0.74 7.63
C LYS A 47 -1.50 0.03 6.40
N LEU A 48 -1.19 1.30 6.60
CA LEU A 48 -0.69 2.15 5.54
C LEU A 48 0.63 2.80 5.95
N GLN A 49 1.65 2.64 5.13
CA GLN A 49 2.97 3.21 5.44
C GLN A 49 3.41 4.19 4.36
N ALA A 50 4.18 5.18 4.77
CA ALA A 50 4.69 6.19 3.85
C ALA A 50 6.06 6.70 4.29
N THR A 51 6.90 7.04 3.31
CA THR A 51 8.23 7.53 3.60
C THR A 51 8.17 8.99 4.08
N PRO A 52 8.70 9.27 5.28
CA PRO A 52 8.69 10.62 5.85
C PRO A 52 9.45 11.62 5.00
N ALA A 53 9.18 12.90 5.21
CA ALA A 53 9.83 13.97 4.46
C ALA A 53 11.34 13.94 4.67
N SER A 54 11.75 13.73 5.92
CA SER A 54 13.17 13.68 6.26
C SER A 54 13.87 12.58 5.47
N SER A 55 13.11 11.57 5.08
CA SER A 55 13.64 10.46 4.31
C SER A 55 13.62 10.77 2.82
N GLU A 56 14.81 10.79 2.22
CA GLU A 56 14.93 11.07 0.79
C GLU A 56 14.08 10.08 -0.02
N LYS A 57 13.73 8.96 0.61
CA LYS A 57 12.93 7.95 -0.05
C LYS A 57 11.55 8.48 -0.42
N MET A 58 11.01 8.00 -1.53
CA MET A 58 9.70 8.43 -1.99
C MET A 58 8.84 7.22 -2.39
N MET A 59 8.17 6.62 -1.42
CA MET A 59 7.34 5.46 -1.69
C MET A 59 6.21 5.30 -0.65
N LEU A 60 5.25 4.45 -0.99
CA LEU A 60 4.11 4.18 -0.11
C LEU A 60 3.86 2.67 -0.02
N ARG A 61 3.80 2.15 1.19
CA ARG A 61 3.59 0.72 1.38
C ARG A 61 2.28 0.44 2.12
N LEU A 62 1.45 -0.42 1.54
CA LEU A 62 0.18 -0.80 2.14
C LEU A 62 0.25 -2.22 2.70
N ILE A 63 -0.43 -2.46 3.81
CA ILE A 63 -0.42 -3.77 4.44
C ILE A 63 -1.80 -4.42 4.34
N GLY A 64 -1.83 -5.63 3.80
CA GLY A 64 -3.08 -6.36 3.66
C GLY A 64 -3.37 -7.24 4.86
N LYS A 65 -4.58 -7.14 5.38
CA LYS A 65 -5.00 -7.93 6.54
C LYS A 65 -4.54 -9.39 6.42
N VAL A 66 -4.05 -9.94 7.52
CA VAL A 66 -3.57 -11.31 7.54
C VAL A 66 -4.67 -12.28 7.99
N ASP A 67 -4.26 -13.47 8.39
CA ASP A 67 -5.19 -14.49 8.85
C ASP A 67 -4.43 -15.63 9.52
N GLU A 68 -3.93 -15.37 10.73
CA GLU A 68 -3.17 -16.36 11.47
C GLU A 68 -3.96 -17.65 11.65
N SER A 69 -5.27 -17.55 11.54
CA SER A 69 -6.14 -18.72 11.68
C SER A 69 -5.77 -19.82 10.68
N LYS A 70 -5.03 -19.43 9.63
CA LYS A 70 -4.62 -20.38 8.61
C LYS A 70 -3.73 -21.47 9.21
N LYS A 71 -2.67 -21.07 9.89
CA LYS A 71 -1.75 -22.02 10.50
C LYS A 71 -1.12 -22.91 9.46
N ARG A 72 0.06 -22.52 8.98
CA ARG A 72 0.77 -23.30 7.97
C ARG A 72 2.04 -23.92 8.56
N LYS A 73 2.36 -25.12 8.12
CA LYS A 73 3.55 -25.82 8.60
C LYS A 73 4.72 -25.67 7.64
N ASP A 74 5.92 -25.58 8.18
CA ASP A 74 7.12 -25.43 7.37
C ASP A 74 7.67 -26.79 6.94
N ASN A 75 8.71 -26.78 6.12
CA ASN A 75 9.33 -28.01 5.64
C ASN A 75 9.95 -28.80 6.79
N GLU A 76 10.21 -28.13 7.90
CA GLU A 76 10.80 -28.77 9.06
C GLU A 76 9.74 -29.41 9.96
N GLY A 77 8.50 -29.40 9.51
CA GLY A 77 7.42 -29.97 10.29
C GLY A 77 6.97 -29.08 11.43
N ASN A 78 7.38 -27.81 11.39
CA ASN A 78 7.01 -26.85 12.42
C ASN A 78 5.92 -25.91 11.92
N GLU A 79 5.07 -25.45 12.83
CA GLU A 79 4.00 -24.53 12.46
C GLU A 79 4.51 -23.10 12.41
N VAL A 80 3.99 -22.33 11.44
CA VAL A 80 4.40 -20.94 11.28
C VAL A 80 3.19 -20.04 11.08
N VAL A 81 3.38 -18.75 11.35
CA VAL A 81 2.32 -17.77 11.17
C VAL A 81 2.54 -17.00 9.87
N PRO A 82 1.84 -17.39 8.78
CA PRO A 82 1.98 -16.75 7.49
C PRO A 82 2.04 -15.22 7.59
N LYS A 83 2.83 -14.61 6.71
CA LYS A 83 2.98 -13.16 6.70
C LYS A 83 1.83 -12.50 5.95
N PRO A 84 1.45 -11.28 6.37
CA PRO A 84 0.35 -10.53 5.76
C PRO A 84 0.74 -9.92 4.42
N GLN A 85 -0.27 -9.58 3.62
CA GLN A 85 -0.04 -8.98 2.31
C GLN A 85 0.62 -7.61 2.45
N ARG A 86 1.41 -7.23 1.45
CA ARG A 86 2.09 -5.94 1.46
C ARG A 86 2.31 -5.41 0.05
N HIS A 87 1.76 -4.23 -0.22
CA HIS A 87 1.90 -3.60 -1.53
C HIS A 87 3.01 -2.56 -1.51
N MET A 88 3.54 -2.23 -2.68
CA MET A 88 4.61 -1.24 -2.78
C MET A 88 4.35 -0.25 -3.90
N PHE A 89 4.51 1.05 -3.58
CA PHE A 89 4.30 2.11 -4.55
C PHE A 89 5.39 3.17 -4.40
N SER A 90 5.78 3.78 -5.52
CA SER A 90 6.80 4.82 -5.48
C SER A 90 6.28 6.13 -6.06
N PHE A 91 6.55 7.23 -5.35
CA PHE A 91 6.12 8.55 -5.79
C PHE A 91 7.31 9.50 -5.92
N ASN A 92 7.06 10.67 -6.48
CA ASN A 92 8.12 11.67 -6.66
C ASN A 92 7.68 13.04 -6.15
N ASN A 93 6.67 13.05 -5.28
CA ASN A 93 6.16 14.30 -4.73
C ASN A 93 5.54 14.06 -3.35
N ARG A 94 6.18 14.64 -2.32
CA ARG A 94 5.68 14.48 -0.96
C ARG A 94 4.23 14.93 -0.85
N THR A 95 3.86 15.91 -1.65
CA THR A 95 2.53 16.44 -1.67
C THR A 95 1.54 15.41 -2.20
N VAL A 96 1.80 14.90 -3.40
CA VAL A 96 0.93 13.90 -4.01
C VAL A 96 0.84 12.67 -3.11
N MET A 97 2.00 12.19 -2.66
CA MET A 97 2.03 11.04 -1.78
C MET A 97 1.34 11.35 -0.46
N ASP A 98 1.39 12.63 -0.07
CA ASP A 98 0.75 13.07 1.16
C ASP A 98 -0.76 12.91 1.07
N ASN A 99 -1.29 13.11 -0.13
CA ASN A 99 -2.73 12.99 -0.36
C ASN A 99 -3.15 11.53 -0.24
N ILE A 100 -2.33 10.64 -0.78
CA ILE A 100 -2.63 9.20 -0.74
C ILE A 100 -2.60 8.69 0.70
N LYS A 101 -1.50 8.98 1.39
CA LYS A 101 -1.34 8.56 2.79
C LYS A 101 -2.40 9.21 3.67
N MET A 102 -2.86 10.38 3.26
CA MET A 102 -3.88 11.12 4.01
C MET A 102 -5.27 10.53 3.73
N THR A 103 -5.51 10.19 2.47
CA THR A 103 -6.80 9.62 2.09
C THR A 103 -6.91 8.17 2.53
N LEU A 104 -5.80 7.45 2.46
CA LEU A 104 -5.78 6.05 2.87
C LEU A 104 -6.13 5.89 4.34
N GLN A 105 -5.60 6.80 5.15
CA GLN A 105 -5.87 6.77 6.60
C GLN A 105 -7.34 6.96 6.88
N GLN A 106 -8.03 7.65 5.99
CA GLN A 106 -9.45 7.91 6.13
C GLN A 106 -10.26 6.62 5.97
N ILE A 107 -9.86 5.81 5.00
CA ILE A 107 -10.55 4.54 4.73
C ILE A 107 -10.41 3.58 5.91
N ILE A 108 -9.20 3.46 6.43
CA ILE A 108 -8.95 2.58 7.57
C ILE A 108 -9.82 3.01 8.73
N SER A 109 -9.58 4.24 9.16
CA SER A 109 -10.31 4.84 10.26
C SER A 109 -11.82 4.70 10.05
N ARG A 110 -12.22 4.66 8.79
CA ARG A 110 -13.64 4.53 8.45
C ARG A 110 -14.16 3.14 8.84
N TYR A 111 -13.28 2.16 8.71
CA TYR A 111 -13.62 0.78 9.05
C TYR A 111 -12.97 0.38 10.39
N LYS A 112 -12.22 1.28 10.97
CA LYS A 112 -11.54 1.03 12.24
C LYS A 112 -12.19 1.80 13.38
N ASP A 113 -12.71 2.98 13.06
CA ASP A 113 -13.37 3.82 14.05
C ASP A 113 -14.61 3.12 14.60
N ALA A 114 -15.30 2.39 13.74
CA ALA A 114 -16.52 1.67 14.13
C ALA A 114 -16.21 0.64 15.20
N ASP A 115 -15.02 0.04 15.13
CA ASP A 115 -14.61 -0.97 16.09
C ASP A 115 -13.27 -0.61 16.72
N LEU B 26 18.01 -7.04 -3.93
CA LEU B 26 18.44 -8.42 -3.62
C LEU B 26 17.39 -9.15 -2.79
N SER B 27 17.14 -8.65 -1.58
CA SER B 27 16.16 -9.26 -0.69
C SER B 27 15.18 -8.21 -0.17
N PRO B 28 14.04 -8.65 0.38
CA PRO B 28 13.01 -7.74 0.92
C PRO B 28 13.56 -6.82 2.00
N ASP B 29 14.44 -7.37 2.84
CA ASP B 29 15.04 -6.60 3.92
C ASP B 29 15.64 -5.30 3.40
N ASP B 30 15.97 -5.29 2.11
CA ASP B 30 16.55 -4.10 1.48
C ASP B 30 15.54 -2.96 1.46
N ILE B 31 14.31 -3.28 1.09
CA ILE B 31 13.24 -2.28 1.03
C ILE B 31 12.84 -1.80 2.43
N GLU B 32 13.11 -2.64 3.42
CA GLU B 32 12.77 -2.31 4.80
C GLU B 32 13.53 -1.07 5.27
N GLN B 33 14.74 -0.89 4.75
CA GLN B 33 15.57 0.26 5.12
C GLN B 33 15.00 1.55 4.55
N TRP B 34 14.32 1.45 3.40
CA TRP B 34 13.73 2.62 2.77
C TRP B 34 12.80 3.36 3.73
N PHE B 35 12.26 2.62 4.69
CA PHE B 35 11.36 3.19 5.68
C PHE B 35 12.00 3.22 7.06
N THR B 36 13.04 2.42 7.25
CA THR B 36 13.74 2.36 8.53
C THR B 36 14.82 3.45 8.61
N GLU B 37 15.55 3.63 7.52
CA GLU B 37 16.61 4.64 7.47
C GLU B 37 16.03 6.03 7.71
N ASP B 38 16.79 6.85 8.43
CA ASP B 38 16.37 8.22 8.73
C ASP B 38 17.45 9.22 8.34
N PRO B 39 17.59 9.50 7.03
CA PRO B 39 18.59 10.44 6.53
C PRO B 39 18.51 11.79 7.23
N PRO A 1 -5.31 17.06 -4.52
CA PRO A 1 -4.81 15.68 -4.71
C PRO A 1 -5.52 14.69 -3.79
N SER A 2 -6.84 14.84 -3.65
CA SER A 2 -7.63 13.96 -2.82
C SER A 2 -8.11 12.75 -3.61
N HIS A 3 -7.84 11.56 -3.08
CA HIS A 3 -8.25 10.32 -3.73
C HIS A 3 -7.53 10.13 -5.05
N SER A 4 -6.27 10.54 -5.10
CA SER A 4 -5.45 10.41 -6.29
C SER A 4 -4.05 10.92 -6.05
N GLY A 5 -3.09 10.37 -6.78
CA GLY A 5 -1.72 10.79 -6.64
C GLY A 5 -0.79 9.96 -7.49
N ALA A 6 -0.13 10.63 -8.44
CA ALA A 6 0.78 9.96 -9.35
C ALA A 6 1.74 9.05 -8.59
N ALA A 7 1.48 7.75 -8.68
CA ALA A 7 2.29 6.75 -7.99
C ALA A 7 2.95 5.78 -8.97
N ILE A 8 4.10 5.23 -8.59
CA ILE A 8 4.80 4.27 -9.43
C ILE A 8 4.54 2.85 -8.96
N PHE A 9 4.07 2.02 -9.87
CA PHE A 9 3.78 0.63 -9.55
C PHE A 9 4.73 -0.32 -10.28
N GLU A 10 5.31 -1.25 -9.52
CA GLU A 10 6.24 -2.22 -10.09
C GLU A 10 7.38 -1.53 -10.81
N LYS A 11 7.81 -0.38 -10.28
CA LYS A 11 8.89 0.40 -10.89
C LYS A 11 8.38 1.13 -12.12
N VAL A 12 7.09 0.98 -12.41
CA VAL A 12 6.47 1.65 -13.54
C VAL A 12 5.74 2.88 -13.06
N SER A 13 5.57 3.83 -13.95
CA SER A 13 4.90 5.06 -13.59
C SER A 13 3.43 5.07 -13.99
N GLY A 14 2.65 5.77 -13.19
CA GLY A 14 1.22 5.90 -13.42
C GLY A 14 0.58 6.66 -12.28
N ILE A 15 -0.74 6.85 -12.35
CA ILE A 15 -1.42 7.56 -11.28
C ILE A 15 -2.21 6.60 -10.43
N ILE A 16 -2.22 6.87 -9.13
CA ILE A 16 -2.95 6.04 -8.20
C ILE A 16 -4.19 6.81 -7.75
N ALA A 17 -5.35 6.25 -8.03
CA ALA A 17 -6.60 6.90 -7.67
C ALA A 17 -7.41 6.04 -6.72
N ILE A 18 -8.00 6.68 -5.71
CA ILE A 18 -8.79 5.99 -4.72
C ILE A 18 -10.27 6.34 -4.85
N ASN A 19 -11.13 5.34 -4.69
CA ASN A 19 -12.57 5.55 -4.80
C ASN A 19 -13.30 4.91 -3.61
N GLU A 20 -13.88 5.76 -2.77
CA GLU A 20 -14.62 5.28 -1.60
C GLU A 20 -16.10 5.10 -1.92
N ASP A 21 -16.47 5.31 -3.18
CA ASP A 21 -17.84 5.16 -3.62
C ASP A 21 -18.17 3.68 -3.83
N VAL A 22 -17.12 2.87 -3.95
CA VAL A 22 -17.30 1.44 -4.15
C VAL A 22 -17.12 0.68 -2.84
N SER A 23 -17.93 -0.36 -2.66
CA SER A 23 -17.86 -1.17 -1.44
C SER A 23 -17.41 -2.60 -1.78
N PRO A 24 -16.24 -3.03 -1.26
CA PRO A 24 -15.38 -2.22 -0.41
C PRO A 24 -14.51 -1.26 -1.23
N ALA A 25 -14.30 -0.05 -0.70
CA ALA A 25 -13.49 0.95 -1.38
C ALA A 25 -12.18 0.34 -1.90
N GLU A 26 -11.76 0.77 -3.09
CA GLU A 26 -10.54 0.24 -3.69
C GLU A 26 -9.68 1.35 -4.29
N LEU A 27 -8.44 1.00 -4.61
CA LEU A 27 -7.50 1.94 -5.20
C LEU A 27 -7.03 1.42 -6.55
N THR A 28 -7.10 2.27 -7.57
CA THR A 28 -6.71 1.86 -8.91
C THR A 28 -5.52 2.67 -9.44
N TRP A 29 -4.48 1.96 -9.88
CA TRP A 29 -3.29 2.56 -10.42
C TRP A 29 -3.33 2.50 -11.94
N ARG A 30 -3.12 3.64 -12.59
CA ARG A 30 -3.14 3.69 -14.04
C ARG A 30 -1.84 4.30 -14.58
N SER A 31 -1.10 3.50 -15.34
CA SER A 31 0.17 3.95 -15.92
C SER A 31 0.01 5.34 -16.54
N THR A 32 1.13 5.98 -16.85
CA THR A 32 1.12 7.30 -17.46
C THR A 32 0.67 7.18 -18.90
N ASP A 33 1.18 6.16 -19.56
CA ASP A 33 0.87 5.90 -20.95
C ASP A 33 -0.43 5.09 -21.07
N GLY A 34 -0.81 4.42 -19.98
CA GLY A 34 -2.02 3.64 -19.98
C GLY A 34 -1.78 2.22 -20.47
N ASP A 35 -0.60 1.68 -20.19
CA ASP A 35 -0.26 0.33 -20.59
C ASP A 35 -0.42 -0.67 -19.45
N LYS A 36 -0.38 -0.17 -18.23
CA LYS A 36 -0.51 -1.03 -17.04
C LYS A 36 -1.55 -0.47 -16.08
N VAL A 37 -2.39 -1.34 -15.54
CA VAL A 37 -3.43 -0.93 -14.60
C VAL A 37 -3.54 -1.93 -13.44
N HIS A 38 -3.58 -1.41 -12.23
CA HIS A 38 -3.70 -2.26 -11.04
C HIS A 38 -4.78 -1.75 -10.10
N THR A 39 -5.45 -2.68 -9.44
CA THR A 39 -6.52 -2.34 -8.50
C THR A 39 -6.30 -3.03 -7.16
N VAL A 40 -6.47 -2.28 -6.08
CA VAL A 40 -6.31 -2.83 -4.73
C VAL A 40 -7.53 -2.55 -3.87
N VAL A 41 -7.89 -3.53 -3.06
CA VAL A 41 -9.02 -3.39 -2.15
C VAL A 41 -8.53 -2.74 -0.87
N LEU A 42 -9.07 -1.56 -0.57
CA LEU A 42 -8.67 -0.81 0.62
C LEU A 42 -9.26 -1.40 1.90
N SER A 43 -10.46 -1.98 1.78
CA SER A 43 -11.13 -2.57 2.94
C SER A 43 -10.26 -3.58 3.67
N THR A 44 -9.29 -4.14 2.97
CA THR A 44 -8.39 -5.12 3.57
C THR A 44 -7.14 -4.45 4.14
N ILE A 45 -6.84 -3.25 3.65
CA ILE A 45 -5.67 -2.51 4.13
C ILE A 45 -5.73 -2.29 5.64
N ASP A 46 -5.22 -3.28 6.38
CA ASP A 46 -5.22 -3.21 7.83
C ASP A 46 -4.32 -2.07 8.32
N LYS A 47 -3.26 -1.79 7.57
CA LYS A 47 -2.33 -0.72 7.93
C LYS A 47 -1.83 0.02 6.71
N LEU A 48 -1.52 1.31 6.88
CA LEU A 48 -1.01 2.14 5.80
C LEU A 48 0.21 2.91 6.28
N GLN A 49 1.32 2.79 5.55
CA GLN A 49 2.54 3.46 5.92
C GLN A 49 3.23 4.08 4.71
N ALA A 50 4.09 5.06 4.96
CA ALA A 50 4.82 5.76 3.91
C ALA A 50 6.19 6.20 4.39
N THR A 51 7.04 6.59 3.45
CA THR A 51 8.39 7.04 3.78
C THR A 51 8.36 8.45 4.37
N PRO A 52 9.30 8.76 5.28
CA PRO A 52 9.37 10.09 5.91
C PRO A 52 9.72 11.19 4.91
N ALA A 53 9.23 12.40 5.17
CA ALA A 53 9.49 13.53 4.30
C ALA A 53 10.98 13.87 4.28
N SER A 54 11.64 13.72 5.43
CA SER A 54 13.06 14.02 5.53
C SER A 54 13.87 13.14 4.58
N SER A 55 13.32 11.98 4.26
CA SER A 55 13.99 11.04 3.36
C SER A 55 13.66 11.36 1.91
N GLU A 56 14.68 11.70 1.14
CA GLU A 56 14.50 12.02 -0.27
C GLU A 56 13.86 10.84 -1.00
N LYS A 57 13.92 9.66 -0.38
CA LYS A 57 13.34 8.46 -0.97
C LYS A 57 11.85 8.37 -0.65
N MET A 58 11.04 8.18 -1.68
CA MET A 58 9.60 8.06 -1.50
C MET A 58 9.16 6.61 -1.58
N MET A 59 8.08 6.28 -0.87
CA MET A 59 7.55 4.92 -0.86
C MET A 59 6.34 4.79 0.07
N LEU A 60 5.34 4.05 -0.39
CA LEU A 60 4.12 3.84 0.39
C LEU A 60 3.85 2.35 0.53
N ARG A 61 3.74 1.87 1.77
CA ARG A 61 3.49 0.45 2.02
C ARG A 61 2.08 0.22 2.57
N LEU A 62 1.32 -0.63 1.88
CA LEU A 62 -0.04 -0.96 2.29
C LEU A 62 -0.11 -2.39 2.81
N ILE A 63 -0.66 -2.57 4.00
CA ILE A 63 -0.78 -3.89 4.60
C ILE A 63 -2.22 -4.39 4.53
N GLY A 64 -2.41 -5.55 3.91
CA GLY A 64 -3.75 -6.11 3.82
C GLY A 64 -4.25 -6.60 5.16
N LYS A 65 -4.72 -7.84 5.19
CA LYS A 65 -5.22 -8.43 6.42
C LYS A 65 -4.60 -9.81 6.64
N VAL A 66 -4.54 -10.25 7.89
CA VAL A 66 -3.97 -11.55 8.22
C VAL A 66 -5.00 -12.45 8.89
N ASP A 67 -4.52 -13.52 9.52
CA ASP A 67 -5.37 -14.47 10.20
C ASP A 67 -4.54 -15.56 10.86
N GLU A 68 -3.90 -15.22 11.97
CA GLU A 68 -3.06 -16.17 12.69
C GLU A 68 -3.82 -17.44 13.03
N SER A 69 -5.14 -17.36 13.07
CA SER A 69 -5.97 -18.50 13.38
C SER A 69 -5.74 -19.64 12.38
N LYS A 70 -5.15 -19.30 11.24
CA LYS A 70 -4.87 -20.29 10.20
C LYS A 70 -3.70 -21.19 10.61
N LYS A 71 -2.54 -20.59 10.81
CA LYS A 71 -1.35 -21.33 11.20
C LYS A 71 -0.95 -22.34 10.13
N ARG A 72 -0.04 -21.92 9.25
CA ARG A 72 0.43 -22.79 8.17
C ARG A 72 1.74 -23.46 8.54
N LYS A 73 1.89 -24.72 8.15
CA LYS A 73 3.10 -25.48 8.44
C LYS A 73 4.23 -25.10 7.49
N ASP A 74 5.45 -25.10 8.00
CA ASP A 74 6.61 -24.76 7.20
C ASP A 74 7.32 -26.02 6.68
N ASN A 75 8.33 -25.82 5.86
CA ASN A 75 9.09 -26.93 5.28
C ASN A 75 9.73 -27.80 6.38
N GLU A 76 9.87 -27.22 7.57
CA GLU A 76 10.48 -27.94 8.69
C GLU A 76 9.43 -28.75 9.46
N GLY A 77 8.21 -28.81 8.93
CA GLY A 77 7.16 -29.56 9.59
C GLY A 77 6.63 -28.86 10.83
N ASN A 78 6.97 -27.58 10.97
CA ASN A 78 6.52 -26.80 12.12
C ASN A 78 5.52 -25.73 11.69
N GLU A 79 4.55 -25.46 12.56
CA GLU A 79 3.52 -24.45 12.27
C GLU A 79 4.10 -23.05 12.34
N VAL A 80 3.63 -22.18 11.44
CA VAL A 80 4.08 -20.80 11.39
C VAL A 80 2.93 -19.85 11.11
N VAL A 81 3.07 -18.63 11.61
CA VAL A 81 2.08 -17.60 11.40
C VAL A 81 2.32 -16.90 10.07
N PRO A 82 1.46 -17.13 9.07
CA PRO A 82 1.62 -16.52 7.75
C PRO A 82 1.69 -15.00 7.81
N LYS A 83 2.47 -14.41 6.92
CA LYS A 83 2.62 -12.96 6.88
C LYS A 83 1.48 -12.31 6.09
N PRO A 84 1.09 -11.10 6.48
CA PRO A 84 0.00 -10.36 5.84
C PRO A 84 0.39 -9.79 4.48
N GLN A 85 -0.60 -9.50 3.65
CA GLN A 85 -0.36 -8.95 2.32
C GLN A 85 0.26 -7.56 2.42
N ARG A 86 1.27 -7.31 1.61
CA ARG A 86 1.94 -6.01 1.62
C ARG A 86 2.16 -5.50 0.19
N HIS A 87 1.93 -4.20 0.00
CA HIS A 87 2.12 -3.57 -1.30
C HIS A 87 3.19 -2.49 -1.23
N MET A 88 3.79 -2.18 -2.37
CA MET A 88 4.84 -1.16 -2.42
C MET A 88 4.62 -0.19 -3.57
N PHE A 89 4.48 1.08 -3.24
CA PHE A 89 4.27 2.12 -4.24
C PHE A 89 5.31 3.23 -4.09
N SER A 90 5.90 3.64 -5.20
CA SER A 90 6.91 4.69 -5.18
C SER A 90 6.36 6.00 -5.75
N PHE A 91 6.61 7.09 -5.05
CA PHE A 91 6.15 8.41 -5.48
C PHE A 91 7.32 9.37 -5.64
N ASN A 92 7.06 10.54 -6.22
CA ASN A 92 8.10 11.53 -6.41
C ASN A 92 7.76 12.85 -5.72
N ASN A 93 6.46 13.07 -5.48
CA ASN A 93 6.00 14.27 -4.82
C ASN A 93 5.53 13.95 -3.40
N ARG A 94 6.39 14.23 -2.42
CA ARG A 94 6.06 13.97 -1.03
C ARG A 94 4.68 14.50 -0.68
N THR A 95 4.28 15.56 -1.35
CA THR A 95 2.99 16.17 -1.14
C THR A 95 1.86 15.30 -1.69
N VAL A 96 2.03 14.82 -2.91
CA VAL A 96 1.02 13.96 -3.53
C VAL A 96 0.83 12.70 -2.71
N MET A 97 1.93 12.03 -2.39
CA MET A 97 1.86 10.81 -1.60
C MET A 97 1.29 11.13 -0.23
N ASP A 98 1.53 12.36 0.24
CA ASP A 98 1.02 12.79 1.53
C ASP A 98 -0.50 12.71 1.55
N ASN A 99 -1.09 13.00 0.40
CA ASN A 99 -2.54 12.94 0.26
C ASN A 99 -3.00 11.49 0.28
N ILE A 100 -2.17 10.61 -0.27
CA ILE A 100 -2.48 9.18 -0.31
C ILE A 100 -2.60 8.62 1.10
N LYS A 101 -1.63 8.94 1.95
CA LYS A 101 -1.65 8.48 3.33
C LYS A 101 -2.80 9.12 4.10
N MET A 102 -3.18 10.32 3.66
CA MET A 102 -4.26 11.07 4.28
C MET A 102 -5.60 10.53 3.84
N THR A 103 -5.70 10.17 2.56
CA THR A 103 -6.94 9.64 2.01
C THR A 103 -7.13 8.19 2.43
N LEU A 104 -6.03 7.42 2.43
CA LEU A 104 -6.10 6.01 2.81
C LEU A 104 -6.51 5.88 4.27
N GLN A 105 -6.02 6.81 5.10
CA GLN A 105 -6.34 6.79 6.52
C GLN A 105 -7.84 7.00 6.75
N GLN A 106 -8.47 7.71 5.84
CA GLN A 106 -9.90 7.97 5.93
C GLN A 106 -10.71 6.71 5.70
N ILE A 107 -10.18 5.80 4.89
CA ILE A 107 -10.86 4.55 4.59
C ILE A 107 -10.73 3.56 5.75
N ILE A 108 -9.53 3.41 6.27
CA ILE A 108 -9.30 2.50 7.39
C ILE A 108 -10.19 2.88 8.54
N SER A 109 -9.99 4.09 9.03
CA SER A 109 -10.78 4.62 10.12
C SER A 109 -12.26 4.45 9.85
N ARG A 110 -12.61 4.44 8.57
CA ARG A 110 -14.00 4.28 8.16
C ARG A 110 -14.52 2.90 8.55
N TYR A 111 -13.63 1.92 8.47
CA TYR A 111 -13.97 0.54 8.81
C TYR A 111 -13.74 0.28 10.29
N LYS A 112 -12.75 0.95 10.87
CA LYS A 112 -12.43 0.79 12.27
C LYS A 112 -13.58 1.28 13.14
N ASP A 113 -14.16 2.41 12.76
CA ASP A 113 -15.27 3.00 13.49
C ASP A 113 -16.45 2.03 13.56
N ALA A 114 -16.67 1.31 12.48
CA ALA A 114 -17.77 0.34 12.42
C ALA A 114 -17.58 -0.78 13.44
N ASP A 115 -16.31 -1.13 13.70
CA ASP A 115 -16.00 -2.18 14.64
C ASP A 115 -15.41 -1.61 15.93
N LEU B 26 17.49 -6.62 -3.83
CA LEU B 26 17.59 -8.11 -3.87
C LEU B 26 16.39 -8.76 -3.19
N SER B 27 16.17 -8.41 -1.93
CA SER B 27 15.07 -8.97 -1.16
C SER B 27 14.16 -7.86 -0.63
N PRO B 28 12.92 -8.19 -0.26
CA PRO B 28 11.96 -7.21 0.26
C PRO B 28 12.53 -6.40 1.42
N ASP B 29 13.26 -7.08 2.30
CA ASP B 29 13.86 -6.43 3.46
C ASP B 29 14.76 -5.28 3.03
N ASP B 30 15.30 -5.38 1.83
CA ASP B 30 16.18 -4.33 1.30
C ASP B 30 15.43 -3.02 1.12
N ILE B 31 14.21 -3.11 0.59
CA ILE B 31 13.39 -1.93 0.37
C ILE B 31 12.90 -1.35 1.68
N GLU B 32 12.80 -2.20 2.70
CA GLU B 32 12.34 -1.76 4.02
C GLU B 32 13.34 -0.79 4.65
N GLN B 33 14.62 -0.99 4.34
CA GLN B 33 15.67 -0.13 4.87
C GLN B 33 15.53 1.29 4.34
N TRP B 34 14.97 1.43 3.15
CA TRP B 34 14.78 2.74 2.54
C TRP B 34 14.00 3.67 3.46
N PHE B 35 13.11 3.08 4.25
CA PHE B 35 12.29 3.85 5.19
C PHE B 35 13.10 4.26 6.42
N THR B 36 14.01 3.38 6.83
CA THR B 36 14.84 3.66 8.00
C THR B 36 16.03 4.54 7.62
N GLU B 37 16.77 4.12 6.60
CA GLU B 37 17.93 4.87 6.13
C GLU B 37 17.51 6.04 5.26
N ASP B 38 18.22 7.16 5.39
CA ASP B 38 17.93 8.35 4.61
C ASP B 38 19.19 8.91 3.96
N PRO B 39 19.03 9.74 2.92
CA PRO B 39 20.17 10.34 2.20
C PRO B 39 21.15 11.02 3.14
N PRO A 1 -4.61 15.05 -6.77
CA PRO A 1 -4.71 15.01 -5.29
C PRO A 1 -6.11 14.64 -4.83
N SER A 2 -6.24 14.29 -3.55
CA SER A 2 -7.53 13.92 -2.98
C SER A 2 -8.12 12.73 -3.72
N HIS A 3 -7.96 11.54 -3.14
CA HIS A 3 -8.48 10.32 -3.74
C HIS A 3 -7.79 10.03 -5.07
N SER A 4 -6.53 10.39 -5.14
CA SER A 4 -5.72 10.17 -6.33
C SER A 4 -4.31 10.70 -6.14
N GLY A 5 -3.45 10.46 -7.12
CA GLY A 5 -2.09 10.92 -7.03
C GLY A 5 -1.15 10.06 -7.84
N ALA A 6 -0.48 10.69 -8.80
CA ALA A 6 0.46 9.99 -9.66
C ALA A 6 1.41 9.13 -8.85
N ALA A 7 1.18 7.81 -8.90
CA ALA A 7 2.01 6.86 -8.17
C ALA A 7 2.69 5.85 -9.08
N ILE A 8 3.85 5.35 -8.66
CA ILE A 8 4.58 4.37 -9.45
C ILE A 8 4.32 2.97 -8.92
N PHE A 9 3.85 2.10 -9.80
CA PHE A 9 3.57 0.72 -9.42
C PHE A 9 4.53 -0.25 -10.10
N GLU A 10 5.12 -1.14 -9.31
CA GLU A 10 6.06 -2.12 -9.83
C GLU A 10 7.21 -1.45 -10.57
N LYS A 11 7.61 -0.27 -10.09
CA LYS A 11 8.67 0.49 -10.73
C LYS A 11 8.17 1.17 -12.00
N VAL A 12 6.88 0.99 -12.29
CA VAL A 12 6.27 1.60 -13.45
C VAL A 12 5.51 2.83 -13.03
N SER A 13 5.35 3.75 -13.95
CA SER A 13 4.67 4.98 -13.65
C SER A 13 3.20 4.96 -14.06
N GLY A 14 2.41 5.68 -13.29
CA GLY A 14 0.98 5.78 -13.53
C GLY A 14 0.31 6.57 -12.44
N ILE A 15 -1.00 6.73 -12.52
CA ILE A 15 -1.70 7.48 -11.49
C ILE A 15 -2.49 6.54 -10.60
N ILE A 16 -2.52 6.86 -9.32
CA ILE A 16 -3.24 6.07 -8.35
C ILE A 16 -4.49 6.83 -7.94
N ALA A 17 -5.64 6.24 -8.20
CA ALA A 17 -6.91 6.89 -7.88
C ALA A 17 -7.74 6.03 -6.94
N ILE A 18 -8.28 6.67 -5.91
CA ILE A 18 -9.09 5.98 -4.91
C ILE A 18 -10.56 6.38 -5.02
N ASN A 19 -11.45 5.41 -4.85
CA ASN A 19 -12.89 5.66 -4.93
C ASN A 19 -13.60 5.09 -3.72
N GLU A 20 -14.14 5.97 -2.89
CA GLU A 20 -14.87 5.55 -1.69
C GLU A 20 -16.34 5.29 -1.99
N ASP A 21 -16.70 5.36 -3.27
CA ASP A 21 -18.07 5.10 -3.68
C ASP A 21 -18.37 3.61 -3.70
N VAL A 22 -17.30 2.81 -3.74
CA VAL A 22 -17.43 1.36 -3.76
C VAL A 22 -17.20 0.77 -2.37
N SER A 23 -17.90 -0.31 -2.07
CA SER A 23 -17.78 -0.96 -0.76
C SER A 23 -17.34 -2.43 -0.93
N PRO A 24 -16.14 -2.78 -0.44
CA PRO A 24 -15.23 -1.85 0.24
C PRO A 24 -14.49 -0.96 -0.75
N ALA A 25 -14.24 0.29 -0.36
CA ALA A 25 -13.54 1.24 -1.21
C ALA A 25 -12.33 0.59 -1.88
N GLU A 26 -12.10 0.93 -3.15
CA GLU A 26 -10.98 0.36 -3.89
C GLU A 26 -10.08 1.44 -4.47
N LEU A 27 -8.84 1.06 -4.75
CA LEU A 27 -7.85 1.97 -5.31
C LEU A 27 -7.35 1.41 -6.64
N THR A 28 -7.38 2.23 -7.69
CA THR A 28 -6.95 1.79 -9.00
C THR A 28 -5.78 2.60 -9.53
N TRP A 29 -4.72 1.89 -9.91
CA TRP A 29 -3.52 2.51 -10.45
C TRP A 29 -3.52 2.38 -11.97
N ARG A 30 -3.34 3.49 -12.66
CA ARG A 30 -3.33 3.48 -14.11
C ARG A 30 -2.02 4.04 -14.65
N SER A 31 -1.26 3.20 -15.36
CA SER A 31 0.01 3.60 -15.93
C SER A 31 -0.11 4.95 -16.64
N THR A 32 1.03 5.59 -16.89
CA THR A 32 1.03 6.88 -17.57
C THR A 32 0.69 6.68 -19.03
N ASP A 33 1.25 5.64 -19.60
CA ASP A 33 1.02 5.29 -20.99
C ASP A 33 -0.30 4.53 -21.16
N GLY A 34 -0.76 3.93 -20.06
CA GLY A 34 -1.99 3.15 -20.11
C GLY A 34 -1.75 1.72 -20.55
N ASP A 35 -0.62 1.16 -20.16
CA ASP A 35 -0.28 -0.20 -20.53
C ASP A 35 -0.46 -1.16 -19.36
N LYS A 36 -0.50 -0.62 -18.14
CA LYS A 36 -0.67 -1.45 -16.95
C LYS A 36 -1.68 -0.83 -15.99
N VAL A 37 -2.48 -1.67 -15.36
CA VAL A 37 -3.49 -1.22 -14.41
C VAL A 37 -3.54 -2.14 -13.19
N HIS A 38 -3.66 -1.56 -12.01
CA HIS A 38 -3.73 -2.33 -10.77
C HIS A 38 -4.83 -1.82 -9.86
N THR A 39 -5.46 -2.74 -9.13
CA THR A 39 -6.53 -2.38 -8.22
C THR A 39 -6.30 -2.97 -6.83
N VAL A 40 -6.51 -2.15 -5.80
CA VAL A 40 -6.33 -2.61 -4.42
C VAL A 40 -7.46 -2.16 -3.52
N VAL A 41 -7.88 -3.07 -2.64
CA VAL A 41 -8.93 -2.77 -1.68
C VAL A 41 -8.31 -2.17 -0.41
N LEU A 42 -8.68 -0.93 -0.10
CA LEU A 42 -8.14 -0.26 1.06
C LEU A 42 -8.74 -0.79 2.37
N SER A 43 -9.96 -1.30 2.28
CA SER A 43 -10.66 -1.83 3.46
C SER A 43 -9.86 -2.93 4.14
N THR A 44 -8.94 -3.55 3.42
CA THR A 44 -8.12 -4.62 3.97
C THR A 44 -6.77 -4.10 4.45
N ILE A 45 -6.36 -2.96 3.92
CA ILE A 45 -5.08 -2.36 4.30
C ILE A 45 -4.97 -2.22 5.81
N ASP A 46 -4.36 -3.21 6.45
CA ASP A 46 -4.19 -3.21 7.89
C ASP A 46 -3.35 -2.03 8.36
N LYS A 47 -2.45 -1.56 7.49
CA LYS A 47 -1.60 -0.43 7.84
C LYS A 47 -1.15 0.34 6.59
N LEU A 48 -0.68 1.56 6.81
CA LEU A 48 -0.20 2.40 5.74
C LEU A 48 1.24 2.84 6.00
N GLN A 49 2.13 2.56 5.05
CA GLN A 49 3.52 2.92 5.19
C GLN A 49 3.90 4.03 4.21
N ALA A 50 4.54 5.07 4.71
CA ALA A 50 4.95 6.19 3.87
C ALA A 50 6.27 6.79 4.35
N THR A 51 7.13 7.12 3.40
CA THR A 51 8.42 7.71 3.72
C THR A 51 8.27 9.17 4.14
N PRO A 52 8.71 9.54 5.36
CA PRO A 52 8.61 10.90 5.86
C PRO A 52 9.40 11.89 5.01
N ALA A 53 9.06 13.18 5.14
CA ALA A 53 9.73 14.23 4.40
C ALA A 53 11.23 14.26 4.70
N SER A 54 11.57 14.11 5.99
CA SER A 54 12.96 14.12 6.42
C SER A 54 13.72 12.97 5.76
N SER A 55 12.99 11.91 5.44
CA SER A 55 13.57 10.74 4.82
C SER A 55 13.77 10.96 3.33
N GLU A 56 15.01 10.83 2.88
CA GLU A 56 15.33 11.00 1.47
C GLU A 56 14.51 10.04 0.62
N LYS A 57 13.97 9.00 1.26
CA LYS A 57 13.15 8.02 0.57
C LYS A 57 11.86 8.65 0.06
N MET A 58 11.32 8.09 -1.02
CA MET A 58 10.09 8.60 -1.62
C MET A 58 9.22 7.46 -2.14
N MET A 59 8.50 6.81 -1.24
CA MET A 59 7.63 5.69 -1.62
C MET A 59 6.50 5.49 -0.62
N LEU A 60 5.53 4.66 -0.99
CA LEU A 60 4.39 4.37 -0.14
C LEU A 60 4.11 2.86 -0.14
N ARG A 61 4.04 2.26 1.05
CA ARG A 61 3.79 0.83 1.15
C ARG A 61 2.49 0.54 1.92
N LEU A 62 1.64 -0.30 1.34
CA LEU A 62 0.37 -0.67 1.96
C LEU A 62 0.45 -2.10 2.50
N ILE A 63 -0.17 -2.33 3.65
CA ILE A 63 -0.17 -3.66 4.26
C ILE A 63 -1.51 -4.34 4.10
N GLY A 64 -1.55 -5.41 3.32
CA GLY A 64 -2.79 -6.14 3.12
C GLY A 64 -3.05 -7.15 4.21
N LYS A 65 -4.22 -7.05 4.83
CA LYS A 65 -4.60 -7.95 5.92
C LYS A 65 -4.37 -9.41 5.52
N VAL A 66 -4.15 -10.27 6.51
CA VAL A 66 -3.91 -11.67 6.27
C VAL A 66 -4.99 -12.54 6.91
N ASP A 67 -4.70 -13.82 7.08
CA ASP A 67 -5.64 -14.76 7.68
C ASP A 67 -4.94 -16.07 8.04
N GLU A 68 -3.96 -15.99 8.93
CA GLU A 68 -3.19 -17.16 9.35
C GLU A 68 -4.12 -18.31 9.74
N SER A 69 -5.30 -17.96 10.21
CA SER A 69 -6.30 -18.94 10.62
C SER A 69 -6.57 -19.95 9.49
N LYS A 70 -6.22 -19.58 8.27
CA LYS A 70 -6.44 -20.45 7.13
C LYS A 70 -5.63 -21.74 7.26
N LYS A 71 -4.43 -21.63 7.81
CA LYS A 71 -3.56 -22.79 8.00
C LYS A 71 -3.22 -23.45 6.67
N ARG A 72 -2.10 -23.04 6.09
CA ARG A 72 -1.65 -23.58 4.81
C ARG A 72 -0.51 -24.57 5.00
N LYS A 73 -0.33 -25.46 4.04
CA LYS A 73 0.73 -26.46 4.10
C LYS A 73 1.80 -26.19 3.06
N ASP A 74 3.05 -26.47 3.41
CA ASP A 74 4.17 -26.26 2.49
C ASP A 74 4.48 -27.52 1.69
N ASN A 75 5.40 -27.40 0.74
CA ASN A 75 5.78 -28.53 -0.10
C ASN A 75 6.38 -29.67 0.72
N GLU A 76 6.81 -29.36 1.95
CA GLU A 76 7.40 -30.35 2.83
C GLU A 76 6.32 -31.08 3.64
N GLY A 77 5.06 -30.84 3.32
CA GLY A 77 3.97 -31.48 4.04
C GLY A 77 3.77 -30.92 5.43
N ASN A 78 4.42 -29.79 5.72
CA ASN A 78 4.30 -29.15 7.02
C ASN A 78 3.44 -27.89 6.93
N GLU A 79 2.70 -27.61 7.99
CA GLU A 79 1.83 -26.43 8.02
C GLU A 79 2.65 -25.16 8.20
N VAL A 80 2.15 -24.07 7.64
CA VAL A 80 2.84 -22.78 7.73
C VAL A 80 1.86 -21.66 8.04
N VAL A 81 2.37 -20.56 8.56
CA VAL A 81 1.54 -19.41 8.88
C VAL A 81 1.68 -18.35 7.79
N PRO A 82 0.72 -18.31 6.84
CA PRO A 82 0.76 -17.36 5.73
C PRO A 82 1.15 -15.94 6.18
N LYS A 83 1.88 -15.24 5.32
CA LYS A 83 2.32 -13.88 5.62
C LYS A 83 1.35 -12.86 5.03
N PRO A 84 1.26 -11.69 5.68
CA PRO A 84 0.36 -10.61 5.26
C PRO A 84 0.83 -9.93 3.97
N GLN A 85 -0.13 -9.55 3.13
CA GLN A 85 0.19 -8.87 1.88
C GLN A 85 0.83 -7.51 2.12
N ARG A 86 1.66 -7.08 1.18
CA ARG A 86 2.33 -5.79 1.29
C ARG A 86 2.57 -5.19 -0.09
N HIS A 87 2.01 -4.01 -0.32
CA HIS A 87 2.16 -3.34 -1.61
C HIS A 87 3.25 -2.28 -1.53
N MET A 88 3.90 -2.02 -2.67
CA MET A 88 4.97 -1.03 -2.72
C MET A 88 4.72 -0.03 -3.86
N PHE A 89 4.66 1.25 -3.51
CA PHE A 89 4.44 2.30 -4.49
C PHE A 89 5.50 3.38 -4.36
N SER A 90 5.75 4.10 -5.45
CA SER A 90 6.75 5.16 -5.45
C SER A 90 6.18 6.45 -6.02
N PHE A 91 6.44 7.57 -5.35
CA PHE A 91 5.96 8.87 -5.78
C PHE A 91 7.10 9.87 -5.89
N ASN A 92 6.98 10.80 -6.82
CA ASN A 92 8.01 11.81 -7.01
C ASN A 92 7.67 13.10 -6.27
N ASN A 93 6.38 13.30 -6.00
CA ASN A 93 5.93 14.48 -5.29
C ASN A 93 5.51 14.14 -3.87
N ARG A 94 6.24 14.68 -2.90
CA ARG A 94 5.96 14.43 -1.49
C ARG A 94 4.53 14.83 -1.15
N THR A 95 4.03 15.84 -1.84
CA THR A 95 2.69 16.34 -1.63
C THR A 95 1.65 15.28 -1.99
N VAL A 96 1.85 14.62 -3.13
CA VAL A 96 0.93 13.59 -3.59
C VAL A 96 0.81 12.47 -2.55
N MET A 97 1.95 12.06 -2.00
CA MET A 97 1.97 11.01 -1.00
C MET A 97 1.17 11.44 0.22
N ASP A 98 1.17 12.74 0.49
CA ASP A 98 0.45 13.28 1.63
C ASP A 98 -1.05 13.08 1.46
N ASN A 99 -1.50 13.07 0.21
CA ASN A 99 -2.91 12.87 -0.09
C ASN A 99 -3.29 11.39 -0.03
N ILE A 100 -2.52 10.56 -0.72
CA ILE A 100 -2.77 9.13 -0.75
C ILE A 100 -2.75 8.54 0.66
N LYS A 101 -1.67 8.81 1.38
CA LYS A 101 -1.51 8.31 2.74
C LYS A 101 -2.62 8.83 3.65
N MET A 102 -3.08 10.04 3.36
CA MET A 102 -4.14 10.66 4.13
C MET A 102 -5.51 10.11 3.75
N THR A 103 -5.71 9.89 2.46
CA THR A 103 -6.98 9.38 1.97
C THR A 103 -7.15 7.89 2.33
N LEU A 104 -6.07 7.13 2.19
CA LEU A 104 -6.12 5.70 2.51
C LEU A 104 -6.41 5.48 3.98
N GLN A 105 -5.83 6.33 4.83
CA GLN A 105 -6.03 6.23 6.27
C GLN A 105 -7.48 6.53 6.64
N GLN A 106 -8.12 7.35 5.82
CA GLN A 106 -9.51 7.71 6.05
C GLN A 106 -10.43 6.51 5.82
N ILE A 107 -10.08 5.67 4.85
CA ILE A 107 -10.86 4.48 4.54
C ILE A 107 -10.78 3.46 5.66
N ILE A 108 -9.57 3.21 6.13
CA ILE A 108 -9.37 2.25 7.22
C ILE A 108 -10.15 2.71 8.43
N SER A 109 -9.79 3.89 8.90
CA SER A 109 -10.45 4.50 10.05
C SER A 109 -11.96 4.49 9.86
N ARG A 110 -12.39 4.53 8.60
CA ARG A 110 -13.80 4.52 8.28
C ARG A 110 -14.41 3.18 8.66
N TYR A 111 -13.74 2.12 8.25
CA TYR A 111 -14.19 0.77 8.54
C TYR A 111 -13.88 0.42 10.00
N LYS A 112 -12.83 1.04 10.54
CA LYS A 112 -12.44 0.81 11.91
C LYS A 112 -13.52 1.27 12.88
N ASP A 113 -14.01 2.49 12.65
CA ASP A 113 -15.06 3.06 13.48
C ASP A 113 -16.33 2.24 13.40
N ALA A 114 -16.64 1.76 12.20
CA ALA A 114 -17.84 0.96 11.98
C ALA A 114 -17.76 -0.37 12.74
N ASP A 115 -16.56 -0.92 12.85
CA ASP A 115 -16.34 -2.18 13.54
C ASP A 115 -15.13 -2.09 14.46
N LEU B 26 17.07 -6.52 -5.15
CA LEU B 26 17.30 -7.98 -5.04
C LEU B 26 16.22 -8.65 -4.19
N SER B 27 16.16 -8.27 -2.92
CA SER B 27 15.16 -8.83 -2.00
C SER B 27 14.41 -7.72 -1.26
N PRO B 28 13.15 -7.98 -0.87
CA PRO B 28 12.33 -7.01 -0.15
C PRO B 28 13.04 -6.45 1.08
N ASP B 29 13.90 -7.26 1.68
CA ASP B 29 14.64 -6.85 2.87
C ASP B 29 15.44 -5.57 2.61
N ASP B 30 15.72 -5.30 1.33
CA ASP B 30 16.46 -4.11 0.96
C ASP B 30 15.56 -2.89 0.89
N ILE B 31 14.34 -3.08 0.40
CA ILE B 31 13.39 -1.99 0.27
C ILE B 31 12.73 -1.66 1.60
N GLU B 32 12.63 -2.64 2.48
CA GLU B 32 12.02 -2.45 3.79
C GLU B 32 12.91 -1.57 4.68
N GLN B 33 14.22 -1.66 4.46
CA GLN B 33 15.17 -0.87 5.23
C GLN B 33 15.03 0.62 4.91
N TRP B 34 14.62 0.92 3.69
CA TRP B 34 14.45 2.30 3.25
C TRP B 34 13.54 3.07 4.21
N PHE B 35 12.53 2.38 4.73
CA PHE B 35 11.60 3.00 5.67
C PHE B 35 12.14 2.97 7.09
N THR B 36 13.00 1.99 7.37
CA THR B 36 13.61 1.86 8.69
C THR B 36 14.69 2.91 8.91
N GLU B 37 15.40 3.24 7.83
CA GLU B 37 16.48 4.24 7.89
C GLU B 37 17.36 4.02 9.11
N ASP B 38 18.19 5.03 9.42
CA ASP B 38 19.08 4.95 10.57
C ASP B 38 18.82 6.11 11.54
N PRO B 39 19.27 5.97 12.80
CA PRO B 39 19.09 7.01 13.81
C PRO B 39 19.93 8.24 13.55
N PRO A 1 -5.21 15.91 -4.87
CA PRO A 1 -4.63 15.74 -3.51
C PRO A 1 -5.67 15.19 -2.52
N SER A 2 -6.22 14.03 -2.85
CA SER A 2 -7.22 13.40 -1.99
C SER A 2 -7.43 11.94 -2.39
N HIS A 3 -8.17 11.74 -3.48
CA HIS A 3 -8.46 10.39 -3.96
C HIS A 3 -7.79 10.14 -5.30
N SER A 4 -6.61 10.73 -5.47
CA SER A 4 -5.83 10.57 -6.69
C SER A 4 -4.45 11.16 -6.52
N GLY A 5 -3.46 10.53 -7.15
CA GLY A 5 -2.10 11.01 -7.05
C GLY A 5 -1.14 10.20 -7.88
N ALA A 6 -0.54 10.85 -8.87
CA ALA A 6 0.40 10.18 -9.75
C ALA A 6 1.39 9.33 -8.98
N ALA A 7 1.19 8.01 -9.04
CA ALA A 7 2.05 7.07 -8.33
C ALA A 7 2.73 6.08 -9.28
N ILE A 8 3.90 5.60 -8.89
CA ILE A 8 4.63 4.64 -9.70
C ILE A 8 4.43 3.23 -9.17
N PHE A 9 3.97 2.34 -10.03
CA PHE A 9 3.74 0.95 -9.64
C PHE A 9 4.71 0.02 -10.34
N GLU A 10 5.34 -0.86 -9.57
CA GLU A 10 6.30 -1.81 -10.13
C GLU A 10 7.40 -1.10 -10.91
N LYS A 11 7.78 0.09 -10.43
CA LYS A 11 8.80 0.89 -11.10
C LYS A 11 8.24 1.54 -12.35
N VAL A 12 6.95 1.31 -12.60
CA VAL A 12 6.29 1.91 -13.75
C VAL A 12 5.52 3.12 -13.31
N SER A 13 5.30 4.03 -14.23
CA SER A 13 4.59 5.25 -13.90
C SER A 13 3.11 5.20 -14.27
N GLY A 14 2.31 5.90 -13.48
CA GLY A 14 0.88 5.97 -13.68
C GLY A 14 0.24 6.76 -12.56
N ILE A 15 -1.08 6.91 -12.60
CA ILE A 15 -1.75 7.64 -11.54
C ILE A 15 -2.50 6.69 -10.63
N ILE A 16 -2.50 7.01 -9.35
CA ILE A 16 -3.18 6.20 -8.36
C ILE A 16 -4.43 6.92 -7.93
N ALA A 17 -5.58 6.31 -8.16
CA ALA A 17 -6.85 6.92 -7.81
C ALA A 17 -7.64 6.04 -6.87
N ILE A 18 -8.02 6.61 -5.73
CA ILE A 18 -8.77 5.91 -4.70
C ILE A 18 -10.26 6.15 -4.87
N ASN A 19 -11.05 5.10 -4.67
CA ASN A 19 -12.50 5.20 -4.80
C ASN A 19 -13.20 4.67 -3.55
N GLU A 20 -13.84 5.57 -2.80
CA GLU A 20 -14.55 5.19 -1.58
C GLU A 20 -16.03 4.99 -1.87
N ASP A 21 -16.42 5.08 -3.13
CA ASP A 21 -17.81 4.88 -3.52
C ASP A 21 -18.14 3.40 -3.58
N VAL A 22 -17.11 2.57 -3.64
CA VAL A 22 -17.30 1.13 -3.70
C VAL A 22 -17.02 0.49 -2.35
N SER A 23 -17.76 -0.57 -2.03
CA SER A 23 -17.59 -1.28 -0.77
C SER A 23 -17.20 -2.74 -1.01
N PRO A 24 -16.00 -3.16 -0.57
CA PRO A 24 -15.05 -2.28 0.13
C PRO A 24 -14.30 -1.36 -0.84
N ALA A 25 -14.01 -0.14 -0.39
CA ALA A 25 -13.30 0.83 -1.22
C ALA A 25 -12.03 0.22 -1.79
N GLU A 26 -11.61 0.71 -2.96
CA GLU A 26 -10.42 0.19 -3.60
C GLU A 26 -9.55 1.31 -4.18
N LEU A 27 -8.31 0.96 -4.52
CA LEU A 27 -7.37 1.90 -5.10
C LEU A 27 -6.92 1.40 -6.47
N THR A 28 -7.14 2.21 -7.50
CA THR A 28 -6.78 1.81 -8.86
C THR A 28 -5.63 2.64 -9.43
N TRP A 29 -4.58 1.95 -9.86
CA TRP A 29 -3.42 2.58 -10.45
C TRP A 29 -3.50 2.48 -11.97
N ARG A 30 -3.36 3.60 -12.65
CA ARG A 30 -3.40 3.61 -14.11
C ARG A 30 -2.14 4.21 -14.71
N SER A 31 -1.40 3.41 -15.47
CA SER A 31 -0.17 3.86 -16.10
C SER A 31 -0.36 5.23 -16.75
N THR A 32 0.75 5.86 -17.13
CA THR A 32 0.71 7.16 -17.76
C THR A 32 0.23 7.02 -19.20
N ASP A 33 0.75 6.00 -19.86
CA ASP A 33 0.39 5.70 -21.23
C ASP A 33 -0.83 4.79 -21.30
N GLY A 34 -1.13 4.13 -20.19
CA GLY A 34 -2.27 3.23 -20.15
C GLY A 34 -1.91 1.82 -20.58
N ASP A 35 -0.68 1.41 -20.26
CA ASP A 35 -0.20 0.08 -20.62
C ASP A 35 -0.37 -0.90 -19.48
N LYS A 36 -0.48 -0.39 -18.26
CA LYS A 36 -0.65 -1.23 -17.08
C LYS A 36 -1.64 -0.63 -16.10
N VAL A 37 -2.43 -1.49 -15.47
CA VAL A 37 -3.43 -1.05 -14.49
C VAL A 37 -3.46 -1.99 -13.29
N HIS A 38 -3.55 -1.42 -12.09
CA HIS A 38 -3.59 -2.21 -10.87
C HIS A 38 -4.73 -1.76 -9.96
N THR A 39 -5.32 -2.73 -9.25
CA THR A 39 -6.42 -2.44 -8.34
C THR A 39 -6.16 -3.04 -6.96
N VAL A 40 -6.43 -2.27 -5.92
CA VAL A 40 -6.22 -2.73 -4.55
C VAL A 40 -7.44 -2.49 -3.68
N VAL A 41 -7.72 -3.45 -2.81
CA VAL A 41 -8.84 -3.34 -1.89
C VAL A 41 -8.41 -2.56 -0.65
N LEU A 42 -9.04 -1.43 -0.43
CA LEU A 42 -8.71 -0.61 0.73
C LEU A 42 -9.09 -1.32 2.02
N SER A 43 -9.99 -2.31 1.92
CA SER A 43 -10.42 -3.06 3.08
C SER A 43 -9.28 -3.92 3.63
N THR A 44 -8.34 -4.26 2.77
CA THR A 44 -7.20 -5.07 3.17
C THR A 44 -6.07 -4.19 3.71
N ILE A 45 -5.90 -3.03 3.09
CA ILE A 45 -4.85 -2.10 3.51
C ILE A 45 -5.04 -1.71 4.97
N ASP A 46 -4.46 -2.50 5.86
CA ASP A 46 -4.58 -2.27 7.30
C ASP A 46 -3.55 -1.25 7.79
N LYS A 47 -2.44 -1.13 7.08
CA LYS A 47 -1.38 -0.21 7.47
C LYS A 47 -1.02 0.76 6.34
N LEU A 48 -0.43 1.89 6.73
CA LEU A 48 -0.02 2.90 5.77
C LEU A 48 1.42 3.33 6.05
N GLN A 49 2.24 3.30 5.01
CA GLN A 49 3.64 3.69 5.13
C GLN A 49 4.02 4.71 4.05
N ALA A 50 4.64 5.80 4.48
CA ALA A 50 5.06 6.85 3.55
C ALA A 50 6.39 7.46 3.98
N THR A 51 7.25 7.69 3.00
CA THR A 51 8.57 8.27 3.28
C THR A 51 8.46 9.77 3.56
N PRO A 52 8.99 10.24 4.70
CA PRO A 52 8.93 11.65 5.07
C PRO A 52 9.78 12.53 4.16
N ALA A 53 9.49 13.83 4.15
CA ALA A 53 10.21 14.78 3.32
C ALA A 53 11.71 14.74 3.61
N SER A 54 12.06 14.67 4.89
CA SER A 54 13.46 14.61 5.30
C SER A 54 14.13 13.36 4.74
N SER A 55 13.34 12.33 4.52
CA SER A 55 13.84 11.07 3.99
C SER A 55 14.07 11.17 2.49
N GLU A 56 15.30 10.92 2.08
CA GLU A 56 15.66 10.97 0.67
C GLU A 56 14.77 10.01 -0.13
N LYS A 57 14.15 9.08 0.58
CA LYS A 57 13.27 8.11 -0.06
C LYS A 57 11.93 8.74 -0.42
N MET A 58 11.39 8.38 -1.58
CA MET A 58 10.12 8.92 -2.05
C MET A 58 9.19 7.80 -2.50
N MET A 59 8.56 7.13 -1.54
CA MET A 59 7.64 6.03 -1.86
C MET A 59 6.54 5.90 -0.82
N LEU A 60 5.54 5.09 -1.15
CA LEU A 60 4.41 4.85 -0.26
C LEU A 60 4.05 3.36 -0.26
N ARG A 61 4.04 2.75 0.93
CA ARG A 61 3.74 1.33 1.04
C ARG A 61 2.65 1.07 2.07
N LEU A 62 1.70 0.19 1.72
CA LEU A 62 0.61 -0.15 2.63
C LEU A 62 0.63 -1.65 2.95
N ILE A 63 0.28 -2.00 4.18
CA ILE A 63 0.27 -3.39 4.59
C ILE A 63 -1.15 -3.95 4.59
N GLY A 64 -1.31 -5.14 4.03
CA GLY A 64 -2.61 -5.77 3.98
C GLY A 64 -2.96 -6.48 5.26
N LYS A 65 -4.25 -6.60 5.55
CA LYS A 65 -4.71 -7.26 6.77
C LYS A 65 -4.24 -8.71 6.80
N VAL A 66 -4.28 -9.32 7.98
CA VAL A 66 -3.85 -10.71 8.13
C VAL A 66 -5.01 -11.60 8.58
N ASP A 67 -4.68 -12.78 9.08
CA ASP A 67 -5.67 -13.75 9.54
C ASP A 67 -5.01 -14.76 10.47
N GLU A 68 -4.65 -14.31 11.67
CA GLU A 68 -4.00 -15.17 12.65
C GLU A 68 -4.83 -16.42 12.95
N SER A 69 -6.13 -16.35 12.65
CA SER A 69 -7.02 -17.47 12.88
C SER A 69 -6.50 -18.74 12.22
N LYS A 70 -5.64 -18.56 11.21
CA LYS A 70 -5.06 -19.70 10.49
C LYS A 70 -3.96 -20.37 11.31
N LYS A 71 -3.05 -19.56 11.84
CA LYS A 71 -1.96 -20.07 12.65
C LYS A 71 -1.08 -21.04 11.84
N ARG A 72 -0.03 -20.50 11.23
CA ARG A 72 0.88 -21.31 10.43
C ARG A 72 2.08 -21.76 11.27
N LYS A 73 2.35 -23.06 11.24
CA LYS A 73 3.47 -23.62 11.99
C LYS A 73 4.79 -23.42 11.25
N ASP A 74 5.86 -23.19 12.01
CA ASP A 74 7.17 -22.99 11.43
C ASP A 74 7.94 -24.30 11.34
N ASN A 75 9.16 -24.23 10.82
CA ASN A 75 10.01 -25.42 10.67
C ASN A 75 10.37 -26.01 12.02
N GLU A 76 10.24 -25.20 13.08
CA GLU A 76 10.56 -25.66 14.43
C GLU A 76 9.36 -26.32 15.09
N GLY A 77 8.23 -26.34 14.39
CA GLY A 77 7.03 -26.94 14.94
C GLY A 77 6.21 -25.97 15.77
N ASN A 78 6.59 -24.70 15.75
CA ASN A 78 5.88 -23.68 16.52
C ASN A 78 5.03 -22.82 15.61
N GLU A 79 3.88 -22.37 16.11
CA GLU A 79 2.97 -21.53 15.34
C GLU A 79 3.55 -20.13 15.18
N VAL A 80 3.30 -19.53 14.02
CA VAL A 80 3.80 -18.18 13.74
C VAL A 80 2.74 -17.36 13.00
N VAL A 81 2.88 -16.04 13.08
CA VAL A 81 1.96 -15.14 12.40
C VAL A 81 2.41 -14.98 10.95
N PRO A 82 1.65 -15.53 9.99
CA PRO A 82 2.00 -15.44 8.57
C PRO A 82 2.41 -14.03 8.15
N LYS A 83 2.94 -13.92 6.93
CA LYS A 83 3.38 -12.63 6.41
C LYS A 83 2.25 -11.93 5.64
N PRO A 84 1.53 -11.04 6.32
CA PRO A 84 0.42 -10.28 5.73
C PRO A 84 0.79 -9.69 4.37
N GLN A 85 -0.23 -9.32 3.59
CA GLN A 85 -0.02 -8.74 2.28
C GLN A 85 0.68 -7.39 2.39
N ARG A 86 1.30 -6.94 1.30
CA ARG A 86 1.99 -5.67 1.29
C ARG A 86 2.08 -5.10 -0.13
N HIS A 87 1.76 -3.81 -0.26
CA HIS A 87 1.81 -3.14 -1.55
C HIS A 87 2.81 -1.99 -1.52
N MET A 88 3.66 -1.92 -2.54
CA MET A 88 4.68 -0.86 -2.61
C MET A 88 4.41 0.09 -3.77
N PHE A 89 4.57 1.38 -3.50
CA PHE A 89 4.37 2.41 -4.52
C PHE A 89 5.45 3.49 -4.41
N SER A 90 5.76 4.12 -5.53
CA SER A 90 6.78 5.18 -5.57
C SER A 90 6.19 6.47 -6.12
N PHE A 91 6.49 7.58 -5.46
CA PHE A 91 6.00 8.89 -5.89
C PHE A 91 7.14 9.89 -6.02
N ASN A 92 6.90 10.96 -6.78
CA ASN A 92 7.90 12.00 -6.97
C ASN A 92 7.50 13.30 -6.27
N ASN A 93 6.45 13.23 -5.45
CA ASN A 93 5.97 14.40 -4.73
C ASN A 93 5.52 14.01 -3.31
N ARG A 94 6.32 14.40 -2.32
CA ARG A 94 6.01 14.10 -0.92
C ARG A 94 4.57 14.45 -0.59
N THR A 95 4.04 15.46 -1.26
CA THR A 95 2.69 15.91 -1.04
C THR A 95 1.68 14.94 -1.64
N VAL A 96 1.82 14.65 -2.92
CA VAL A 96 0.91 13.72 -3.60
C VAL A 96 0.87 12.39 -2.87
N MET A 97 2.04 11.86 -2.56
CA MET A 97 2.13 10.59 -1.86
C MET A 97 1.53 10.74 -0.46
N ASP A 98 1.75 11.88 0.16
CA ASP A 98 1.22 12.16 1.48
C ASP A 98 -0.30 12.12 1.45
N ASN A 99 -0.86 12.56 0.34
CA ASN A 99 -2.31 12.58 0.17
C ASN A 99 -2.87 11.15 0.12
N ILE A 100 -2.16 10.28 -0.59
CA ILE A 100 -2.58 8.89 -0.71
C ILE A 100 -2.62 8.21 0.65
N LYS A 101 -1.53 8.31 1.39
CA LYS A 101 -1.44 7.72 2.72
C LYS A 101 -2.40 8.44 3.68
N MET A 102 -2.65 9.70 3.39
CA MET A 102 -3.55 10.51 4.22
C MET A 102 -5.01 10.17 3.92
N THR A 103 -5.30 9.91 2.65
CA THR A 103 -6.66 9.57 2.25
C THR A 103 -6.96 8.10 2.57
N LEU A 104 -5.99 7.24 2.33
CA LEU A 104 -6.16 5.82 2.61
C LEU A 104 -6.47 5.58 4.08
N GLN A 105 -5.85 6.39 4.95
CA GLN A 105 -6.07 6.26 6.38
C GLN A 105 -7.54 6.50 6.73
N GLN A 106 -8.19 7.35 5.96
CA GLN A 106 -9.59 7.68 6.18
C GLN A 106 -10.47 6.45 5.93
N ILE A 107 -10.02 5.56 5.06
CA ILE A 107 -10.77 4.35 4.72
C ILE A 107 -10.57 3.27 5.78
N ILE A 108 -9.34 3.06 6.21
CA ILE A 108 -9.06 2.04 7.22
C ILE A 108 -9.85 2.35 8.47
N SER A 109 -9.57 3.50 9.03
CA SER A 109 -10.27 3.96 10.23
C SER A 109 -11.78 3.82 10.06
N ARG A 110 -12.23 3.96 8.83
CA ARG A 110 -13.64 3.84 8.50
C ARG A 110 -14.16 2.44 8.84
N TYR A 111 -13.35 1.44 8.52
CA TYR A 111 -13.70 0.06 8.78
C TYR A 111 -13.30 -0.33 10.21
N LYS A 112 -12.26 0.32 10.72
CA LYS A 112 -11.79 0.07 12.07
C LYS A 112 -12.87 0.41 13.09
N ASP A 113 -13.54 1.53 12.87
CA ASP A 113 -14.61 1.98 13.76
C ASP A 113 -15.66 0.90 13.96
N ALA A 114 -15.94 0.15 12.90
CA ALA A 114 -16.92 -0.92 12.96
C ALA A 114 -16.49 -2.02 13.94
N ASP A 115 -15.18 -2.23 14.02
CA ASP A 115 -14.63 -3.25 14.92
C ASP A 115 -14.17 -2.62 16.22
N LEU B 26 16.32 -6.71 -3.69
CA LEU B 26 16.52 -8.18 -3.59
C LEU B 26 15.28 -8.87 -3.05
N SER B 27 14.95 -8.58 -1.79
CA SER B 27 13.77 -9.17 -1.16
C SER B 27 12.89 -8.10 -0.52
N PRO B 28 11.63 -8.44 -0.20
CA PRO B 28 10.70 -7.50 0.42
C PRO B 28 11.26 -6.86 1.68
N ASP B 29 11.93 -7.67 2.49
CA ASP B 29 12.53 -7.18 3.73
C ASP B 29 13.48 -6.03 3.46
N ASP B 30 13.97 -5.96 2.22
CA ASP B 30 14.90 -4.90 1.83
C ASP B 30 14.20 -3.55 1.84
N ILE B 31 13.04 -3.48 1.21
CA ILE B 31 12.27 -2.24 1.15
C ILE B 31 11.79 -1.82 2.52
N GLU B 32 11.67 -2.79 3.42
CA GLU B 32 11.22 -2.52 4.78
C GLU B 32 12.21 -1.62 5.51
N GLN B 33 13.49 -1.78 5.19
CA GLN B 33 14.54 -0.99 5.82
C GLN B 33 14.46 0.48 5.37
N TRP B 34 13.99 0.70 4.15
CA TRP B 34 13.86 2.05 3.62
C TRP B 34 13.02 2.92 4.54
N PHE B 35 12.15 2.27 5.33
CA PHE B 35 11.29 2.99 6.26
C PHE B 35 11.63 2.63 7.71
N THR B 36 12.44 1.59 7.90
CA THR B 36 12.83 1.15 9.24
C THR B 36 14.15 1.80 9.66
N GLU B 37 15.00 2.09 8.69
CA GLU B 37 16.30 2.71 8.96
C GLU B 37 16.12 4.06 9.64
N ASP B 38 15.10 4.80 9.21
CA ASP B 38 14.82 6.11 9.77
C ASP B 38 16.04 7.03 9.67
N PRO B 39 16.24 7.69 8.52
CA PRO B 39 17.38 8.58 8.30
C PRO B 39 17.52 9.62 9.41
N PRO A 1 -4.58 15.50 -6.70
CA PRO A 1 -4.54 15.14 -5.27
C PRO A 1 -5.90 14.68 -4.75
N SER A 2 -5.95 14.27 -3.49
CA SER A 2 -7.19 13.82 -2.88
C SER A 2 -7.80 12.65 -3.66
N HIS A 3 -7.70 11.45 -3.11
CA HIS A 3 -8.25 10.26 -3.75
C HIS A 3 -7.54 9.98 -5.07
N SER A 4 -6.26 10.33 -5.11
CA SER A 4 -5.44 10.11 -6.29
C SER A 4 -4.04 10.65 -6.08
N GLY A 5 -3.16 10.37 -7.02
CA GLY A 5 -1.80 10.83 -6.93
C GLY A 5 -0.84 9.95 -7.70
N ALA A 6 -0.21 10.53 -8.73
CA ALA A 6 0.73 9.79 -9.57
C ALA A 6 1.60 8.87 -8.73
N ALA A 7 1.49 7.57 -8.98
CA ALA A 7 2.25 6.58 -8.23
C ALA A 7 2.92 5.56 -9.14
N ILE A 8 4.07 5.04 -8.72
CA ILE A 8 4.79 4.04 -9.50
C ILE A 8 4.48 2.63 -9.00
N PHE A 9 4.01 1.80 -9.90
CA PHE A 9 3.67 0.42 -9.55
C PHE A 9 4.56 -0.56 -10.30
N GLU A 10 5.16 -1.49 -9.55
CA GLU A 10 6.05 -2.49 -10.14
C GLU A 10 7.21 -1.82 -10.86
N LYS A 11 7.66 -0.69 -10.32
CA LYS A 11 8.75 0.06 -10.93
C LYS A 11 8.27 0.81 -12.16
N VAL A 12 6.96 0.69 -12.45
CA VAL A 12 6.36 1.37 -13.57
C VAL A 12 5.64 2.59 -13.09
N SER A 13 5.56 3.58 -13.96
CA SER A 13 4.88 4.80 -13.59
C SER A 13 3.40 4.77 -13.93
N GLY A 14 2.62 5.42 -13.09
CA GLY A 14 1.19 5.46 -13.28
C GLY A 14 0.52 6.33 -12.24
N ILE A 15 -0.80 6.43 -12.32
CA ILE A 15 -1.55 7.22 -11.38
C ILE A 15 -2.28 6.33 -10.40
N ILE A 16 -2.24 6.71 -9.14
CA ILE A 16 -2.92 5.95 -8.12
C ILE A 16 -4.16 6.72 -7.71
N ALA A 17 -5.32 6.12 -7.93
CA ALA A 17 -6.58 6.78 -7.62
C ALA A 17 -7.43 5.93 -6.68
N ILE A 18 -7.92 6.57 -5.64
CA ILE A 18 -8.74 5.90 -4.63
C ILE A 18 -10.21 6.30 -4.77
N ASN A 19 -11.09 5.31 -4.60
CA ASN A 19 -12.53 5.55 -4.71
C ASN A 19 -13.27 4.93 -3.52
N GLU A 20 -13.84 5.78 -2.67
CA GLU A 20 -14.58 5.32 -1.51
C GLU A 20 -16.06 5.13 -1.83
N ASP A 21 -16.41 5.30 -3.11
CA ASP A 21 -17.79 5.15 -3.54
C ASP A 21 -18.14 3.67 -3.70
N VAL A 22 -17.11 2.83 -3.77
CA VAL A 22 -17.30 1.40 -3.92
C VAL A 22 -17.13 0.68 -2.59
N SER A 23 -17.92 -0.35 -2.36
CA SER A 23 -17.85 -1.12 -1.13
C SER A 23 -17.40 -2.56 -1.40
N PRO A 24 -16.23 -2.96 -0.87
CA PRO A 24 -15.36 -2.12 -0.06
C PRO A 24 -14.52 -1.18 -0.91
N ALA A 25 -14.29 0.04 -0.43
CA ALA A 25 -13.49 1.02 -1.15
C ALA A 25 -12.20 0.39 -1.65
N GLU A 26 -11.78 0.77 -2.85
CA GLU A 26 -10.57 0.22 -3.43
C GLU A 26 -9.69 1.31 -4.06
N LEU A 27 -8.45 0.95 -4.36
CA LEU A 27 -7.50 1.85 -4.97
C LEU A 27 -7.01 1.27 -6.29
N THR A 28 -7.10 2.06 -7.36
CA THR A 28 -6.70 1.60 -8.68
C THR A 28 -5.53 2.40 -9.24
N TRP A 29 -4.50 1.67 -9.69
CA TRP A 29 -3.33 2.29 -10.27
C TRP A 29 -3.40 2.22 -11.79
N ARG A 30 -3.26 3.36 -12.44
CA ARG A 30 -3.31 3.41 -13.89
C ARG A 30 -2.03 4.03 -14.45
N SER A 31 -1.28 3.25 -15.22
CA SER A 31 -0.03 3.73 -15.81
C SER A 31 -0.21 5.13 -16.38
N THR A 32 0.91 5.84 -16.55
CA THR A 32 0.87 7.19 -17.09
C THR A 32 0.43 7.14 -18.53
N ASP A 33 0.92 6.13 -19.22
CA ASP A 33 0.59 5.93 -20.63
C ASP A 33 -0.66 5.06 -20.78
N GLY A 34 -1.02 4.34 -19.73
CA GLY A 34 -2.19 3.48 -19.78
C GLY A 34 -1.88 2.08 -20.28
N ASP A 35 -0.67 1.61 -20.00
CA ASP A 35 -0.26 0.27 -20.45
C ASP A 35 -0.39 -0.75 -19.33
N LYS A 36 -0.46 -0.27 -18.09
CA LYS A 36 -0.58 -1.16 -16.94
C LYS A 36 -1.64 -0.64 -15.96
N VAL A 37 -2.41 -1.57 -15.39
CA VAL A 37 -3.46 -1.21 -14.45
C VAL A 37 -3.50 -2.18 -13.28
N HIS A 38 -3.66 -1.64 -12.07
CA HIS A 38 -3.73 -2.46 -10.86
C HIS A 38 -4.82 -1.97 -9.92
N THR A 39 -5.44 -2.91 -9.22
CA THR A 39 -6.51 -2.57 -8.28
C THR A 39 -6.25 -3.21 -6.91
N VAL A 40 -6.51 -2.44 -5.85
CA VAL A 40 -6.32 -2.93 -4.49
C VAL A 40 -7.52 -2.62 -3.62
N VAL A 41 -7.87 -3.57 -2.76
CA VAL A 41 -8.98 -3.39 -1.84
C VAL A 41 -8.46 -2.70 -0.58
N LEU A 42 -9.00 -1.50 -0.31
CA LEU A 42 -8.57 -0.72 0.84
C LEU A 42 -9.14 -1.27 2.14
N SER A 43 -10.33 -1.86 2.08
CA SER A 43 -10.98 -2.40 3.26
C SER A 43 -10.10 -3.42 4.00
N THR A 44 -9.14 -3.99 3.29
CA THR A 44 -8.24 -4.97 3.90
C THR A 44 -6.94 -4.32 4.36
N ILE A 45 -6.62 -3.17 3.79
CA ILE A 45 -5.40 -2.45 4.15
C ILE A 45 -5.28 -2.30 5.66
N ASP A 46 -4.55 -3.22 6.28
CA ASP A 46 -4.36 -3.21 7.71
C ASP A 46 -3.51 -2.01 8.15
N LYS A 47 -2.63 -1.54 7.26
CA LYS A 47 -1.78 -0.40 7.57
C LYS A 47 -1.32 0.32 6.32
N LEU A 48 -0.89 1.57 6.49
CA LEU A 48 -0.40 2.37 5.38
C LEU A 48 0.93 3.02 5.77
N GLN A 49 1.93 2.86 4.92
CA GLN A 49 3.25 3.42 5.18
C GLN A 49 3.66 4.40 4.09
N ALA A 50 4.30 5.49 4.48
CA ALA A 50 4.75 6.50 3.54
C ALA A 50 6.08 7.10 3.97
N THR A 51 6.93 7.39 2.99
CA THR A 51 8.23 7.97 3.26
C THR A 51 8.11 9.45 3.63
N PRO A 52 8.38 9.81 4.90
CA PRO A 52 8.29 11.19 5.37
C PRO A 52 9.30 12.11 4.69
N ALA A 53 9.03 13.41 4.75
CA ALA A 53 9.91 14.40 4.14
C ALA A 53 11.34 14.26 4.67
N SER A 54 11.47 14.05 5.97
CA SER A 54 12.78 13.88 6.59
C SER A 54 13.55 12.73 5.96
N SER A 55 12.81 11.76 5.44
CA SER A 55 13.39 10.61 4.80
C SER A 55 13.69 10.89 3.33
N GLU A 56 14.97 10.81 2.96
CA GLU A 56 15.37 11.05 1.59
C GLU A 56 14.64 10.09 0.64
N LYS A 57 14.10 9.02 1.21
CA LYS A 57 13.38 8.02 0.42
C LYS A 57 12.02 8.57 -0.02
N MET A 58 11.59 8.16 -1.22
CA MET A 58 10.31 8.59 -1.77
C MET A 58 9.50 7.40 -2.25
N MET A 59 8.62 6.90 -1.40
CA MET A 59 7.80 5.75 -1.76
C MET A 59 6.78 5.42 -0.67
N LEU A 60 5.63 4.90 -1.07
CA LEU A 60 4.56 4.54 -0.14
C LEU A 60 4.35 3.02 -0.14
N ARG A 61 3.99 2.47 1.02
CA ARG A 61 3.77 1.03 1.15
C ARG A 61 2.46 0.72 1.84
N LEU A 62 1.68 -0.18 1.25
CA LEU A 62 0.39 -0.58 1.81
C LEU A 62 0.46 -2.03 2.28
N ILE A 63 -0.20 -2.32 3.41
CA ILE A 63 -0.21 -3.67 3.95
C ILE A 63 -1.55 -4.35 3.68
N GLY A 64 -1.51 -5.67 3.54
CA GLY A 64 -2.72 -6.42 3.29
C GLY A 64 -3.09 -7.34 4.44
N LYS A 65 -4.37 -7.34 4.81
CA LYS A 65 -4.84 -8.18 5.91
C LYS A 65 -4.47 -9.65 5.67
N VAL A 66 -4.21 -10.37 6.75
CA VAL A 66 -3.83 -11.78 6.66
C VAL A 66 -4.88 -12.67 7.30
N ASP A 67 -4.50 -13.91 7.59
CA ASP A 67 -5.39 -14.88 8.20
C ASP A 67 -4.65 -16.20 8.44
N GLU A 68 -3.82 -16.22 9.47
CA GLU A 68 -3.03 -17.41 9.79
C GLU A 68 -3.92 -18.63 9.95
N SER A 69 -5.20 -18.40 10.25
CA SER A 69 -6.15 -19.48 10.41
C SER A 69 -6.32 -20.28 9.12
N LYS A 70 -5.86 -19.70 8.01
CA LYS A 70 -5.95 -20.36 6.71
C LYS A 70 -5.14 -21.63 6.68
N LYS A 71 -3.91 -21.57 7.19
CA LYS A 71 -3.03 -22.73 7.21
C LYS A 71 -2.68 -23.17 5.80
N ARG A 72 -1.53 -22.71 5.30
CA ARG A 72 -1.08 -23.06 3.96
C ARG A 72 0.07 -24.06 4.02
N LYS A 73 0.14 -24.94 3.02
CA LYS A 73 1.19 -25.94 2.96
C LYS A 73 2.24 -25.56 1.93
N ASP A 74 3.50 -25.89 2.22
CA ASP A 74 4.59 -25.59 1.31
C ASP A 74 4.79 -26.72 0.30
N ASN A 75 5.73 -26.51 -0.62
CA ASN A 75 6.01 -27.51 -1.65
C ASN A 75 6.57 -28.80 -1.05
N GLU A 76 7.03 -28.71 0.20
CA GLU A 76 7.59 -29.88 0.88
C GLU A 76 6.50 -30.70 1.57
N GLY A 77 5.24 -30.33 1.34
CA GLY A 77 4.14 -31.05 1.95
C GLY A 77 3.94 -30.70 3.42
N ASN A 78 4.65 -29.67 3.88
CA ASN A 78 4.55 -29.23 5.26
C ASN A 78 3.65 -28.00 5.37
N GLU A 79 3.16 -27.73 6.57
CA GLU A 79 2.29 -26.58 6.81
C GLU A 79 3.10 -25.35 7.19
N VAL A 80 2.58 -24.18 6.85
CA VAL A 80 3.26 -22.92 7.15
C VAL A 80 2.27 -21.85 7.58
N VAL A 81 2.77 -20.84 8.29
CA VAL A 81 1.93 -19.74 8.73
C VAL A 81 1.86 -18.68 7.63
N PRO A 82 0.70 -18.53 6.96
CA PRO A 82 0.54 -17.57 5.87
C PRO A 82 1.01 -16.17 6.27
N LYS A 83 1.58 -15.45 5.30
CA LYS A 83 2.08 -14.11 5.54
C LYS A 83 1.22 -13.07 4.83
N PRO A 84 1.15 -11.86 5.38
CA PRO A 84 0.36 -10.75 4.83
C PRO A 84 0.97 -10.16 3.56
N GLN A 85 0.13 -9.55 2.72
CA GLN A 85 0.60 -8.94 1.49
C GLN A 85 1.05 -7.51 1.74
N ARG A 86 1.93 -7.01 0.89
CA ARG A 86 2.43 -5.65 1.02
C ARG A 86 2.60 -5.01 -0.35
N HIS A 87 1.89 -3.91 -0.58
CA HIS A 87 1.96 -3.19 -1.84
C HIS A 87 2.97 -2.06 -1.76
N MET A 88 3.80 -1.92 -2.78
CA MET A 88 4.82 -0.87 -2.80
C MET A 88 4.63 0.07 -3.98
N PHE A 89 4.27 1.32 -3.69
CA PHE A 89 4.08 2.33 -4.72
C PHE A 89 5.05 3.48 -4.53
N SER A 90 5.83 3.78 -5.57
CA SER A 90 6.82 4.86 -5.48
C SER A 90 6.24 6.17 -6.01
N PHE A 91 6.37 7.23 -5.22
CA PHE A 91 5.87 8.54 -5.61
C PHE A 91 7.04 9.52 -5.81
N ASN A 92 6.88 10.43 -6.76
CA ASN A 92 7.91 11.42 -7.04
C ASN A 92 7.49 12.80 -6.56
N ASN A 93 6.61 12.84 -5.58
CA ASN A 93 6.11 14.09 -5.02
C ASN A 93 5.72 13.91 -3.56
N ARG A 94 6.51 14.48 -2.66
CA ARG A 94 6.24 14.37 -1.24
C ARG A 94 4.82 14.80 -0.91
N THR A 95 4.28 15.71 -1.72
CA THR A 95 2.94 16.21 -1.54
C THR A 95 1.89 15.21 -2.02
N VAL A 96 2.03 14.79 -3.28
CA VAL A 96 1.09 13.83 -3.86
C VAL A 96 0.99 12.58 -2.99
N MET A 97 2.14 12.05 -2.60
CA MET A 97 2.18 10.86 -1.76
C MET A 97 1.48 11.13 -0.43
N ASP A 98 1.62 12.36 0.05
CA ASP A 98 1.00 12.76 1.31
C ASP A 98 -0.51 12.68 1.21
N ASN A 99 -1.04 12.97 0.03
CA ASN A 99 -2.48 12.92 -0.19
C ASN A 99 -2.98 11.48 -0.09
N ILE A 100 -2.16 10.55 -0.59
CA ILE A 100 -2.52 9.14 -0.57
C ILE A 100 -2.57 8.62 0.87
N LYS A 101 -1.52 8.92 1.62
CA LYS A 101 -1.44 8.48 3.01
C LYS A 101 -2.52 9.16 3.85
N MET A 102 -2.94 10.34 3.43
CA MET A 102 -3.98 11.09 4.12
C MET A 102 -5.35 10.52 3.79
N THR A 103 -5.54 10.18 2.51
CA THR A 103 -6.81 9.63 2.06
C THR A 103 -6.97 8.18 2.52
N LEU A 104 -5.88 7.42 2.47
CA LEU A 104 -5.91 6.02 2.89
C LEU A 104 -6.28 5.91 4.36
N GLN A 105 -5.73 6.80 5.18
CA GLN A 105 -6.01 6.80 6.61
C GLN A 105 -7.48 7.06 6.87
N GLN A 106 -8.13 7.77 5.96
CA GLN A 106 -9.54 8.10 6.10
C GLN A 106 -10.41 6.86 5.90
N ILE A 107 -9.95 5.94 5.07
CA ILE A 107 -10.68 4.71 4.79
C ILE A 107 -10.56 3.72 5.95
N ILE A 108 -9.34 3.53 6.44
CA ILE A 108 -9.12 2.61 7.56
C ILE A 108 -9.97 3.01 8.74
N SER A 109 -9.72 4.22 9.20
CA SER A 109 -10.46 4.78 10.33
C SER A 109 -11.96 4.67 10.08
N ARG A 110 -12.34 4.68 8.81
CA ARG A 110 -13.74 4.57 8.42
C ARG A 110 -14.29 3.21 8.83
N TYR A 111 -13.48 2.19 8.65
CA TYR A 111 -13.86 0.83 9.02
C TYR A 111 -13.60 0.57 10.49
N LYS A 112 -12.59 1.26 11.02
CA LYS A 112 -12.24 1.13 12.43
C LYS A 112 -13.38 1.59 13.32
N ASP A 113 -13.98 2.72 12.95
CA ASP A 113 -15.09 3.29 13.71
C ASP A 113 -16.25 2.30 13.79
N ALA A 114 -16.46 1.55 12.72
CA ALA A 114 -17.54 0.56 12.67
C ALA A 114 -17.33 -0.53 13.72
N ASP A 115 -16.06 -0.84 13.99
CA ASP A 115 -15.72 -1.87 14.96
C ASP A 115 -14.60 -1.40 15.89
N LEU B 26 17.72 -3.86 -4.47
CA LEU B 26 17.89 -5.13 -5.20
C LEU B 26 17.00 -6.23 -4.63
N SER B 27 16.80 -6.20 -3.32
CA SER B 27 15.96 -7.19 -2.66
C SER B 27 14.88 -6.51 -1.81
N PRO B 28 13.78 -7.23 -1.51
CA PRO B 28 12.68 -6.69 -0.71
C PRO B 28 13.16 -6.10 0.60
N ASP B 29 14.12 -6.77 1.24
CA ASP B 29 14.67 -6.31 2.50
C ASP B 29 15.23 -4.90 2.37
N ASP B 30 15.65 -4.54 1.16
CA ASP B 30 16.21 -3.21 0.91
C ASP B 30 15.10 -2.16 0.81
N ILE B 31 14.03 -2.50 0.12
CA ILE B 31 12.91 -1.57 -0.06
C ILE B 31 12.14 -1.36 1.23
N GLU B 32 12.09 -2.40 2.06
CA GLU B 32 11.38 -2.33 3.33
C GLU B 32 12.14 -1.47 4.34
N GLN B 33 13.46 -1.43 4.20
CA GLN B 33 14.32 -0.64 5.09
C GLN B 33 14.06 0.85 4.93
N TRP B 34 13.55 1.24 3.75
CA TRP B 34 13.27 2.64 3.47
C TRP B 34 12.40 3.25 4.57
N PHE B 35 11.57 2.42 5.19
CA PHE B 35 10.68 2.87 6.25
C PHE B 35 11.30 2.63 7.62
N THR B 36 12.19 1.64 7.71
CA THR B 36 12.86 1.32 8.97
C THR B 36 13.98 2.30 9.26
N GLU B 37 14.59 2.83 8.20
CA GLU B 37 15.68 3.79 8.35
C GLU B 37 15.16 5.19 8.66
N ASP B 38 15.76 5.83 9.66
CA ASP B 38 15.34 7.17 10.06
C ASP B 38 16.54 8.10 10.13
N PRO B 39 17.03 8.57 8.97
CA PRO B 39 18.18 9.48 8.91
C PRO B 39 18.01 10.70 9.81
N PRO A 1 -6.14 16.42 -5.19
CA PRO A 1 -5.62 15.04 -5.13
C PRO A 1 -6.07 14.33 -3.84
N SER A 2 -7.32 14.54 -3.46
CA SER A 2 -7.87 13.91 -2.26
C SER A 2 -8.19 12.44 -2.48
N HIS A 3 -8.18 12.02 -3.76
CA HIS A 3 -8.48 10.63 -4.09
C HIS A 3 -7.79 10.24 -5.39
N SER A 4 -6.59 10.76 -5.58
CA SER A 4 -5.80 10.46 -6.77
C SER A 4 -4.41 11.10 -6.67
N GLY A 5 -3.39 10.33 -7.00
CA GLY A 5 -2.04 10.84 -6.95
C GLY A 5 -1.08 10.00 -7.74
N ALA A 6 -0.46 10.62 -8.73
CA ALA A 6 0.49 9.93 -9.60
C ALA A 6 1.45 9.06 -8.78
N ALA A 7 1.23 7.76 -8.87
CA ALA A 7 2.04 6.79 -8.12
C ALA A 7 2.75 5.81 -9.05
N ILE A 8 3.90 5.30 -8.61
CA ILE A 8 4.66 4.33 -9.40
C ILE A 8 4.40 2.92 -8.89
N PHE A 9 3.96 2.06 -9.78
CA PHE A 9 3.68 0.68 -9.42
C PHE A 9 4.67 -0.28 -10.07
N GLU A 10 5.24 -1.17 -9.27
CA GLU A 10 6.21 -2.14 -9.76
C GLU A 10 7.36 -1.45 -10.48
N LYS A 11 7.73 -0.27 -9.99
CA LYS A 11 8.81 0.51 -10.60
C LYS A 11 8.32 1.18 -11.87
N VAL A 12 7.04 0.98 -12.20
CA VAL A 12 6.45 1.59 -13.37
C VAL A 12 5.67 2.81 -12.96
N SER A 13 5.52 3.72 -13.90
CA SER A 13 4.82 4.96 -13.61
C SER A 13 3.36 4.91 -14.03
N GLY A 14 2.54 5.64 -13.28
CA GLY A 14 1.12 5.71 -13.53
C GLY A 14 0.44 6.51 -12.45
N ILE A 15 -0.87 6.66 -12.53
CA ILE A 15 -1.58 7.42 -11.51
C ILE A 15 -2.38 6.49 -10.61
N ILE A 16 -2.41 6.84 -9.34
CA ILE A 16 -3.14 6.06 -8.37
C ILE A 16 -4.40 6.82 -7.99
N ALA A 17 -5.54 6.21 -8.25
CA ALA A 17 -6.82 6.85 -7.97
C ALA A 17 -7.63 6.04 -6.96
N ILE A 18 -8.10 6.72 -5.93
CA ILE A 18 -8.88 6.09 -4.87
C ILE A 18 -10.36 6.42 -5.03
N ASN A 19 -11.21 5.41 -4.79
CA ASN A 19 -12.65 5.60 -4.90
C ASN A 19 -13.37 5.03 -3.69
N GLU A 20 -13.94 5.92 -2.88
CA GLU A 20 -14.67 5.50 -1.68
C GLU A 20 -16.15 5.32 -1.96
N ASP A 21 -16.55 5.46 -3.23
CA ASP A 21 -17.93 5.30 -3.62
C ASP A 21 -18.28 3.83 -3.73
N VAL A 22 -17.26 2.99 -3.82
CA VAL A 22 -17.44 1.56 -3.93
C VAL A 22 -17.20 0.86 -2.59
N SER A 23 -18.03 -0.13 -2.29
CA SER A 23 -17.91 -0.87 -1.04
C SER A 23 -17.47 -2.32 -1.30
N PRO A 24 -16.29 -2.73 -0.82
CA PRO A 24 -15.38 -1.87 -0.05
C PRO A 24 -14.54 -0.97 -0.95
N ALA A 25 -14.31 0.26 -0.50
CA ALA A 25 -13.51 1.21 -1.27
C ALA A 25 -12.21 0.58 -1.74
N GLU A 26 -11.78 0.92 -2.95
CA GLU A 26 -10.55 0.37 -3.51
C GLU A 26 -9.72 1.45 -4.19
N LEU A 27 -8.47 1.09 -4.49
CA LEU A 27 -7.54 2.01 -5.14
C LEU A 27 -7.07 1.41 -6.46
N THR A 28 -7.16 2.19 -7.53
CA THR A 28 -6.76 1.71 -8.85
C THR A 28 -5.60 2.52 -9.42
N TRP A 29 -4.56 1.81 -9.83
CA TRP A 29 -3.38 2.42 -10.41
C TRP A 29 -3.42 2.29 -11.93
N ARG A 30 -3.21 3.41 -12.62
CA ARG A 30 -3.23 3.41 -14.08
C ARG A 30 -1.92 3.98 -14.63
N SER A 31 -1.17 3.15 -15.35
CA SER A 31 0.10 3.57 -15.94
C SER A 31 -0.04 4.93 -16.62
N THR A 32 1.09 5.57 -16.90
CA THR A 32 1.09 6.86 -17.56
C THR A 32 0.70 6.69 -19.02
N ASP A 33 1.24 5.65 -19.62
CA ASP A 33 0.96 5.33 -21.00
C ASP A 33 -0.35 4.55 -21.13
N GLY A 34 -0.78 3.92 -20.04
CA GLY A 34 -2.00 3.15 -20.06
C GLY A 34 -1.78 1.72 -20.52
N ASP A 35 -0.62 1.17 -20.17
CA ASP A 35 -0.29 -0.20 -20.56
C ASP A 35 -0.50 -1.17 -19.40
N LYS A 36 -0.52 -0.65 -18.19
CA LYS A 36 -0.70 -1.50 -17.01
C LYS A 36 -1.70 -0.87 -16.03
N VAL A 37 -2.49 -1.71 -15.38
CA VAL A 37 -3.47 -1.25 -14.41
C VAL A 37 -3.52 -2.17 -13.20
N HIS A 38 -3.60 -1.59 -12.01
CA HIS A 38 -3.65 -2.36 -10.78
C HIS A 38 -4.77 -1.87 -9.86
N THR A 39 -5.38 -2.81 -9.13
CA THR A 39 -6.46 -2.47 -8.22
C THR A 39 -6.21 -3.06 -6.83
N VAL A 40 -6.45 -2.26 -5.80
CA VAL A 40 -6.25 -2.71 -4.43
C VAL A 40 -7.46 -2.41 -3.56
N VAL A 41 -7.79 -3.35 -2.68
CA VAL A 41 -8.90 -3.18 -1.76
C VAL A 41 -8.41 -2.47 -0.50
N LEU A 42 -8.95 -1.29 -0.24
CA LEU A 42 -8.55 -0.50 0.92
C LEU A 42 -9.16 -1.04 2.22
N SER A 43 -10.36 -1.59 2.13
CA SER A 43 -11.07 -2.12 3.29
C SER A 43 -10.27 -3.20 4.03
N THR A 44 -9.30 -3.79 3.35
CA THR A 44 -8.49 -4.84 3.98
C THR A 44 -7.14 -4.30 4.42
N ILE A 45 -6.71 -3.21 3.80
CA ILE A 45 -5.42 -2.61 4.14
C ILE A 45 -5.26 -2.47 5.65
N ASP A 46 -4.60 -3.45 6.25
CA ASP A 46 -4.36 -3.47 7.68
C ASP A 46 -3.43 -2.34 8.12
N LYS A 47 -2.56 -1.90 7.21
CA LYS A 47 -1.62 -0.85 7.53
C LYS A 47 -1.30 0.03 6.32
N LEU A 48 -0.94 1.27 6.59
CA LEU A 48 -0.59 2.22 5.55
C LEU A 48 0.69 2.96 5.92
N GLN A 49 1.67 2.97 5.03
CA GLN A 49 2.94 3.64 5.30
C GLN A 49 3.37 4.51 4.13
N ALA A 50 4.15 5.54 4.44
CA ALA A 50 4.65 6.46 3.43
C ALA A 50 6.02 7.00 3.82
N THR A 51 6.81 7.38 2.83
CA THR A 51 8.15 7.91 3.07
C THR A 51 8.06 9.36 3.58
N PRO A 52 8.55 9.62 4.80
CA PRO A 52 8.52 10.97 5.39
C PRO A 52 9.36 11.97 4.61
N ALA A 53 9.06 13.25 4.79
CA ALA A 53 9.80 14.32 4.11
C ALA A 53 11.27 14.31 4.49
N SER A 54 11.54 14.10 5.79
CA SER A 54 12.89 14.08 6.28
C SER A 54 13.72 13.00 5.57
N SER A 55 13.02 11.97 5.11
CA SER A 55 13.67 10.88 4.41
C SER A 55 13.81 11.19 2.92
N GLU A 56 15.05 11.25 2.46
CA GLU A 56 15.31 11.53 1.05
C GLU A 56 14.62 10.51 0.16
N LYS A 57 14.24 9.38 0.75
CA LYS A 57 13.57 8.32 0.02
C LYS A 57 12.11 8.69 -0.27
N MET A 58 11.64 8.35 -1.47
CA MET A 58 10.28 8.64 -1.87
C MET A 58 9.54 7.35 -2.22
N MET A 59 8.50 7.03 -1.43
CA MET A 59 7.73 5.81 -1.67
C MET A 59 6.58 5.68 -0.67
N LEU A 60 5.69 4.73 -0.96
CA LEU A 60 4.54 4.45 -0.10
C LEU A 60 4.23 2.96 -0.11
N ARG A 61 3.99 2.39 1.07
CA ARG A 61 3.70 0.96 1.17
C ARG A 61 2.39 0.69 1.91
N LEU A 62 1.57 -0.18 1.31
CA LEU A 62 0.28 -0.56 1.91
C LEU A 62 0.32 -2.03 2.33
N ILE A 63 -0.12 -2.29 3.56
CA ILE A 63 -0.13 -3.66 4.07
C ILE A 63 -1.53 -4.26 3.99
N GLY A 64 -1.58 -5.58 3.82
CA GLY A 64 -2.87 -6.26 3.72
C GLY A 64 -3.04 -7.31 4.81
N LYS A 65 -4.24 -7.36 5.38
CA LYS A 65 -4.55 -8.31 6.44
C LYS A 65 -4.23 -9.74 5.99
N VAL A 66 -3.71 -10.54 6.93
CA VAL A 66 -3.36 -11.92 6.63
C VAL A 66 -4.15 -12.88 7.52
N ASP A 67 -3.68 -14.11 7.63
CA ASP A 67 -4.33 -15.12 8.45
C ASP A 67 -3.39 -16.31 8.67
N GLU A 68 -2.24 -16.03 9.27
CA GLU A 68 -1.25 -17.07 9.54
C GLU A 68 -1.82 -18.19 10.40
N SER A 69 -2.89 -17.86 11.13
CA SER A 69 -3.55 -18.85 11.98
C SER A 69 -4.08 -20.02 11.17
N LYS A 70 -4.20 -19.82 9.85
CA LYS A 70 -4.71 -20.86 8.96
C LYS A 70 -3.66 -21.96 8.75
N LYS A 71 -2.40 -21.55 8.70
CA LYS A 71 -1.31 -22.50 8.49
C LYS A 71 -1.44 -23.20 7.14
N ARG A 72 -0.78 -22.65 6.12
CA ARG A 72 -0.85 -23.23 4.79
C ARG A 72 0.35 -24.15 4.53
N LYS A 73 0.10 -25.25 3.84
CA LYS A 73 1.16 -26.21 3.52
C LYS A 73 1.83 -25.86 2.19
N ASP A 74 3.13 -26.12 2.11
CA ASP A 74 3.89 -25.84 0.90
C ASP A 74 3.94 -27.08 0.00
N ASN A 75 4.47 -26.90 -1.21
CA ASN A 75 4.59 -27.98 -2.17
C ASN A 75 5.45 -29.12 -1.61
N GLU A 76 6.27 -28.80 -0.61
CA GLU A 76 7.14 -29.80 0.00
C GLU A 76 6.42 -30.57 1.10
N GLY A 77 5.13 -30.28 1.29
CA GLY A 77 4.37 -30.96 2.31
C GLY A 77 4.63 -30.40 3.69
N ASN A 78 5.24 -29.22 3.76
CA ASN A 78 5.54 -28.58 5.03
C ASN A 78 4.69 -27.33 5.24
N GLU A 79 4.31 -27.09 6.49
CA GLU A 79 3.48 -25.93 6.81
C GLU A 79 4.29 -24.64 6.70
N VAL A 80 3.60 -23.56 6.33
CA VAL A 80 4.25 -22.26 6.19
C VAL A 80 3.44 -21.16 6.86
N VAL A 81 4.10 -20.05 7.17
CA VAL A 81 3.44 -18.92 7.80
C VAL A 81 3.12 -17.86 6.75
N PRO A 82 1.87 -17.82 6.25
CA PRO A 82 1.46 -16.86 5.23
C PRO A 82 2.04 -15.47 5.44
N LYS A 83 2.29 -14.76 4.35
CA LYS A 83 2.85 -13.41 4.41
C LYS A 83 1.86 -12.39 3.86
N PRO A 84 1.26 -11.58 4.75
CA PRO A 84 0.30 -10.53 4.37
C PRO A 84 0.70 -9.82 3.09
N GLN A 85 -0.29 -9.49 2.27
CA GLN A 85 -0.05 -8.80 1.01
C GLN A 85 0.49 -7.39 1.26
N ARG A 86 1.63 -7.09 0.64
CA ARG A 86 2.26 -5.78 0.80
C ARG A 86 2.44 -5.10 -0.55
N HIS A 87 1.83 -3.93 -0.70
CA HIS A 87 1.93 -3.17 -1.95
C HIS A 87 2.99 -2.08 -1.83
N MET A 88 3.76 -1.89 -2.89
CA MET A 88 4.82 -0.90 -2.90
C MET A 88 4.62 0.11 -4.04
N PHE A 89 4.23 1.33 -3.67
CA PHE A 89 4.01 2.39 -4.65
C PHE A 89 5.02 3.51 -4.44
N SER A 90 5.74 3.86 -5.51
CA SER A 90 6.74 4.92 -5.42
C SER A 90 6.17 6.26 -5.87
N PHE A 91 6.47 7.31 -5.12
CA PHE A 91 5.98 8.64 -5.44
C PHE A 91 7.14 9.62 -5.59
N ASN A 92 6.89 10.73 -6.28
CA ASN A 92 7.92 11.74 -6.49
C ASN A 92 7.55 13.07 -5.82
N ASN A 93 6.26 13.24 -5.53
CA ASN A 93 5.78 14.45 -4.89
C ASN A 93 5.40 14.19 -3.44
N ARG A 94 6.13 14.80 -2.52
CA ARG A 94 5.87 14.62 -1.10
C ARG A 94 4.44 15.03 -0.75
N THR A 95 3.90 15.97 -1.51
CA THR A 95 2.57 16.46 -1.30
C THR A 95 1.53 15.48 -1.83
N VAL A 96 1.65 15.12 -3.10
CA VAL A 96 0.72 14.18 -3.72
C VAL A 96 0.69 12.87 -2.95
N MET A 97 1.87 12.37 -2.60
CA MET A 97 1.96 11.13 -1.85
C MET A 97 1.34 11.30 -0.48
N ASP A 98 1.51 12.48 0.10
CA ASP A 98 0.95 12.78 1.41
C ASP A 98 -0.57 12.71 1.37
N ASN A 99 -1.14 13.08 0.23
CA ASN A 99 -2.58 13.05 0.06
C ASN A 99 -3.07 11.60 0.06
N ILE A 100 -2.24 10.71 -0.46
CA ILE A 100 -2.56 9.28 -0.51
C ILE A 100 -2.55 8.68 0.88
N LYS A 101 -1.47 8.95 1.62
CA LYS A 101 -1.32 8.45 2.97
C LYS A 101 -2.40 9.02 3.89
N MET A 102 -2.87 10.21 3.55
CA MET A 102 -3.90 10.87 4.35
C MET A 102 -5.27 10.28 4.03
N THR A 103 -5.50 10.02 2.74
CA THR A 103 -6.77 9.46 2.31
C THR A 103 -6.82 7.97 2.60
N LEU A 104 -5.67 7.31 2.58
CA LEU A 104 -5.60 5.89 2.84
C LEU A 104 -5.85 5.61 4.32
N GLN A 105 -5.33 6.47 5.18
CA GLN A 105 -5.50 6.32 6.62
C GLN A 105 -6.96 6.55 7.02
N GLN A 106 -7.64 7.38 6.24
CA GLN A 106 -9.05 7.68 6.49
C GLN A 106 -9.93 6.49 6.16
N ILE A 107 -9.53 5.73 5.15
CA ILE A 107 -10.28 4.55 4.74
C ILE A 107 -10.17 3.44 5.78
N ILE A 108 -8.95 3.16 6.22
CA ILE A 108 -8.74 2.13 7.24
C ILE A 108 -9.54 2.46 8.46
N SER A 109 -9.21 3.61 9.03
CA SER A 109 -9.88 4.11 10.22
C SER A 109 -11.40 4.08 10.02
N ARG A 110 -11.83 4.21 8.77
CA ARG A 110 -13.24 4.18 8.43
C ARG A 110 -13.84 2.81 8.74
N TYR A 111 -13.05 1.78 8.53
CA TYR A 111 -13.49 0.41 8.78
C TYR A 111 -13.20 -0.01 10.22
N LYS A 112 -12.13 0.53 10.78
CA LYS A 112 -11.74 0.22 12.15
C LYS A 112 -12.80 0.72 13.12
N ASP A 113 -13.43 1.84 12.79
CA ASP A 113 -14.47 2.42 13.63
C ASP A 113 -15.62 1.44 13.84
N ALA A 114 -15.94 0.69 12.78
CA ALA A 114 -17.02 -0.28 12.84
C ALA A 114 -16.72 -1.38 13.86
N ASP A 115 -15.44 -1.72 13.98
CA ASP A 115 -15.01 -2.75 14.92
C ASP A 115 -13.80 -2.30 15.71
N LEU B 26 17.52 -5.55 -3.64
CA LEU B 26 17.88 -6.99 -3.63
C LEU B 26 16.67 -7.86 -3.27
N SER B 27 16.20 -7.74 -2.04
CA SER B 27 15.05 -8.50 -1.57
C SER B 27 14.00 -7.59 -0.94
N PRO B 28 12.78 -8.11 -0.74
CA PRO B 28 11.68 -7.33 -0.15
C PRO B 28 12.09 -6.67 1.17
N ASP B 29 12.77 -7.42 2.01
CA ASP B 29 13.23 -6.92 3.31
C ASP B 29 14.12 -5.69 3.13
N ASP B 30 14.81 -5.63 2.00
CA ASP B 30 15.69 -4.51 1.70
C ASP B 30 14.90 -3.21 1.60
N ILE B 31 13.78 -3.28 0.90
CA ILE B 31 12.92 -2.11 0.71
C ILE B 31 12.29 -1.67 2.03
N GLU B 32 12.16 -2.61 2.96
CA GLU B 32 11.58 -2.33 4.26
C GLU B 32 12.44 -1.35 5.04
N GLN B 33 13.74 -1.43 4.84
CA GLN B 33 14.69 -0.55 5.52
C GLN B 33 14.56 0.89 5.03
N TRP B 34 14.15 1.04 3.78
CA TRP B 34 13.99 2.38 3.19
C TRP B 34 13.08 3.24 4.06
N PHE B 35 12.15 2.60 4.76
CA PHE B 35 11.22 3.30 5.63
C PHE B 35 11.73 3.33 7.07
N THR B 36 12.56 2.35 7.42
CA THR B 36 13.12 2.26 8.76
C THR B 36 14.32 3.19 8.91
N GLU B 37 15.31 3.01 8.03
CA GLU B 37 16.51 3.82 8.06
C GLU B 37 16.25 5.21 7.48
N ASP B 38 16.96 6.21 7.99
CA ASP B 38 16.81 7.58 7.52
C ASP B 38 18.14 8.14 7.02
N PRO B 39 18.56 7.74 5.81
CA PRO B 39 19.82 8.21 5.23
C PRO B 39 19.77 9.67 4.82
N PRO A 1 -6.02 15.93 -6.00
CA PRO A 1 -5.08 15.35 -5.01
C PRO A 1 -5.75 14.26 -4.19
N SER A 2 -6.98 14.50 -3.79
CA SER A 2 -7.74 13.55 -2.99
C SER A 2 -8.30 12.43 -3.86
N HIS A 3 -8.10 11.19 -3.43
CA HIS A 3 -8.59 10.03 -4.17
C HIS A 3 -7.89 9.90 -5.51
N SER A 4 -6.63 10.31 -5.55
CA SER A 4 -5.82 10.24 -6.76
C SER A 4 -4.44 10.83 -6.51
N GLY A 5 -3.43 10.23 -7.11
CA GLY A 5 -2.08 10.70 -6.96
C GLY A 5 -1.09 9.89 -7.76
N ALA A 6 -0.49 10.55 -8.74
CA ALA A 6 0.49 9.90 -9.62
C ALA A 6 1.47 9.05 -8.80
N ALA A 7 1.22 7.75 -8.80
CA ALA A 7 2.05 6.81 -8.06
C ALA A 7 2.76 5.82 -8.98
N ILE A 8 3.92 5.34 -8.53
CA ILE A 8 4.69 4.37 -9.32
C ILE A 8 4.41 2.96 -8.82
N PHE A 9 3.97 2.12 -9.73
CA PHE A 9 3.68 0.72 -9.38
C PHE A 9 4.67 -0.24 -10.02
N GLU A 10 5.22 -1.13 -9.22
CA GLU A 10 6.19 -2.11 -9.71
C GLU A 10 7.36 -1.42 -10.39
N LYS A 11 7.74 -0.26 -9.88
CA LYS A 11 8.83 0.51 -10.47
C LYS A 11 8.36 1.21 -11.74
N VAL A 12 7.09 1.02 -12.09
CA VAL A 12 6.52 1.64 -13.26
C VAL A 12 5.73 2.85 -12.84
N SER A 13 5.58 3.78 -13.75
CA SER A 13 4.85 5.00 -13.44
C SER A 13 3.40 4.95 -13.88
N GLY A 14 2.57 5.67 -13.14
CA GLY A 14 1.15 5.72 -13.41
C GLY A 14 0.43 6.51 -12.34
N ILE A 15 -0.88 6.64 -12.45
CA ILE A 15 -1.63 7.38 -11.44
C ILE A 15 -2.42 6.42 -10.58
N ILE A 16 -2.47 6.72 -9.29
CA ILE A 16 -3.20 5.90 -8.36
C ILE A 16 -4.46 6.64 -7.95
N ALA A 17 -5.61 6.05 -8.24
CA ALA A 17 -6.89 6.67 -7.94
C ALA A 17 -7.70 5.80 -7.00
N ILE A 18 -8.34 6.45 -6.02
CA ILE A 18 -9.15 5.75 -5.04
C ILE A 18 -10.63 6.07 -5.19
N ASN A 19 -11.47 5.07 -5.03
CA ASN A 19 -12.92 5.25 -5.15
C ASN A 19 -13.64 4.70 -3.92
N GLU A 20 -14.27 5.61 -3.16
CA GLU A 20 -14.98 5.22 -1.96
C GLU A 20 -16.43 4.83 -2.28
N ASP A 21 -16.76 4.78 -3.57
CA ASP A 21 -18.09 4.40 -4.00
C ASP A 21 -18.26 2.88 -3.96
N VAL A 22 -17.14 2.18 -3.90
CA VAL A 22 -17.15 0.72 -3.85
C VAL A 22 -16.94 0.22 -2.43
N SER A 23 -17.47 -0.96 -2.13
CA SER A 23 -17.32 -1.55 -0.81
C SER A 23 -16.84 -3.00 -0.91
N PRO A 24 -15.63 -3.29 -0.41
CA PRO A 24 -14.75 -2.30 0.22
C PRO A 24 -14.14 -1.35 -0.81
N ALA A 25 -13.92 -0.09 -0.40
CA ALA A 25 -13.34 0.90 -1.29
C ALA A 25 -12.14 0.33 -2.04
N GLU A 26 -12.05 0.62 -3.33
CA GLU A 26 -10.96 0.10 -4.14
C GLU A 26 -10.08 1.22 -4.70
N LEU A 27 -8.83 0.87 -4.95
CA LEU A 27 -7.85 1.80 -5.50
C LEU A 27 -7.31 1.25 -6.80
N THR A 28 -7.30 2.07 -7.84
CA THR A 28 -6.84 1.62 -9.15
C THR A 28 -5.65 2.45 -9.64
N TRP A 29 -4.58 1.76 -10.01
CA TRP A 29 -3.38 2.39 -10.51
C TRP A 29 -3.36 2.28 -12.03
N ARG A 30 -3.18 3.41 -12.71
CA ARG A 30 -3.14 3.42 -14.16
C ARG A 30 -1.83 4.00 -14.66
N SER A 31 -1.05 3.17 -15.35
CA SER A 31 0.25 3.60 -15.89
C SER A 31 0.12 4.97 -16.56
N THR A 32 1.27 5.58 -16.86
CA THR A 32 1.29 6.88 -17.51
C THR A 32 0.92 6.71 -18.98
N ASP A 33 1.48 5.68 -19.57
CA ASP A 33 1.23 5.38 -20.96
C ASP A 33 -0.08 4.60 -21.14
N GLY A 34 -0.54 3.98 -20.06
CA GLY A 34 -1.77 3.21 -20.12
C GLY A 34 -1.54 1.78 -20.58
N ASP A 35 -0.40 1.22 -20.20
CA ASP A 35 -0.06 -0.15 -20.60
C ASP A 35 -0.24 -1.12 -19.43
N LYS A 36 -0.28 -0.60 -18.21
CA LYS A 36 -0.45 -1.44 -17.03
C LYS A 36 -1.46 -0.84 -16.06
N VAL A 37 -2.23 -1.72 -15.42
CA VAL A 37 -3.23 -1.28 -14.45
C VAL A 37 -3.26 -2.21 -13.24
N HIS A 38 -3.42 -1.62 -12.06
CA HIS A 38 -3.47 -2.39 -10.82
C HIS A 38 -4.62 -1.93 -9.93
N THR A 39 -5.21 -2.86 -9.20
CA THR A 39 -6.32 -2.54 -8.31
C THR A 39 -6.08 -3.10 -6.91
N VAL A 40 -6.38 -2.29 -5.90
CA VAL A 40 -6.21 -2.70 -4.51
C VAL A 40 -7.35 -2.22 -3.63
N VAL A 41 -7.78 -3.09 -2.72
CA VAL A 41 -8.84 -2.75 -1.78
C VAL A 41 -8.23 -2.08 -0.54
N LEU A 42 -8.60 -0.82 -0.31
CA LEU A 42 -8.06 -0.07 0.82
C LEU A 42 -8.64 -0.52 2.16
N SER A 43 -9.92 -0.88 2.17
CA SER A 43 -10.60 -1.31 3.39
C SER A 43 -9.80 -2.38 4.14
N THR A 44 -8.98 -3.12 3.41
CA THR A 44 -8.17 -4.18 4.02
C THR A 44 -6.85 -3.62 4.54
N ILE A 45 -6.41 -2.51 3.97
CA ILE A 45 -5.16 -1.89 4.37
C ILE A 45 -5.08 -1.73 5.89
N ASP A 46 -4.43 -2.69 6.54
CA ASP A 46 -4.30 -2.69 7.99
C ASP A 46 -3.32 -1.62 8.46
N LYS A 47 -2.41 -1.18 7.60
CA LYS A 47 -1.44 -0.17 7.98
C LYS A 47 -0.88 0.58 6.79
N LEU A 48 -0.76 1.90 6.94
CA LEU A 48 -0.22 2.75 5.88
C LEU A 48 1.20 3.19 6.24
N GLN A 49 2.15 2.91 5.36
CA GLN A 49 3.53 3.28 5.61
C GLN A 49 4.01 4.30 4.57
N ALA A 50 4.66 5.35 5.05
CA ALA A 50 5.16 6.40 4.17
C ALA A 50 6.50 6.92 4.65
N THR A 51 7.36 7.30 3.70
CA THR A 51 8.67 7.82 4.04
C THR A 51 8.58 9.26 4.54
N PRO A 52 9.21 9.56 5.70
CA PRO A 52 9.18 10.91 6.28
C PRO A 52 9.91 11.93 5.43
N ALA A 53 9.60 13.21 5.64
CA ALA A 53 10.23 14.29 4.89
C ALA A 53 11.75 14.30 5.10
N SER A 54 12.17 14.09 6.34
CA SER A 54 13.59 14.07 6.67
C SER A 54 14.29 12.95 5.91
N SER A 55 13.55 11.92 5.57
CA SER A 55 14.10 10.78 4.84
C SER A 55 14.27 11.12 3.38
N GLU A 56 15.51 11.03 2.90
CA GLU A 56 15.80 11.31 1.50
C GLU A 56 14.98 10.40 0.60
N LYS A 57 14.46 9.32 1.17
CA LYS A 57 13.65 8.37 0.41
C LYS A 57 12.33 9.01 -0.02
N MET A 58 11.74 8.47 -1.09
CA MET A 58 10.48 8.98 -1.61
C MET A 58 9.60 7.84 -2.11
N MET A 59 8.92 7.16 -1.19
CA MET A 59 8.06 6.05 -1.55
C MET A 59 7.07 5.72 -0.43
N LEU A 60 5.90 5.22 -0.81
CA LEU A 60 4.86 4.85 0.15
C LEU A 60 4.58 3.36 0.10
N ARG A 61 4.12 2.79 1.21
CA ARG A 61 3.84 1.36 1.27
C ARG A 61 2.52 1.07 2.01
N LEU A 62 1.71 0.19 1.44
CA LEU A 62 0.43 -0.20 2.03
C LEU A 62 0.54 -1.57 2.68
N ILE A 63 -0.16 -1.75 3.80
CA ILE A 63 -0.13 -3.02 4.52
C ILE A 63 -1.51 -3.66 4.53
N GLY A 64 -1.59 -4.88 4.02
CA GLY A 64 -2.86 -5.59 4.00
C GLY A 64 -3.05 -6.48 5.21
N LYS A 65 -4.31 -6.71 5.59
CA LYS A 65 -4.61 -7.55 6.74
C LYS A 65 -4.32 -9.02 6.44
N VAL A 66 -3.69 -9.69 7.40
CA VAL A 66 -3.35 -11.10 7.24
C VAL A 66 -4.59 -11.98 7.26
N ASP A 67 -4.44 -13.18 6.73
CA ASP A 67 -5.53 -14.15 6.68
C ASP A 67 -5.25 -15.34 7.58
N GLU A 68 -6.22 -15.69 8.40
CA GLU A 68 -6.08 -16.82 9.33
C GLU A 68 -6.66 -18.10 8.73
N SER A 69 -7.12 -18.03 7.49
CA SER A 69 -7.69 -19.19 6.82
C SER A 69 -6.62 -20.21 6.46
N LYS A 70 -5.36 -19.83 6.60
CA LYS A 70 -4.25 -20.72 6.28
C LYS A 70 -3.78 -21.48 7.51
N LYS A 71 -3.16 -20.76 8.45
CA LYS A 71 -2.67 -21.37 9.67
C LYS A 71 -1.58 -22.40 9.36
N ARG A 72 -0.33 -21.97 9.41
CA ARG A 72 0.80 -22.84 9.14
C ARG A 72 1.57 -23.16 10.41
N LYS A 73 2.23 -24.32 10.43
CA LYS A 73 2.99 -24.74 11.59
C LYS A 73 4.46 -24.33 11.45
N ASP A 74 5.09 -24.04 12.59
CA ASP A 74 6.48 -23.62 12.61
C ASP A 74 7.41 -24.82 12.75
N ASN A 75 8.71 -24.57 12.71
CA ASN A 75 9.70 -25.63 12.83
C ASN A 75 9.63 -26.30 14.21
N GLU A 76 9.01 -25.62 15.17
CA GLU A 76 8.88 -26.16 16.51
C GLU A 76 7.62 -27.02 16.66
N GLY A 77 6.79 -27.04 15.60
CA GLY A 77 5.57 -27.82 15.64
C GLY A 77 4.38 -27.01 16.13
N ASN A 78 4.56 -25.70 16.27
CA ASN A 78 3.49 -24.83 16.74
C ASN A 78 2.92 -24.01 15.59
N GLU A 79 1.62 -23.76 15.63
CA GLU A 79 0.94 -22.98 14.59
C GLU A 79 1.31 -21.50 14.69
N VAL A 80 1.44 -20.85 13.54
CA VAL A 80 1.79 -19.43 13.50
C VAL A 80 0.86 -18.67 12.57
N VAL A 81 0.78 -17.36 12.78
CA VAL A 81 -0.04 -16.51 11.93
C VAL A 81 0.83 -15.78 10.92
N PRO A 82 0.90 -16.28 9.67
CA PRO A 82 1.74 -15.69 8.62
C PRO A 82 1.64 -14.16 8.61
N LYS A 83 2.65 -13.53 8.02
CA LYS A 83 2.70 -12.08 7.94
C LYS A 83 1.64 -11.54 6.98
N PRO A 84 1.13 -10.33 7.25
CA PRO A 84 0.09 -9.68 6.45
C PRO A 84 0.61 -9.21 5.09
N GLN A 85 -0.31 -8.92 4.18
CA GLN A 85 0.05 -8.46 2.84
C GLN A 85 0.73 -7.09 2.92
N ARG A 86 1.51 -6.77 1.88
CA ARG A 86 2.21 -5.50 1.84
C ARG A 86 2.40 -5.04 0.39
N HIS A 87 1.85 -3.88 0.06
CA HIS A 87 1.97 -3.33 -1.29
C HIS A 87 2.96 -2.18 -1.32
N MET A 88 3.50 -1.88 -2.49
CA MET A 88 4.47 -0.80 -2.64
C MET A 88 4.05 0.20 -3.71
N PHE A 89 4.36 1.48 -3.46
CA PHE A 89 4.04 2.55 -4.39
C PHE A 89 4.95 3.74 -4.15
N SER A 90 5.64 4.20 -5.20
CA SER A 90 6.56 5.32 -5.07
C SER A 90 6.01 6.56 -5.78
N PHE A 91 6.19 7.72 -5.16
CA PHE A 91 5.72 8.98 -5.73
C PHE A 91 6.86 9.99 -5.80
N ASN A 92 6.84 10.83 -6.83
CA ASN A 92 7.88 11.85 -6.99
C ASN A 92 7.53 13.12 -6.24
N ASN A 93 6.26 13.28 -5.88
CA ASN A 93 5.81 14.45 -5.15
C ASN A 93 5.45 14.09 -3.71
N ARG A 94 6.15 14.70 -2.76
CA ARG A 94 5.90 14.44 -1.34
C ARG A 94 4.46 14.73 -0.98
N THR A 95 3.87 15.70 -1.66
CA THR A 95 2.50 16.10 -1.42
C THR A 95 1.54 15.00 -1.83
N VAL A 96 1.75 14.43 -3.01
CA VAL A 96 0.89 13.36 -3.51
C VAL A 96 0.93 12.17 -2.56
N MET A 97 2.09 11.94 -1.95
CA MET A 97 2.24 10.84 -1.00
C MET A 97 1.34 11.03 0.20
N ASP A 98 1.20 12.28 0.64
CA ASP A 98 0.37 12.59 1.78
C ASP A 98 -1.10 12.43 1.45
N ASN A 99 -1.46 12.79 0.22
CA ASN A 99 -2.84 12.68 -0.24
C ASN A 99 -3.32 11.24 -0.18
N ILE A 100 -2.50 10.33 -0.69
CA ILE A 100 -2.83 8.90 -0.68
C ILE A 100 -2.90 8.37 0.74
N LYS A 101 -1.87 8.67 1.53
CA LYS A 101 -1.81 8.22 2.91
C LYS A 101 -2.90 8.87 3.74
N MET A 102 -3.31 10.07 3.33
CA MET A 102 -4.36 10.81 4.03
C MET A 102 -5.72 10.26 3.67
N THR A 103 -5.89 9.88 2.41
CA THR A 103 -7.16 9.35 1.94
C THR A 103 -7.29 7.87 2.34
N LEU A 104 -6.20 7.13 2.25
CA LEU A 104 -6.22 5.72 2.61
C LEU A 104 -6.52 5.54 4.09
N GLN A 105 -5.96 6.42 4.92
CA GLN A 105 -6.18 6.36 6.36
C GLN A 105 -7.65 6.58 6.68
N GLN A 106 -8.32 7.35 5.84
CA GLN A 106 -9.73 7.63 6.02
C GLN A 106 -10.57 6.37 5.77
N ILE A 107 -10.12 5.56 4.82
CA ILE A 107 -10.83 4.33 4.49
C ILE A 107 -10.74 3.32 5.62
N ILE A 108 -9.53 3.12 6.13
CA ILE A 108 -9.32 2.19 7.24
C ILE A 108 -10.14 2.65 8.42
N SER A 109 -9.80 3.84 8.87
CA SER A 109 -10.48 4.47 9.99
C SER A 109 -12.00 4.41 9.80
N ARG A 110 -12.43 4.42 8.55
CA ARG A 110 -13.86 4.36 8.23
C ARG A 110 -14.44 3.03 8.64
N TYR A 111 -13.65 1.98 8.51
CA TYR A 111 -14.09 0.63 8.86
C TYR A 111 -13.64 0.27 10.27
N LYS A 112 -12.49 0.82 10.68
CA LYS A 112 -11.96 0.56 12.01
C LYS A 112 -12.84 1.19 13.09
N ASP A 113 -13.36 2.38 12.78
CA ASP A 113 -14.23 3.09 13.71
C ASP A 113 -15.47 2.28 14.02
N ALA A 114 -16.00 1.59 13.02
CA ALA A 114 -17.20 0.78 13.18
C ALA A 114 -16.96 -0.36 14.19
N ASP A 115 -15.74 -0.88 14.20
CA ASP A 115 -15.38 -1.96 15.10
C ASP A 115 -14.74 -1.42 16.38
N LEU B 26 15.49 -4.77 -6.20
CA LEU B 26 15.71 -6.18 -6.62
C LEU B 26 14.79 -7.14 -5.89
N SER B 27 14.88 -7.15 -4.57
CA SER B 27 14.05 -8.03 -3.75
C SER B 27 13.15 -7.21 -2.82
N PRO B 28 12.05 -7.83 -2.34
CA PRO B 28 11.11 -7.15 -1.44
C PRO B 28 11.81 -6.52 -0.23
N ASP B 29 12.79 -7.23 0.31
CA ASP B 29 13.54 -6.75 1.47
C ASP B 29 14.15 -5.38 1.19
N ASP B 30 14.40 -5.10 -0.08
CA ASP B 30 15.00 -3.82 -0.48
C ASP B 30 14.07 -2.66 -0.13
N ILE B 31 12.78 -2.87 -0.37
CA ILE B 31 11.77 -1.84 -0.09
C ILE B 31 11.61 -1.63 1.41
N GLU B 32 11.90 -2.67 2.18
CA GLU B 32 11.79 -2.61 3.63
C GLU B 32 12.81 -1.64 4.21
N GLN B 33 13.98 -1.58 3.59
CA GLN B 33 15.05 -0.70 4.05
C GLN B 33 14.61 0.76 3.96
N TRP B 34 13.77 1.06 2.98
CA TRP B 34 13.29 2.42 2.77
C TRP B 34 12.57 2.95 4.03
N PHE B 35 11.88 2.05 4.72
CA PHE B 35 11.15 2.41 5.93
C PHE B 35 11.92 1.99 7.18
N THR B 36 12.93 1.14 7.00
CA THR B 36 13.74 0.67 8.12
C THR B 36 14.92 1.61 8.38
N GLU B 37 15.35 2.32 7.33
CA GLU B 37 16.47 3.23 7.45
C GLU B 37 16.21 4.27 8.54
N ASP B 38 17.28 4.69 9.22
CA ASP B 38 17.17 5.67 10.29
C ASP B 38 17.69 7.03 9.83
N PRO B 39 17.22 8.12 10.46
CA PRO B 39 17.64 9.48 10.11
C PRO B 39 19.08 9.76 10.51
N PRO A 1 -5.10 15.60 -5.56
CA PRO A 1 -4.50 15.68 -4.21
C PRO A 1 -5.51 15.35 -3.12
N SER A 2 -6.30 14.30 -3.35
CA SER A 2 -7.31 13.88 -2.39
C SER A 2 -7.69 12.41 -2.61
N HIS A 3 -8.01 12.07 -3.85
CA HIS A 3 -8.38 10.71 -4.18
C HIS A 3 -7.74 10.27 -5.49
N SER A 4 -6.53 10.76 -5.72
CA SER A 4 -5.76 10.43 -6.91
C SER A 4 -4.42 11.14 -6.91
N GLY A 5 -3.35 10.35 -6.94
CA GLY A 5 -2.02 10.91 -6.94
C GLY A 5 -1.06 10.06 -7.74
N ALA A 6 -0.53 10.62 -8.83
CA ALA A 6 0.42 9.91 -9.69
C ALA A 6 1.32 8.98 -8.87
N ALA A 7 1.24 7.69 -9.16
CA ALA A 7 2.02 6.71 -8.42
C ALA A 7 2.72 5.71 -9.35
N ILE A 8 3.86 5.19 -8.92
CA ILE A 8 4.60 4.21 -9.72
C ILE A 8 4.33 2.81 -9.22
N PHE A 9 3.89 1.96 -10.12
CA PHE A 9 3.59 0.57 -9.78
C PHE A 9 4.50 -0.38 -10.55
N GLU A 10 5.08 -1.34 -9.83
CA GLU A 10 5.97 -2.32 -10.45
C GLU A 10 7.12 -1.62 -11.15
N LYS A 11 7.56 -0.50 -10.58
CA LYS A 11 8.66 0.28 -11.16
C LYS A 11 8.16 1.04 -12.38
N VAL A 12 6.86 0.90 -12.68
CA VAL A 12 6.25 1.58 -13.79
C VAL A 12 5.49 2.79 -13.30
N SER A 13 5.52 3.83 -14.09
CA SER A 13 4.83 5.03 -13.71
C SER A 13 3.36 4.97 -14.08
N GLY A 14 2.54 5.58 -13.23
CA GLY A 14 1.11 5.59 -13.46
C GLY A 14 0.39 6.45 -12.46
N ILE A 15 -0.92 6.50 -12.57
CA ILE A 15 -1.73 7.30 -11.67
C ILE A 15 -2.45 6.41 -10.68
N ILE A 16 -2.42 6.81 -9.43
CA ILE A 16 -3.10 6.05 -8.40
C ILE A 16 -4.34 6.83 -8.01
N ALA A 17 -5.50 6.22 -8.22
CA ALA A 17 -6.76 6.87 -7.92
C ALA A 17 -7.59 6.08 -6.93
N ILE A 18 -8.03 6.77 -5.88
CA ILE A 18 -8.83 6.15 -4.83
C ILE A 18 -10.31 6.50 -5.00
N ASN A 19 -11.18 5.54 -4.76
CA ASN A 19 -12.61 5.75 -4.90
C ASN A 19 -13.36 5.23 -3.67
N GLU A 20 -13.92 6.17 -2.90
CA GLU A 20 -14.67 5.80 -1.69
C GLU A 20 -16.16 5.65 -1.99
N ASP A 21 -16.53 5.77 -3.26
CA ASP A 21 -17.91 5.62 -3.67
C ASP A 21 -18.30 4.15 -3.74
N VAL A 22 -17.29 3.29 -3.78
CA VAL A 22 -17.51 1.86 -3.86
C VAL A 22 -17.31 1.21 -2.48
N SER A 23 -18.01 0.11 -2.26
CA SER A 23 -17.92 -0.62 -1.00
C SER A 23 -17.51 -2.07 -1.24
N PRO A 24 -16.34 -2.50 -0.72
CA PRO A 24 -15.44 -1.64 0.05
C PRO A 24 -14.59 -0.75 -0.84
N ALA A 25 -14.31 0.46 -0.37
CA ALA A 25 -13.50 1.41 -1.13
C ALA A 25 -12.25 0.73 -1.68
N GLU A 26 -11.81 1.16 -2.86
CA GLU A 26 -10.65 0.56 -3.49
C GLU A 26 -9.73 1.63 -4.11
N LEU A 27 -8.53 1.20 -4.46
CA LEU A 27 -7.54 2.08 -5.09
C LEU A 27 -7.06 1.45 -6.39
N THR A 28 -7.19 2.19 -7.48
CA THR A 28 -6.78 1.67 -8.78
C THR A 28 -5.63 2.48 -9.39
N TRP A 29 -4.60 1.76 -9.84
CA TRP A 29 -3.45 2.37 -10.44
C TRP A 29 -3.53 2.26 -11.96
N ARG A 30 -3.36 3.39 -12.65
CA ARG A 30 -3.41 3.41 -14.10
C ARG A 30 -2.17 4.07 -14.67
N SER A 31 -1.37 3.32 -15.42
CA SER A 31 -0.14 3.84 -16.01
C SER A 31 -0.38 5.22 -16.63
N THR A 32 0.68 6.01 -16.75
CA THR A 32 0.59 7.34 -17.32
C THR A 32 0.20 7.23 -18.78
N ASP A 33 0.78 6.24 -19.44
CA ASP A 33 0.52 5.99 -20.84
C ASP A 33 -0.74 5.14 -21.01
N GLY A 34 -1.09 4.39 -19.98
CA GLY A 34 -2.27 3.54 -20.03
C GLY A 34 -1.95 2.15 -20.56
N ASP A 35 -0.75 1.66 -20.27
CA ASP A 35 -0.34 0.34 -20.71
C ASP A 35 -0.59 -0.71 -19.63
N LYS A 36 -0.69 -0.28 -18.39
CA LYS A 36 -0.93 -1.19 -17.27
C LYS A 36 -1.96 -0.63 -16.30
N VAL A 37 -2.74 -1.52 -15.69
CA VAL A 37 -3.76 -1.11 -14.73
C VAL A 37 -3.81 -2.06 -13.54
N HIS A 38 -3.95 -1.51 -12.34
CA HIS A 38 -4.00 -2.31 -11.12
C HIS A 38 -5.09 -1.82 -10.19
N THR A 39 -5.72 -2.75 -9.47
CA THR A 39 -6.78 -2.42 -8.53
C THR A 39 -6.51 -3.04 -7.17
N VAL A 40 -6.75 -2.27 -6.11
CA VAL A 40 -6.55 -2.75 -4.74
C VAL A 40 -7.72 -2.40 -3.83
N VAL A 41 -8.07 -3.34 -2.97
CA VAL A 41 -9.14 -3.13 -2.01
C VAL A 41 -8.56 -2.48 -0.76
N LEU A 42 -9.02 -1.28 -0.44
CA LEU A 42 -8.52 -0.54 0.72
C LEU A 42 -9.09 -1.10 2.03
N SER A 43 -10.28 -1.66 1.97
CA SER A 43 -10.93 -2.21 3.16
C SER A 43 -10.07 -3.26 3.85
N THR A 44 -9.14 -3.85 3.11
CA THR A 44 -8.26 -4.87 3.66
C THR A 44 -6.95 -4.26 4.13
N ILE A 45 -6.61 -3.10 3.60
CA ILE A 45 -5.37 -2.42 3.98
C ILE A 45 -5.33 -2.16 5.48
N ASP A 46 -4.81 -3.14 6.22
CA ASP A 46 -4.71 -3.03 7.67
C ASP A 46 -3.66 -2.00 8.08
N LYS A 47 -2.64 -1.83 7.25
CA LYS A 47 -1.58 -0.88 7.55
C LYS A 47 -1.16 -0.10 6.31
N LEU A 48 -0.85 1.17 6.50
CA LEU A 48 -0.42 2.03 5.42
C LEU A 48 0.92 2.66 5.77
N GLN A 49 1.91 2.47 4.89
CA GLN A 49 3.24 3.01 5.12
C GLN A 49 3.62 4.02 4.06
N ALA A 50 4.27 5.10 4.48
CA ALA A 50 4.69 6.16 3.56
C ALA A 50 6.03 6.74 3.97
N THR A 51 6.84 7.09 2.97
CA THR A 51 8.16 7.65 3.24
C THR A 51 8.03 9.11 3.69
N PRO A 52 8.39 9.41 4.95
CA PRO A 52 8.30 10.78 5.49
C PRO A 52 9.23 11.75 4.77
N ALA A 53 8.93 13.04 4.92
CA ALA A 53 9.74 14.08 4.29
C ALA A 53 11.20 13.97 4.68
N SER A 54 11.44 13.72 5.97
CA SER A 54 12.80 13.60 6.48
C SER A 54 13.55 12.47 5.76
N SER A 55 12.78 11.50 5.29
CA SER A 55 13.35 10.36 4.57
C SER A 55 13.53 10.69 3.10
N GLU A 56 14.78 10.66 2.65
CA GLU A 56 15.09 10.93 1.25
C GLU A 56 14.30 10.00 0.33
N LYS A 57 13.82 8.90 0.89
CA LYS A 57 13.05 7.93 0.13
C LYS A 57 11.73 8.53 -0.36
N MET A 58 11.15 7.93 -1.39
CA MET A 58 9.89 8.41 -1.96
C MET A 58 9.02 7.24 -2.40
N MET A 59 8.34 6.61 -1.44
CA MET A 59 7.47 5.47 -1.75
C MET A 59 6.37 5.31 -0.71
N LEU A 60 5.41 4.45 -1.03
CA LEU A 60 4.28 4.17 -0.14
C LEU A 60 3.95 2.69 -0.17
N ARG A 61 3.95 2.05 0.99
CA ARG A 61 3.65 0.61 1.08
C ARG A 61 2.35 0.34 1.82
N LEU A 62 1.55 -0.57 1.28
CA LEU A 62 0.27 -0.94 1.89
C LEU A 62 0.31 -2.38 2.42
N ILE A 63 -0.36 -2.61 3.55
CA ILE A 63 -0.39 -3.94 4.14
C ILE A 63 -1.81 -4.51 4.12
N GLY A 64 -1.95 -5.69 3.52
CA GLY A 64 -3.26 -6.33 3.45
C GLY A 64 -3.53 -7.23 4.64
N LYS A 65 -4.69 -7.05 5.27
CA LYS A 65 -5.07 -7.86 6.43
C LYS A 65 -4.81 -9.33 6.18
N VAL A 66 -4.57 -10.08 7.27
CA VAL A 66 -4.30 -11.51 7.17
C VAL A 66 -5.31 -12.31 7.99
N ASP A 67 -4.97 -13.56 8.27
CA ASP A 67 -5.82 -14.44 9.06
C ASP A 67 -5.18 -15.81 9.20
N GLU A 68 -3.93 -15.82 9.65
CA GLU A 68 -3.19 -17.06 9.83
C GLU A 68 -3.92 -18.01 10.79
N SER A 69 -4.78 -17.45 11.62
CA SER A 69 -5.55 -18.24 12.58
C SER A 69 -6.49 -19.21 11.86
N LYS A 70 -6.70 -18.99 10.57
CA LYS A 70 -7.57 -19.84 9.78
C LYS A 70 -6.97 -21.23 9.57
N LYS A 71 -5.68 -21.26 9.22
CA LYS A 71 -4.99 -22.53 8.99
C LYS A 71 -5.64 -23.29 7.84
N ARG A 72 -5.11 -23.10 6.63
CA ARG A 72 -5.64 -23.77 5.46
C ARG A 72 -4.70 -24.87 4.99
N LYS A 73 -5.26 -25.90 4.36
CA LYS A 73 -4.47 -27.02 3.85
C LYS A 73 -3.93 -26.73 2.46
N ASP A 74 -2.73 -27.24 2.18
CA ASP A 74 -2.09 -27.02 0.88
C ASP A 74 -2.35 -28.21 -0.04
N ASN A 75 -1.86 -28.11 -1.27
CA ASN A 75 -2.04 -29.17 -2.25
C ASN A 75 -1.41 -30.48 -1.78
N GLU A 76 -0.49 -30.38 -0.83
CA GLU A 76 0.18 -31.56 -0.29
C GLU A 76 -0.58 -32.16 0.88
N GLY A 77 -1.80 -31.68 1.11
CA GLY A 77 -2.61 -32.19 2.19
C GLY A 77 -2.09 -31.79 3.56
N ASN A 78 -1.24 -30.76 3.58
CA ASN A 78 -0.67 -30.27 4.83
C ASN A 78 -1.13 -28.86 5.13
N GLU A 79 -1.31 -28.55 6.41
CA GLU A 79 -1.75 -27.22 6.81
C GLU A 79 -0.61 -26.19 6.69
N VAL A 80 -0.96 -24.99 6.27
CA VAL A 80 0.03 -23.92 6.11
C VAL A 80 -0.43 -22.64 6.78
N VAL A 81 0.52 -21.77 7.08
CA VAL A 81 0.20 -20.49 7.70
C VAL A 81 0.26 -19.38 6.65
N PRO A 82 -0.90 -18.98 6.11
CA PRO A 82 -0.97 -17.93 5.08
C PRO A 82 -0.11 -16.73 5.42
N LYS A 83 0.16 -15.89 4.42
CA LYS A 83 0.97 -14.71 4.61
C LYS A 83 0.17 -13.44 4.30
N PRO A 84 0.47 -12.35 5.01
CA PRO A 84 -0.22 -11.06 4.85
C PRO A 84 0.15 -10.36 3.55
N GLN A 85 -0.85 -9.82 2.86
CA GLN A 85 -0.63 -9.12 1.61
C GLN A 85 0.16 -7.83 1.84
N ARG A 86 0.95 -7.44 0.86
CA ARG A 86 1.75 -6.22 0.96
C ARG A 86 2.01 -5.62 -0.42
N HIS A 87 1.55 -4.39 -0.62
CA HIS A 87 1.73 -3.70 -1.89
C HIS A 87 2.82 -2.65 -1.79
N MET A 88 3.56 -2.47 -2.88
CA MET A 88 4.65 -1.49 -2.90
C MET A 88 4.46 -0.48 -4.03
N PHE A 89 4.32 0.78 -3.66
CA PHE A 89 4.14 1.85 -4.63
C PHE A 89 5.20 2.93 -4.45
N SER A 90 5.68 3.49 -5.56
CA SER A 90 6.69 4.53 -5.50
C SER A 90 6.15 5.86 -6.01
N PHE A 91 6.45 6.93 -5.30
CA PHE A 91 6.00 8.27 -5.67
C PHE A 91 7.18 9.21 -5.87
N ASN A 92 6.97 10.26 -6.64
CA ASN A 92 8.02 11.24 -6.90
C ASN A 92 7.61 12.62 -6.40
N ASN A 93 6.64 12.66 -5.50
CA ASN A 93 6.16 13.93 -4.95
C ASN A 93 5.70 13.75 -3.51
N ARG A 94 6.47 14.32 -2.58
CA ARG A 94 6.14 14.23 -1.17
C ARG A 94 4.72 14.71 -0.89
N THR A 95 4.26 15.64 -1.72
CA THR A 95 2.93 16.19 -1.60
C THR A 95 1.87 15.21 -2.10
N VAL A 96 2.03 14.77 -3.34
CA VAL A 96 1.08 13.83 -3.94
C VAL A 96 0.95 12.58 -3.06
N MET A 97 2.09 12.03 -2.66
CA MET A 97 2.09 10.84 -1.82
C MET A 97 1.43 11.16 -0.49
N ASP A 98 1.65 12.39 -0.01
CA ASP A 98 1.07 12.82 1.25
C ASP A 98 -0.45 12.78 1.19
N ASN A 99 -0.98 13.08 0.01
CA ASN A 99 -2.42 13.06 -0.20
C ASN A 99 -2.95 11.64 -0.12
N ILE A 100 -2.14 10.70 -0.61
CA ILE A 100 -2.50 9.29 -0.60
C ILE A 100 -2.47 8.74 0.82
N LYS A 101 -1.35 8.96 1.49
CA LYS A 101 -1.17 8.50 2.86
C LYS A 101 -2.19 9.13 3.80
N MET A 102 -2.64 10.33 3.42
CA MET A 102 -3.62 11.06 4.21
C MET A 102 -5.02 10.52 3.97
N THR A 103 -5.31 10.20 2.71
CA THR A 103 -6.61 9.67 2.34
C THR A 103 -6.69 8.18 2.69
N LEU A 104 -5.57 7.49 2.62
CA LEU A 104 -5.53 6.07 2.95
C LEU A 104 -5.83 5.84 4.41
N GLN A 105 -5.30 6.72 5.27
CA GLN A 105 -5.52 6.62 6.71
C GLN A 105 -6.99 6.78 7.05
N GLN A 106 -7.70 7.53 6.22
CA GLN A 106 -9.12 7.78 6.43
C GLN A 106 -9.94 6.51 6.18
N ILE A 107 -9.52 5.73 5.19
CA ILE A 107 -10.22 4.49 4.85
C ILE A 107 -10.04 3.44 5.95
N ILE A 108 -8.80 3.25 6.39
CA ILE A 108 -8.52 2.28 7.44
C ILE A 108 -9.34 2.59 8.66
N SER A 109 -9.10 3.78 9.19
CA SER A 109 -9.82 4.27 10.36
C SER A 109 -11.33 4.14 10.15
N ARG A 110 -11.74 4.21 8.89
CA ARG A 110 -13.15 4.10 8.54
C ARG A 110 -13.67 2.70 8.84
N TYR A 111 -12.82 1.72 8.64
CA TYR A 111 -13.19 0.33 8.89
C TYR A 111 -12.80 -0.10 10.31
N LYS A 112 -11.69 0.44 10.80
CA LYS A 112 -11.22 0.13 12.14
C LYS A 112 -12.21 0.63 13.20
N ASP A 113 -12.79 1.80 12.93
CA ASP A 113 -13.75 2.40 13.85
C ASP A 113 -14.96 1.49 14.04
N ALA A 114 -15.39 0.86 12.96
CA ALA A 114 -16.54 -0.04 13.01
C ALA A 114 -16.26 -1.25 13.89
N ASP A 115 -15.01 -1.71 13.85
CA ASP A 115 -14.61 -2.87 14.63
C ASP A 115 -13.18 -2.71 15.17
N LEU B 26 17.83 -3.40 -3.34
CA LEU B 26 18.50 -4.63 -3.85
C LEU B 26 17.88 -5.89 -3.25
N SER B 27 17.78 -5.92 -1.93
CA SER B 27 17.20 -7.06 -1.23
C SER B 27 16.02 -6.63 -0.36
N PRO B 28 15.21 -7.60 0.09
CA PRO B 28 14.04 -7.32 0.93
C PRO B 28 14.40 -6.47 2.14
N ASP B 29 15.50 -6.81 2.79
CA ASP B 29 15.97 -6.08 3.97
C ASP B 29 16.20 -4.61 3.64
N ASP B 30 16.54 -4.34 2.39
CA ASP B 30 16.79 -2.97 1.95
C ASP B 30 15.49 -2.18 1.82
N ILE B 31 14.52 -2.77 1.15
CA ILE B 31 13.22 -2.12 0.94
C ILE B 31 12.57 -1.73 2.26
N GLU B 32 12.84 -2.52 3.29
CA GLU B 32 12.29 -2.26 4.62
C GLU B 32 13.10 -1.18 5.34
N GLN B 33 14.37 -1.06 4.98
CA GLN B 33 15.24 -0.06 5.59
C GLN B 33 14.80 1.35 5.21
N TRP B 34 14.23 1.48 4.02
CA TRP B 34 13.76 2.78 3.54
C TRP B 34 12.74 3.39 4.49
N PHE B 35 11.91 2.53 5.09
CA PHE B 35 10.89 2.98 6.02
C PHE B 35 11.38 2.92 7.46
N THR B 36 12.61 2.47 7.65
CA THR B 36 13.19 2.37 8.99
C THR B 36 13.61 3.74 9.50
N GLU B 37 14.00 4.63 8.58
CA GLU B 37 14.43 5.97 8.95
C GLU B 37 13.31 6.72 9.67
N ASP B 38 13.67 7.45 10.72
CA ASP B 38 12.70 8.21 11.49
C ASP B 38 13.39 9.19 12.43
N PRO B 39 13.93 10.29 11.89
CA PRO B 39 14.64 11.31 12.69
C PRO B 39 13.68 12.10 13.58
N PRO A 1 -5.46 16.97 -5.20
CA PRO A 1 -4.57 16.24 -4.28
C PRO A 1 -5.36 15.43 -3.26
N SER A 2 -6.41 14.76 -3.72
CA SER A 2 -7.26 13.95 -2.85
C SER A 2 -7.83 12.75 -3.59
N HIS A 3 -7.57 11.55 -3.08
CA HIS A 3 -8.06 10.32 -3.70
C HIS A 3 -7.44 10.11 -5.07
N SER A 4 -6.23 10.62 -5.24
CA SER A 4 -5.49 10.48 -6.48
C SER A 4 -4.08 11.01 -6.33
N GLY A 5 -3.12 10.31 -6.92
CA GLY A 5 -1.74 10.72 -6.84
C GLY A 5 -0.85 9.91 -7.74
N ALA A 6 -0.21 10.59 -8.70
CA ALA A 6 0.67 9.93 -9.64
C ALA A 6 1.65 9.00 -8.93
N ALA A 7 1.33 7.71 -8.96
CA ALA A 7 2.15 6.70 -8.30
C ALA A 7 2.78 5.73 -9.31
N ILE A 8 3.93 5.17 -8.94
CA ILE A 8 4.61 4.22 -9.81
C ILE A 8 4.35 2.80 -9.35
N PHE A 9 3.83 1.99 -10.26
CA PHE A 9 3.54 0.59 -9.93
C PHE A 9 4.48 -0.35 -10.68
N GLU A 10 5.06 -1.30 -9.95
CA GLU A 10 5.97 -2.27 -10.55
C GLU A 10 7.09 -1.57 -11.29
N LYS A 11 7.53 -0.42 -10.77
CA LYS A 11 8.59 0.35 -11.41
C LYS A 11 8.05 1.10 -12.62
N VAL A 12 6.75 0.95 -12.87
CA VAL A 12 6.11 1.62 -13.98
C VAL A 12 5.39 2.84 -13.49
N SER A 13 5.21 3.80 -14.37
CA SER A 13 4.56 5.04 -13.98
C SER A 13 3.08 5.06 -14.34
N GLY A 14 2.33 5.77 -13.52
CA GLY A 14 0.89 5.89 -13.71
C GLY A 14 0.29 6.67 -12.55
N ILE A 15 -1.02 6.87 -12.56
CA ILE A 15 -1.65 7.58 -11.47
C ILE A 15 -2.45 6.63 -10.59
N ILE A 16 -2.41 6.88 -9.31
CA ILE A 16 -3.11 6.07 -8.34
C ILE A 16 -4.32 6.84 -7.84
N ALA A 17 -5.49 6.31 -8.08
CA ALA A 17 -6.72 6.98 -7.67
C ALA A 17 -7.53 6.12 -6.73
N ILE A 18 -7.95 6.71 -5.62
CA ILE A 18 -8.72 6.02 -4.60
C ILE A 18 -10.19 6.38 -4.68
N ASN A 19 -11.06 5.38 -4.50
CA ASN A 19 -12.50 5.61 -4.55
C ASN A 19 -13.19 4.97 -3.34
N GLU A 20 -13.72 5.81 -2.46
CA GLU A 20 -14.40 5.33 -1.27
C GLU A 20 -15.90 5.14 -1.53
N ASP A 21 -16.30 5.31 -2.78
CA ASP A 21 -17.71 5.15 -3.15
C ASP A 21 -18.05 3.67 -3.30
N VAL A 22 -17.02 2.83 -3.43
CA VAL A 22 -17.20 1.41 -3.58
C VAL A 22 -16.95 0.69 -2.26
N SER A 23 -17.75 -0.36 -2.00
CA SER A 23 -17.61 -1.13 -0.76
C SER A 23 -17.17 -2.56 -1.07
N PRO A 24 -15.97 -2.98 -0.61
CA PRO A 24 -15.06 -2.12 0.17
C PRO A 24 -14.26 -1.19 -0.72
N ALA A 25 -14.02 0.03 -0.24
CA ALA A 25 -13.25 1.02 -0.99
C ALA A 25 -11.99 0.40 -1.58
N GLU A 26 -11.63 0.82 -2.79
CA GLU A 26 -10.45 0.28 -3.46
C GLU A 26 -9.63 1.39 -4.10
N LEU A 27 -8.41 1.04 -4.51
CA LEU A 27 -7.49 1.98 -5.15
C LEU A 27 -7.11 1.45 -6.53
N THR A 28 -7.22 2.32 -7.54
CA THR A 28 -6.90 1.91 -8.91
C THR A 28 -5.74 2.71 -9.48
N TRP A 29 -4.72 1.99 -9.96
CA TRP A 29 -3.56 2.60 -10.56
C TRP A 29 -3.65 2.55 -12.08
N ARG A 30 -3.46 3.69 -12.72
CA ARG A 30 -3.52 3.75 -14.18
C ARG A 30 -2.24 4.31 -14.77
N SER A 31 -1.55 3.50 -15.56
CA SER A 31 -0.30 3.91 -16.19
C SER A 31 -0.42 5.31 -16.79
N THR A 32 0.72 5.91 -17.13
CA THR A 32 0.73 7.24 -17.72
C THR A 32 0.26 7.16 -19.16
N ASP A 33 0.75 6.15 -19.86
CA ASP A 33 0.41 5.92 -21.25
C ASP A 33 -0.87 5.10 -21.37
N GLY A 34 -1.26 4.44 -20.27
CA GLY A 34 -2.46 3.64 -20.28
C GLY A 34 -2.19 2.22 -20.78
N ASP A 35 -1.01 1.70 -20.47
CA ASP A 35 -0.64 0.36 -20.90
C ASP A 35 -0.86 -0.66 -19.78
N LYS A 36 -0.91 -0.20 -18.54
CA LYS A 36 -1.12 -1.08 -17.40
C LYS A 36 -2.07 -0.47 -16.39
N VAL A 37 -2.85 -1.33 -15.74
CA VAL A 37 -3.80 -0.90 -14.72
C VAL A 37 -3.81 -1.86 -13.54
N HIS A 38 -3.91 -1.32 -12.33
CA HIS A 38 -3.92 -2.15 -11.13
C HIS A 38 -5.00 -1.68 -10.15
N THR A 39 -5.59 -2.64 -9.45
CA THR A 39 -6.64 -2.35 -8.47
C THR A 39 -6.34 -3.00 -7.14
N VAL A 40 -6.52 -2.25 -6.05
CA VAL A 40 -6.27 -2.78 -4.71
C VAL A 40 -7.44 -2.49 -3.78
N VAL A 41 -7.73 -3.47 -2.93
CA VAL A 41 -8.80 -3.32 -1.95
C VAL A 41 -8.24 -2.65 -0.70
N LEU A 42 -8.75 -1.47 -0.38
CA LEU A 42 -8.27 -0.72 0.78
C LEU A 42 -8.78 -1.30 2.10
N SER A 43 -9.97 -1.91 2.05
CA SER A 43 -10.57 -2.48 3.25
C SER A 43 -9.67 -3.51 3.92
N THR A 44 -8.73 -4.06 3.17
CA THR A 44 -7.81 -5.06 3.71
C THR A 44 -6.51 -4.41 4.18
N ILE A 45 -6.22 -3.22 3.66
CA ILE A 45 -4.99 -2.51 4.04
C ILE A 45 -4.87 -2.40 5.55
N ASP A 46 -4.18 -3.36 6.16
CA ASP A 46 -3.98 -3.38 7.60
C ASP A 46 -3.12 -2.20 8.05
N LYS A 47 -2.23 -1.74 7.18
CA LYS A 47 -1.36 -0.62 7.52
C LYS A 47 -0.93 0.13 6.26
N LEU A 48 -0.51 1.38 6.45
CA LEU A 48 -0.06 2.21 5.35
C LEU A 48 1.28 2.86 5.71
N GLN A 49 2.25 2.74 4.82
CA GLN A 49 3.57 3.30 5.06
C GLN A 49 3.95 4.32 3.98
N ALA A 50 4.65 5.36 4.37
CA ALA A 50 5.07 6.40 3.44
C ALA A 50 6.41 7.00 3.85
N THR A 51 7.24 7.29 2.86
CA THR A 51 8.55 7.87 3.12
C THR A 51 8.43 9.36 3.49
N PRO A 52 8.83 9.74 4.72
CA PRO A 52 8.74 11.13 5.18
C PRO A 52 9.60 12.07 4.35
N ALA A 53 9.29 13.36 4.41
CA ALA A 53 10.03 14.37 3.67
C ALA A 53 11.52 14.33 4.00
N SER A 54 11.83 14.18 5.28
CA SER A 54 13.22 14.11 5.73
C SER A 54 13.91 12.90 5.13
N SER A 55 13.13 11.88 4.83
CA SER A 55 13.65 10.65 4.26
C SER A 55 13.87 10.81 2.76
N GLU A 56 15.11 10.63 2.33
CA GLU A 56 15.45 10.73 0.92
C GLU A 56 14.58 9.80 0.08
N LYS A 57 14.00 8.80 0.75
CA LYS A 57 13.14 7.83 0.08
C LYS A 57 11.82 8.47 -0.34
N MET A 58 11.33 8.09 -1.51
CA MET A 58 10.07 8.63 -2.03
C MET A 58 9.18 7.50 -2.52
N MET A 59 8.51 6.84 -1.59
CA MET A 59 7.62 5.72 -1.94
C MET A 59 6.54 5.51 -0.89
N LEU A 60 5.56 4.67 -1.22
CA LEU A 60 4.46 4.36 -0.32
C LEU A 60 4.21 2.85 -0.30
N ARG A 61 4.27 2.24 0.88
CA ARG A 61 4.06 0.81 1.00
C ARG A 61 2.76 0.49 1.74
N LEU A 62 1.91 -0.34 1.12
CA LEU A 62 0.65 -0.74 1.71
C LEU A 62 0.73 -2.19 2.21
N ILE A 63 0.07 -2.47 3.33
CA ILE A 63 0.07 -3.81 3.90
C ILE A 63 -1.28 -4.48 3.74
N GLY A 64 -1.29 -5.63 3.07
CA GLY A 64 -2.52 -6.36 2.87
C GLY A 64 -2.80 -7.36 3.98
N LYS A 65 -3.99 -7.29 4.56
CA LYS A 65 -4.37 -8.19 5.64
C LYS A 65 -4.09 -9.64 5.28
N VAL A 66 -3.71 -10.43 6.28
CA VAL A 66 -3.41 -11.85 6.07
C VAL A 66 -4.46 -12.74 6.72
N ASP A 67 -4.12 -14.00 6.90
CA ASP A 67 -5.01 -14.97 7.52
C ASP A 67 -4.28 -16.30 7.76
N GLU A 68 -3.38 -16.29 8.74
CA GLU A 68 -2.61 -17.47 9.07
C GLU A 68 -3.51 -18.66 9.38
N SER A 69 -4.75 -18.36 9.76
CA SER A 69 -5.71 -19.42 10.08
C SER A 69 -5.94 -20.34 8.89
N LYS A 70 -5.55 -19.88 7.70
CA LYS A 70 -5.72 -20.68 6.50
C LYS A 70 -4.86 -21.94 6.54
N LYS A 71 -3.61 -21.78 6.95
CA LYS A 71 -2.69 -22.91 7.04
C LYS A 71 -2.47 -23.54 5.67
N ARG A 72 -1.41 -23.11 4.99
CA ARG A 72 -1.09 -23.62 3.66
C ARG A 72 -0.15 -24.82 3.77
N LYS A 73 -0.02 -25.55 2.66
CA LYS A 73 0.85 -26.73 2.63
C LYS A 73 1.85 -26.63 1.50
N ASP A 74 3.03 -27.20 1.72
CA ASP A 74 4.09 -27.19 0.72
C ASP A 74 3.84 -28.24 -0.35
N ASN A 75 4.65 -28.22 -1.41
CA ASN A 75 4.50 -29.18 -2.50
C ASN A 75 4.60 -30.61 -1.99
N GLU A 76 5.27 -30.79 -0.86
CA GLU A 76 5.45 -32.11 -0.27
C GLU A 76 4.37 -32.40 0.78
N GLY A 77 3.26 -31.66 0.71
CA GLY A 77 2.19 -31.86 1.67
C GLY A 77 2.50 -31.29 3.04
N ASN A 78 3.59 -30.54 3.14
CA ASN A 78 3.98 -29.93 4.41
C ASN A 78 2.98 -28.86 4.84
N GLU A 79 3.38 -28.02 5.78
CA GLU A 79 2.51 -26.95 6.26
C GLU A 79 3.29 -25.65 6.44
N VAL A 80 2.68 -24.54 6.03
CA VAL A 80 3.33 -23.24 6.14
C VAL A 80 2.34 -22.16 6.57
N VAL A 81 2.88 -21.11 7.16
CA VAL A 81 2.09 -19.99 7.61
C VAL A 81 2.15 -18.86 6.58
N PRO A 82 1.12 -18.74 5.72
CA PRO A 82 1.08 -17.71 4.69
C PRO A 82 1.57 -16.35 5.17
N LYS A 83 2.22 -15.61 4.29
CA LYS A 83 2.74 -14.28 4.63
C LYS A 83 1.75 -13.19 4.24
N PRO A 84 1.81 -12.06 4.95
CA PRO A 84 0.91 -10.92 4.71
C PRO A 84 1.23 -10.18 3.42
N GLN A 85 0.18 -9.75 2.73
CA GLN A 85 0.34 -9.02 1.47
C GLN A 85 1.03 -7.68 1.70
N ARG A 86 1.81 -7.26 0.72
CA ARG A 86 2.52 -5.99 0.81
C ARG A 86 2.71 -5.37 -0.57
N HIS A 87 2.17 -4.18 -0.76
CA HIS A 87 2.28 -3.49 -2.04
C HIS A 87 3.37 -2.42 -1.99
N MET A 88 3.90 -2.06 -3.16
CA MET A 88 4.95 -1.05 -3.24
C MET A 88 4.66 -0.02 -4.33
N PHE A 89 4.68 1.25 -3.95
CA PHE A 89 4.43 2.33 -4.90
C PHE A 89 5.46 3.44 -4.73
N SER A 90 5.79 4.11 -5.84
CA SER A 90 6.77 5.19 -5.80
C SER A 90 6.23 6.46 -6.45
N PHE A 91 6.41 7.59 -5.77
CA PHE A 91 5.95 8.87 -6.28
C PHE A 91 7.11 9.85 -6.37
N ASN A 92 6.94 10.91 -7.15
CA ASN A 92 7.98 11.91 -7.32
C ASN A 92 7.53 13.26 -6.74
N ASN A 93 6.65 13.21 -5.75
CA ASN A 93 6.14 14.41 -5.11
C ASN A 93 5.74 14.13 -3.67
N ARG A 94 6.50 14.66 -2.72
CA ARG A 94 6.22 14.47 -1.30
C ARG A 94 4.77 14.84 -0.98
N THR A 95 4.26 15.81 -1.72
CA THR A 95 2.91 16.27 -1.54
C THR A 95 1.90 15.22 -1.99
N VAL A 96 2.04 14.77 -3.23
CA VAL A 96 1.14 13.75 -3.77
C VAL A 96 1.21 12.48 -2.93
N MET A 97 2.41 12.19 -2.42
CA MET A 97 2.61 11.01 -1.58
C MET A 97 1.85 11.16 -0.26
N ASP A 98 1.86 12.38 0.28
CA ASP A 98 1.18 12.64 1.54
C ASP A 98 -0.33 12.57 1.37
N ASN A 99 -0.81 12.99 0.22
CA ASN A 99 -2.23 12.96 -0.08
C ASN A 99 -2.74 11.52 -0.06
N ILE A 100 -1.90 10.60 -0.51
CA ILE A 100 -2.24 9.18 -0.53
C ILE A 100 -2.26 8.61 0.88
N LYS A 101 -1.18 8.84 1.63
CA LYS A 101 -1.08 8.35 2.99
C LYS A 101 -2.15 8.97 3.89
N MET A 102 -2.59 10.16 3.51
CA MET A 102 -3.62 10.87 4.27
C MET A 102 -5.00 10.29 3.94
N THR A 103 -5.22 10.02 2.66
CA THR A 103 -6.48 9.48 2.20
C THR A 103 -6.64 8.02 2.64
N LEU A 104 -5.54 7.27 2.55
CA LEU A 104 -5.56 5.86 2.94
C LEU A 104 -5.91 5.71 4.41
N GLN A 105 -5.39 6.62 5.23
CA GLN A 105 -5.66 6.59 6.67
C GLN A 105 -7.13 6.81 6.96
N GLN A 106 -7.81 7.50 6.05
CA GLN A 106 -9.23 7.77 6.20
C GLN A 106 -10.06 6.50 6.04
N ILE A 107 -9.60 5.61 5.15
CA ILE A 107 -10.31 4.37 4.90
C ILE A 107 -10.14 3.38 6.04
N ILE A 108 -8.90 3.23 6.51
CA ILE A 108 -8.63 2.31 7.63
C ILE A 108 -9.49 2.68 8.81
N SER A 109 -9.27 3.89 9.28
CA SER A 109 -10.00 4.44 10.41
C SER A 109 -11.50 4.25 10.22
N ARG A 110 -11.93 4.22 8.96
CA ARG A 110 -13.34 4.04 8.63
C ARG A 110 -13.80 2.64 9.02
N TYR A 111 -12.91 1.68 8.85
CA TYR A 111 -13.20 0.29 9.18
C TYR A 111 -12.77 -0.04 10.60
N LYS A 112 -11.70 0.62 11.05
CA LYS A 112 -11.19 0.40 12.40
C LYS A 112 -12.20 0.88 13.43
N ASP A 113 -12.88 1.97 13.12
CA ASP A 113 -13.88 2.53 14.03
C ASP A 113 -15.00 1.53 14.30
N ALA A 114 -15.36 0.77 13.27
CA ALA A 114 -16.42 -0.23 13.40
C ALA A 114 -16.05 -1.29 14.42
N ASP A 115 -14.75 -1.60 14.50
CA ASP A 115 -14.27 -2.61 15.44
C ASP A 115 -13.69 -1.95 16.69
N LEU B 26 18.63 -7.16 -0.81
CA LEU B 26 18.78 -8.60 -0.47
C LEU B 26 17.42 -9.27 -0.33
N SER B 27 16.67 -8.86 0.70
CA SER B 27 15.35 -9.43 0.94
C SER B 27 14.32 -8.33 1.16
N PRO B 28 13.02 -8.68 1.13
CA PRO B 28 11.93 -7.71 1.31
C PRO B 28 12.11 -6.88 2.57
N ASP B 29 12.64 -7.50 3.62
CA ASP B 29 12.87 -6.80 4.88
C ASP B 29 13.71 -5.55 4.67
N ASP B 30 14.51 -5.55 3.61
CA ASP B 30 15.36 -4.41 3.30
C ASP B 30 14.51 -3.17 3.00
N ILE B 31 13.48 -3.35 2.19
CA ILE B 31 12.59 -2.26 1.82
C ILE B 31 11.76 -1.79 3.01
N GLU B 32 11.61 -2.65 4.00
CA GLU B 32 10.85 -2.32 5.19
C GLU B 32 11.50 -1.18 5.96
N GLN B 33 12.83 -1.13 5.91
CA GLN B 33 13.58 -0.08 6.60
C GLN B 33 13.38 1.27 5.92
N TRP B 34 13.17 1.25 4.61
CA TRP B 34 12.97 2.48 3.85
C TRP B 34 11.84 3.31 4.45
N PHE B 35 10.93 2.65 5.15
CA PHE B 35 9.80 3.33 5.78
C PHE B 35 9.97 3.40 7.30
N THR B 36 10.79 2.50 7.84
CA THR B 36 11.03 2.47 9.28
C THR B 36 12.09 3.50 9.68
N GLU B 37 13.05 3.73 8.78
CA GLU B 37 14.12 4.69 9.04
C GLU B 37 13.55 6.10 9.27
N ASP B 38 14.11 6.82 10.21
CA ASP B 38 13.67 8.17 10.52
C ASP B 38 14.84 9.15 10.53
N PRO B 39 14.55 10.46 10.46
CA PRO B 39 15.59 11.50 10.47
C PRO B 39 16.28 11.61 11.82
N PRO A 1 -5.37 16.97 -4.70
CA PRO A 1 -4.85 15.61 -4.98
C PRO A 1 -5.50 14.56 -4.10
N SER A 2 -6.82 14.66 -3.94
CA SER A 2 -7.57 13.72 -3.12
C SER A 2 -8.16 12.61 -3.97
N HIS A 3 -7.99 11.37 -3.53
CA HIS A 3 -8.51 10.21 -4.24
C HIS A 3 -7.84 10.07 -5.60
N SER A 4 -6.59 10.50 -5.67
CA SER A 4 -5.80 10.43 -6.90
C SER A 4 -4.46 11.12 -6.72
N GLY A 5 -3.40 10.40 -7.02
CA GLY A 5 -2.06 10.95 -6.88
C GLY A 5 -1.04 10.13 -7.63
N ALA A 6 -0.50 10.68 -8.72
CA ALA A 6 0.50 10.01 -9.54
C ALA A 6 1.38 9.10 -8.70
N ALA A 7 1.31 7.80 -8.96
CA ALA A 7 2.10 6.83 -8.20
C ALA A 7 2.79 5.82 -9.11
N ILE A 8 3.92 5.30 -8.65
CA ILE A 8 4.67 4.30 -9.42
C ILE A 8 4.34 2.90 -8.93
N PHE A 9 3.91 2.06 -9.86
CA PHE A 9 3.57 0.68 -9.54
C PHE A 9 4.50 -0.29 -10.26
N GLU A 10 5.08 -1.21 -9.51
CA GLU A 10 5.99 -2.20 -10.08
C GLU A 10 7.17 -1.52 -10.76
N LYS A 11 7.59 -0.39 -10.21
CA LYS A 11 8.70 0.38 -10.77
C LYS A 11 8.24 1.14 -12.01
N VAL A 12 6.94 1.01 -12.33
CA VAL A 12 6.37 1.70 -13.47
C VAL A 12 5.62 2.92 -13.00
N SER A 13 5.54 3.90 -13.85
CA SER A 13 4.85 5.12 -13.49
C SER A 13 3.39 5.07 -13.87
N GLY A 14 2.57 5.70 -13.05
CA GLY A 14 1.14 5.73 -13.27
C GLY A 14 0.42 6.57 -12.25
N ILE A 15 -0.88 6.64 -12.36
CA ILE A 15 -1.68 7.41 -11.43
C ILE A 15 -2.41 6.50 -10.48
N ILE A 16 -2.40 6.85 -9.22
CA ILE A 16 -3.09 6.07 -8.22
C ILE A 16 -4.34 6.82 -7.82
N ALA A 17 -5.49 6.20 -8.05
CA ALA A 17 -6.76 6.83 -7.75
C ALA A 17 -7.60 5.96 -6.83
N ILE A 18 -8.16 6.59 -5.80
CA ILE A 18 -8.98 5.88 -4.83
C ILE A 18 -10.46 6.21 -5.02
N ASN A 19 -11.30 5.18 -4.86
CA ASN A 19 -12.73 5.35 -5.02
C ASN A 19 -13.48 4.72 -3.85
N GLU A 20 -14.16 5.56 -3.07
CA GLU A 20 -14.91 5.08 -1.91
C GLU A 20 -16.37 4.81 -2.28
N ASP A 21 -16.70 4.93 -3.56
CA ASP A 21 -18.04 4.68 -4.03
C ASP A 21 -18.30 3.18 -4.15
N VAL A 22 -17.21 2.41 -4.19
CA VAL A 22 -17.30 0.97 -4.31
C VAL A 22 -17.09 0.31 -2.96
N SER A 23 -17.81 -0.79 -2.72
CA SER A 23 -17.69 -1.51 -1.46
C SER A 23 -17.20 -2.94 -1.69
N PRO A 24 -16.04 -3.31 -1.12
CA PRO A 24 -15.23 -2.42 -0.29
C PRO A 24 -14.41 -1.45 -1.12
N ALA A 25 -14.30 -0.21 -0.66
CA ALA A 25 -13.54 0.82 -1.37
C ALA A 25 -12.21 0.26 -1.88
N GLU A 26 -11.85 0.62 -3.10
CA GLU A 26 -10.61 0.12 -3.70
C GLU A 26 -9.78 1.25 -4.30
N LEU A 27 -8.53 0.95 -4.58
CA LEU A 27 -7.60 1.91 -5.17
C LEU A 27 -7.08 1.36 -6.49
N THR A 28 -7.22 2.13 -7.56
CA THR A 28 -6.79 1.69 -8.87
C THR A 28 -5.62 2.51 -9.40
N TRP A 29 -4.57 1.81 -9.84
CA TRP A 29 -3.40 2.44 -10.39
C TRP A 29 -3.43 2.37 -11.91
N ARG A 30 -3.29 3.52 -12.55
CA ARG A 30 -3.30 3.57 -14.01
C ARG A 30 -2.03 4.23 -14.54
N SER A 31 -1.25 3.48 -15.30
CA SER A 31 0.00 4.00 -15.87
C SER A 31 -0.20 5.40 -16.44
N THR A 32 0.89 6.16 -16.55
CA THR A 32 0.82 7.50 -17.08
C THR A 32 0.41 7.45 -18.53
N ASP A 33 0.95 6.45 -19.21
CA ASP A 33 0.67 6.24 -20.61
C ASP A 33 -0.62 5.44 -20.80
N GLY A 34 -0.97 4.66 -19.78
CA GLY A 34 -2.17 3.84 -19.85
C GLY A 34 -1.90 2.45 -20.38
N ASP A 35 -0.70 1.93 -20.12
CA ASP A 35 -0.33 0.60 -20.58
C ASP A 35 -0.48 -0.45 -19.48
N LYS A 36 -0.50 0.01 -18.23
CA LYS A 36 -0.63 -0.88 -17.09
C LYS A 36 -1.71 -0.40 -16.12
N VAL A 37 -2.47 -1.34 -15.57
CA VAL A 37 -3.53 -0.99 -14.63
C VAL A 37 -3.57 -1.97 -13.46
N HIS A 38 -3.69 -1.45 -12.25
CA HIS A 38 -3.74 -2.28 -11.05
C HIS A 38 -4.86 -1.83 -10.11
N THR A 39 -5.46 -2.78 -9.41
CA THR A 39 -6.53 -2.49 -8.48
C THR A 39 -6.24 -3.07 -7.09
N VAL A 40 -6.57 -2.33 -6.04
CA VAL A 40 -6.34 -2.78 -4.68
C VAL A 40 -7.56 -2.54 -3.79
N VAL A 41 -7.83 -3.48 -2.91
CA VAL A 41 -8.92 -3.37 -1.97
C VAL A 41 -8.44 -2.61 -0.74
N LEU A 42 -9.05 -1.47 -0.48
CA LEU A 42 -8.66 -0.63 0.66
C LEU A 42 -9.14 -1.20 1.99
N SER A 43 -10.26 -1.90 1.97
CA SER A 43 -10.83 -2.48 3.18
C SER A 43 -9.84 -3.39 3.90
N THR A 44 -8.85 -3.90 3.18
CA THR A 44 -7.85 -4.78 3.76
C THR A 44 -6.66 -4.00 4.29
N ILE A 45 -6.44 -2.82 3.75
CA ILE A 45 -5.33 -1.99 4.17
C ILE A 45 -5.41 -1.69 5.66
N ASP A 46 -4.75 -2.53 6.45
CA ASP A 46 -4.76 -2.37 7.89
C ASP A 46 -3.75 -1.32 8.36
N LYS A 47 -2.70 -1.10 7.56
CA LYS A 47 -1.69 -0.12 7.91
C LYS A 47 -1.26 0.72 6.72
N LEU A 48 -0.80 1.93 7.00
CA LEU A 48 -0.34 2.85 5.98
C LEU A 48 1.14 3.14 6.16
N GLN A 49 1.93 2.91 5.11
CA GLN A 49 3.37 3.16 5.19
C GLN A 49 3.81 4.14 4.12
N ALA A 50 4.55 5.15 4.54
CA ALA A 50 5.04 6.17 3.61
C ALA A 50 6.44 6.65 4.01
N THR A 51 7.26 6.94 3.01
CA THR A 51 8.61 7.41 3.26
C THR A 51 8.59 8.88 3.70
N PRO A 52 9.18 9.18 4.88
CA PRO A 52 9.21 10.55 5.41
C PRO A 52 9.96 11.51 4.48
N ALA A 53 9.63 12.80 4.58
CA ALA A 53 10.26 13.82 3.76
C ALA A 53 11.76 13.89 4.04
N SER A 54 12.12 13.81 5.32
CA SER A 54 13.53 13.87 5.72
C SER A 54 14.32 12.74 5.06
N SER A 55 13.63 11.65 4.75
CA SER A 55 14.26 10.51 4.11
C SER A 55 14.41 10.74 2.61
N GLU A 56 15.65 10.72 2.15
CA GLU A 56 15.93 10.91 0.73
C GLU A 56 15.17 9.89 -0.11
N LYS A 57 14.73 8.81 0.54
CA LYS A 57 13.99 7.76 -0.14
C LYS A 57 12.52 8.13 -0.29
N MET A 58 12.02 8.07 -1.52
CA MET A 58 10.63 8.40 -1.81
C MET A 58 9.84 7.15 -2.15
N MET A 59 8.84 6.83 -1.33
CA MET A 59 8.02 5.64 -1.55
C MET A 59 6.85 5.56 -0.58
N LEU A 60 5.93 4.66 -0.87
CA LEU A 60 4.74 4.45 -0.03
C LEU A 60 4.24 3.01 -0.20
N ARG A 61 3.83 2.38 0.90
CA ARG A 61 3.34 1.01 0.84
C ARG A 61 2.14 0.80 1.75
N LEU A 62 1.25 -0.10 1.33
CA LEU A 62 0.06 -0.41 2.10
C LEU A 62 0.15 -1.81 2.70
N ILE A 63 -0.39 -1.99 3.90
CA ILE A 63 -0.36 -3.29 4.57
C ILE A 63 -1.73 -3.95 4.53
N GLY A 64 -1.79 -5.14 3.95
CA GLY A 64 -3.04 -5.87 3.87
C GLY A 64 -3.31 -6.69 5.12
N LYS A 65 -4.51 -6.57 5.66
CA LYS A 65 -4.90 -7.31 6.86
C LYS A 65 -4.49 -8.78 6.77
N VAL A 66 -4.22 -9.40 7.91
CA VAL A 66 -3.82 -10.80 7.94
C VAL A 66 -4.84 -11.64 8.71
N ASP A 67 -4.43 -12.83 9.13
CA ASP A 67 -5.30 -13.74 9.87
C ASP A 67 -4.48 -14.86 10.50
N GLU A 68 -3.53 -14.47 11.36
CA GLU A 68 -2.67 -15.44 12.03
C GLU A 68 -3.48 -16.46 12.82
N SER A 69 -4.71 -16.09 13.16
CA SER A 69 -5.59 -16.97 13.90
C SER A 69 -5.81 -18.29 13.17
N LYS A 70 -5.52 -18.30 11.87
CA LYS A 70 -5.69 -19.49 11.06
C LYS A 70 -4.70 -20.58 11.46
N LYS A 71 -3.42 -20.21 11.52
CA LYS A 71 -2.37 -21.15 11.90
C LYS A 71 -2.35 -22.35 10.97
N ARG A 72 -1.62 -22.24 9.87
CA ARG A 72 -1.51 -23.32 8.90
C ARG A 72 -0.25 -24.14 9.13
N LYS A 73 -0.39 -25.46 9.08
CA LYS A 73 0.74 -26.36 9.29
C LYS A 73 1.66 -26.39 8.07
N ASP A 74 2.96 -26.52 8.31
CA ASP A 74 3.95 -26.57 7.24
C ASP A 74 4.28 -28.02 6.87
N ASN A 75 5.07 -28.19 5.82
CA ASN A 75 5.47 -29.51 5.37
C ASN A 75 6.21 -30.27 6.47
N GLU A 76 6.74 -29.53 7.45
CA GLU A 76 7.47 -30.16 8.54
C GLU A 76 6.54 -30.55 9.69
N GLY A 77 5.23 -30.45 9.45
CA GLY A 77 4.27 -30.81 10.47
C GLY A 77 4.20 -29.80 11.60
N ASN A 78 4.70 -28.60 11.35
CA ASN A 78 4.70 -27.54 12.36
C ASN A 78 3.81 -26.38 11.92
N GLU A 79 3.16 -25.75 12.89
CA GLU A 79 2.28 -24.62 12.60
C GLU A 79 3.09 -23.36 12.34
N VAL A 80 2.58 -22.51 11.45
CA VAL A 80 3.25 -21.27 11.09
C VAL A 80 2.29 -20.10 11.09
N VAL A 81 2.83 -18.89 11.21
CA VAL A 81 2.02 -17.69 11.19
C VAL A 81 2.16 -17.00 9.84
N PRO A 82 1.18 -17.20 8.94
CA PRO A 82 1.22 -16.60 7.61
C PRO A 82 1.58 -15.12 7.64
N LYS A 83 2.30 -14.67 6.62
CA LYS A 83 2.72 -13.27 6.55
C LYS A 83 1.60 -12.40 5.95
N PRO A 84 1.46 -11.18 6.45
CA PRO A 84 0.44 -10.23 6.01
C PRO A 84 0.74 -9.64 4.63
N GLN A 85 -0.32 -9.26 3.91
CA GLN A 85 -0.16 -8.68 2.58
C GLN A 85 0.52 -7.31 2.68
N ARG A 86 1.29 -6.97 1.66
CA ARG A 86 1.99 -5.69 1.63
C ARG A 86 2.12 -5.17 0.20
N HIS A 87 1.56 -3.99 -0.05
CA HIS A 87 1.63 -3.37 -1.37
C HIS A 87 2.73 -2.32 -1.41
N MET A 88 3.19 -1.99 -2.60
CA MET A 88 4.26 -1.01 -2.77
C MET A 88 3.92 0.00 -3.87
N PHE A 89 4.24 1.27 -3.59
CA PHE A 89 3.99 2.34 -4.54
C PHE A 89 5.00 3.47 -4.33
N SER A 90 5.70 3.84 -5.39
CA SER A 90 6.70 4.90 -5.31
C SER A 90 6.14 6.23 -5.81
N PHE A 91 6.36 7.29 -5.03
CA PHE A 91 5.90 8.62 -5.39
C PHE A 91 7.07 9.59 -5.52
N ASN A 92 6.90 10.62 -6.34
CA ASN A 92 7.95 11.60 -6.55
C ASN A 92 7.59 12.94 -5.89
N ASN A 93 6.37 13.04 -5.36
CA ASN A 93 5.93 14.26 -4.71
C ASN A 93 5.51 13.98 -3.27
N ARG A 94 6.32 14.45 -2.33
CA ARG A 94 6.04 14.24 -0.90
C ARG A 94 4.60 14.62 -0.57
N THR A 95 4.05 15.55 -1.34
CA THR A 95 2.70 16.02 -1.14
C THR A 95 1.69 15.00 -1.67
N VAL A 96 1.83 14.64 -2.94
CA VAL A 96 0.92 13.67 -3.56
C VAL A 96 0.83 12.39 -2.73
N MET A 97 1.99 11.87 -2.33
CA MET A 97 2.04 10.66 -1.54
C MET A 97 1.34 10.89 -0.20
N ASP A 98 1.47 12.09 0.34
CA ASP A 98 0.84 12.44 1.60
C ASP A 98 -0.67 12.40 1.47
N ASN A 99 -1.16 12.79 0.31
CA ASN A 99 -2.59 12.78 0.05
C ASN A 99 -3.11 11.35 0.04
N ILE A 100 -2.35 10.46 -0.59
CA ILE A 100 -2.73 9.05 -0.65
C ILE A 100 -2.76 8.44 0.74
N LYS A 101 -1.68 8.62 1.49
CA LYS A 101 -1.60 8.10 2.85
C LYS A 101 -2.63 8.76 3.74
N MET A 102 -3.00 9.99 3.40
CA MET A 102 -3.99 10.75 4.16
C MET A 102 -5.40 10.29 3.82
N THR A 103 -5.63 10.03 2.53
CA THR A 103 -6.93 9.59 2.07
C THR A 103 -7.18 8.12 2.42
N LEU A 104 -6.15 7.29 2.21
CA LEU A 104 -6.26 5.86 2.50
C LEU A 104 -6.54 5.63 3.99
N GLN A 105 -5.98 6.49 4.83
CA GLN A 105 -6.17 6.39 6.27
C GLN A 105 -7.61 6.68 6.65
N GLN A 106 -8.28 7.47 5.83
CA GLN A 106 -9.67 7.83 6.07
C GLN A 106 -10.58 6.61 5.87
N ILE A 107 -10.16 5.72 4.97
CA ILE A 107 -10.94 4.51 4.68
C ILE A 107 -10.78 3.48 5.78
N ILE A 108 -9.54 3.26 6.23
CA ILE A 108 -9.29 2.29 7.30
C ILE A 108 -10.08 2.68 8.53
N SER A 109 -9.78 3.86 9.03
CA SER A 109 -10.46 4.40 10.20
C SER A 109 -11.97 4.33 10.01
N ARG A 110 -12.39 4.42 8.74
CA ARG A 110 -13.80 4.37 8.41
C ARG A 110 -14.40 3.01 8.77
N TYR A 111 -13.59 1.97 8.61
CA TYR A 111 -14.01 0.62 8.93
C TYR A 111 -13.64 0.25 10.36
N LYS A 112 -12.56 0.85 10.85
CA LYS A 112 -12.10 0.59 12.22
C LYS A 112 -13.06 1.20 13.23
N ASP A 113 -13.56 2.39 12.94
CA ASP A 113 -14.49 3.07 13.83
C ASP A 113 -15.79 2.28 13.97
N ALA A 114 -16.23 1.68 12.88
CA ALA A 114 -17.45 0.88 12.88
C ALA A 114 -17.31 -0.34 13.78
N ASP A 115 -16.11 -0.89 13.84
CA ASP A 115 -15.83 -2.07 14.66
C ASP A 115 -16.88 -3.15 14.46
N LEU B 26 18.19 -7.61 -5.69
CA LEU B 26 17.70 -7.01 -4.42
C LEU B 26 16.82 -7.99 -3.65
N SER B 27 16.55 -7.68 -2.39
CA SER B 27 15.73 -8.54 -1.55
C SER B 27 14.71 -7.70 -0.77
N PRO B 28 13.66 -8.35 -0.25
CA PRO B 28 12.61 -7.67 0.52
C PRO B 28 13.18 -6.82 1.65
N ASP B 29 14.17 -7.36 2.35
CA ASP B 29 14.81 -6.65 3.45
C ASP B 29 15.38 -5.31 2.98
N ASP B 30 15.77 -5.25 1.72
CA ASP B 30 16.33 -4.04 1.15
C ASP B 30 15.29 -2.92 1.10
N ILE B 31 14.05 -3.29 0.75
CA ILE B 31 12.97 -2.32 0.67
C ILE B 31 12.55 -1.84 2.05
N GLU B 32 12.81 -2.66 3.06
CA GLU B 32 12.46 -2.33 4.43
C GLU B 32 13.22 -1.09 4.91
N GLN B 33 14.46 -0.96 4.44
CA GLN B 33 15.29 0.17 4.83
C GLN B 33 14.70 1.49 4.33
N TRP B 34 13.99 1.43 3.22
CA TRP B 34 13.36 2.62 2.64
C TRP B 34 12.47 3.32 3.67
N PHE B 35 11.93 2.54 4.60
CA PHE B 35 11.06 3.09 5.63
C PHE B 35 11.67 2.93 7.03
N THR B 36 12.71 2.10 7.13
CA THR B 36 13.37 1.87 8.41
C THR B 36 14.40 2.97 8.69
N GLU B 37 14.96 3.54 7.63
CA GLU B 37 15.95 4.59 7.77
C GLU B 37 15.30 5.90 8.22
N ASP B 38 15.66 6.35 9.41
CA ASP B 38 15.10 7.59 9.95
C ASP B 38 16.12 8.30 10.85
N PRO B 39 15.89 9.59 11.16
CA PRO B 39 16.78 10.36 12.01
C PRO B 39 16.75 9.90 13.47
N PRO A 1 -5.46 16.33 -5.23
CA PRO A 1 -5.16 14.88 -5.25
C PRO A 1 -5.69 14.18 -3.99
N SER A 2 -6.90 14.55 -3.58
CA SER A 2 -7.52 13.96 -2.41
C SER A 2 -7.82 12.48 -2.63
N HIS A 3 -8.07 12.12 -3.89
CA HIS A 3 -8.38 10.73 -4.24
C HIS A 3 -7.71 10.34 -5.55
N SER A 4 -6.53 10.89 -5.78
CA SER A 4 -5.77 10.60 -6.99
C SER A 4 -4.38 11.22 -6.92
N GLY A 5 -3.36 10.37 -6.93
CA GLY A 5 -2.00 10.86 -6.87
C GLY A 5 -1.05 9.98 -7.65
N ALA A 6 -0.44 10.58 -8.67
CA ALA A 6 0.50 9.86 -9.53
C ALA A 6 1.42 8.95 -8.71
N ALA A 7 1.19 7.65 -8.83
CA ALA A 7 1.96 6.65 -8.10
C ALA A 7 2.65 5.66 -9.03
N ILE A 8 3.77 5.09 -8.58
CA ILE A 8 4.50 4.11 -9.38
C ILE A 8 4.18 2.71 -8.90
N PHE A 9 3.74 1.86 -9.83
CA PHE A 9 3.40 0.49 -9.50
C PHE A 9 4.37 -0.49 -10.15
N GLU A 10 4.89 -1.42 -9.36
CA GLU A 10 5.83 -2.42 -9.88
C GLU A 10 7.01 -1.76 -10.55
N LYS A 11 7.42 -0.60 -10.01
CA LYS A 11 8.54 0.15 -10.58
C LYS A 11 8.10 0.87 -11.86
N VAL A 12 6.83 0.73 -12.21
CA VAL A 12 6.28 1.38 -13.38
C VAL A 12 5.53 2.62 -12.97
N SER A 13 5.43 3.56 -13.87
CA SER A 13 4.77 4.81 -13.57
C SER A 13 3.31 4.82 -14.01
N GLY A 14 2.50 5.55 -13.26
CA GLY A 14 1.09 5.68 -13.53
C GLY A 14 0.42 6.49 -12.45
N ILE A 15 -0.89 6.68 -12.56
CA ILE A 15 -1.59 7.43 -11.54
C ILE A 15 -2.42 6.52 -10.67
N ILE A 16 -2.47 6.84 -9.39
CA ILE A 16 -3.24 6.07 -8.45
C ILE A 16 -4.48 6.85 -8.07
N ALA A 17 -5.64 6.29 -8.37
CA ALA A 17 -6.89 6.96 -8.08
C ALA A 17 -7.73 6.16 -7.10
N ILE A 18 -8.10 6.80 -5.99
CA ILE A 18 -8.90 6.16 -4.96
C ILE A 18 -10.38 6.50 -5.12
N ASN A 19 -11.22 5.50 -4.93
CA ASN A 19 -12.67 5.69 -5.06
C ASN A 19 -13.40 5.12 -3.85
N GLU A 20 -14.03 5.99 -3.08
CA GLU A 20 -14.79 5.58 -1.90
C GLU A 20 -16.25 5.32 -2.24
N ASP A 21 -16.59 5.38 -3.52
CA ASP A 21 -17.94 5.15 -3.98
C ASP A 21 -18.23 3.65 -4.03
N VAL A 22 -17.17 2.85 -4.05
CA VAL A 22 -17.30 1.41 -4.09
C VAL A 22 -17.13 0.80 -2.70
N SER A 23 -17.86 -0.27 -2.43
CA SER A 23 -17.79 -0.93 -1.14
C SER A 23 -17.32 -2.38 -1.30
N PRO A 24 -16.14 -2.73 -0.75
CA PRO A 24 -15.28 -1.80 -0.01
C PRO A 24 -14.50 -0.89 -0.95
N ALA A 25 -14.27 0.36 -0.51
CA ALA A 25 -13.53 1.32 -1.32
C ALA A 25 -12.24 0.69 -1.86
N GLU A 26 -11.94 0.97 -3.12
CA GLU A 26 -10.75 0.41 -3.75
C GLU A 26 -9.88 1.49 -4.38
N LEU A 27 -8.65 1.11 -4.74
CA LEU A 27 -7.71 2.03 -5.37
C LEU A 27 -7.30 1.48 -6.72
N THR A 28 -7.36 2.33 -7.75
CA THR A 28 -7.00 1.91 -9.10
C THR A 28 -5.79 2.67 -9.63
N TRP A 29 -4.78 1.92 -10.04
CA TRP A 29 -3.56 2.49 -10.58
C TRP A 29 -3.58 2.40 -12.10
N ARG A 30 -3.33 3.52 -12.76
CA ARG A 30 -3.30 3.54 -14.23
C ARG A 30 -1.99 4.09 -14.74
N SER A 31 -1.23 3.26 -15.44
CA SER A 31 0.06 3.65 -15.99
C SER A 31 -0.03 5.03 -16.65
N THR A 32 1.13 5.64 -16.90
CA THR A 32 1.17 6.95 -17.53
C THR A 32 0.83 6.82 -19.00
N ASP A 33 1.36 5.77 -19.60
CA ASP A 33 1.11 5.49 -21.01
C ASP A 33 -0.23 4.80 -21.20
N GLY A 34 -0.73 4.16 -20.14
CA GLY A 34 -1.99 3.47 -20.22
C GLY A 34 -1.84 2.03 -20.68
N ASP A 35 -0.73 1.41 -20.30
CA ASP A 35 -0.46 0.02 -20.69
C ASP A 35 -0.61 -0.92 -19.50
N LYS A 36 -0.52 -0.38 -18.30
CA LYS A 36 -0.63 -1.18 -17.09
C LYS A 36 -1.68 -0.60 -16.15
N VAL A 37 -2.54 -1.48 -15.62
CA VAL A 37 -3.58 -1.05 -14.69
C VAL A 37 -3.74 -2.05 -13.54
N HIS A 38 -3.87 -1.53 -12.33
CA HIS A 38 -4.02 -2.38 -11.15
C HIS A 38 -5.05 -1.81 -10.19
N THR A 39 -5.76 -2.71 -9.52
CA THR A 39 -6.79 -2.33 -8.56
C THR A 39 -6.55 -2.99 -7.21
N VAL A 40 -6.76 -2.22 -6.13
CA VAL A 40 -6.56 -2.75 -4.78
C VAL A 40 -7.75 -2.43 -3.88
N VAL A 41 -8.10 -3.39 -3.04
CA VAL A 41 -9.19 -3.21 -2.09
C VAL A 41 -8.65 -2.53 -0.84
N LEU A 42 -9.17 -1.33 -0.55
CA LEU A 42 -8.70 -0.56 0.60
C LEU A 42 -9.18 -1.15 1.92
N SER A 43 -10.34 -1.81 1.90
CA SER A 43 -10.90 -2.40 3.11
C SER A 43 -9.90 -3.35 3.79
N THR A 44 -8.96 -3.85 3.01
CA THR A 44 -7.94 -4.77 3.54
C THR A 44 -6.78 -4.00 4.16
N ILE A 45 -6.57 -2.78 3.69
CA ILE A 45 -5.49 -1.96 4.20
C ILE A 45 -5.55 -1.83 5.71
N ASP A 46 -4.71 -2.59 6.40
CA ASP A 46 -4.66 -2.57 7.86
C ASP A 46 -3.58 -1.64 8.37
N LYS A 47 -2.59 -1.33 7.53
CA LYS A 47 -1.51 -0.45 7.94
C LYS A 47 -0.90 0.27 6.74
N LEU A 48 -0.71 1.58 6.89
CA LEU A 48 -0.13 2.40 5.83
C LEU A 48 1.30 2.76 6.16
N GLN A 49 2.22 2.42 5.26
CA GLN A 49 3.63 2.73 5.45
C GLN A 49 4.07 3.82 4.49
N ALA A 50 4.74 4.85 5.02
CA ALA A 50 5.22 5.95 4.21
C ALA A 50 6.58 6.43 4.68
N THR A 51 7.43 6.79 3.73
CA THR A 51 8.77 7.27 4.05
C THR A 51 8.72 8.71 4.58
N PRO A 52 9.50 9.00 5.64
CA PRO A 52 9.52 10.35 6.23
C PRO A 52 9.95 11.42 5.24
N ALA A 53 9.50 12.65 5.48
CA ALA A 53 9.82 13.77 4.60
C ALA A 53 11.33 14.02 4.57
N SER A 54 11.96 13.96 5.73
CA SER A 54 13.40 14.18 5.83
C SER A 54 14.16 13.18 4.95
N SER A 55 13.55 12.02 4.75
CA SER A 55 14.15 10.98 3.93
C SER A 55 13.90 11.23 2.45
N GLU A 56 14.98 11.38 1.70
CA GLU A 56 14.88 11.61 0.26
C GLU A 56 14.09 10.48 -0.41
N LYS A 57 13.98 9.36 0.29
CA LYS A 57 13.26 8.20 -0.23
C LYS A 57 11.81 8.56 -0.54
N MET A 58 11.35 8.13 -1.71
CA MET A 58 9.97 8.40 -2.13
C MET A 58 9.24 7.10 -2.41
N MET A 59 8.41 6.66 -1.46
CA MET A 59 7.66 5.42 -1.62
C MET A 59 6.69 5.19 -0.48
N LEU A 60 5.54 4.60 -0.79
CA LEU A 60 4.51 4.29 0.21
C LEU A 60 4.15 2.82 0.14
N ARG A 61 4.11 2.16 1.29
CA ARG A 61 3.78 0.74 1.35
C ARG A 61 2.45 0.48 2.05
N LEU A 62 1.54 -0.19 1.35
CA LEU A 62 0.24 -0.53 1.90
C LEU A 62 0.28 -1.92 2.54
N ILE A 63 -0.44 -2.08 3.65
CA ILE A 63 -0.46 -3.35 4.35
C ILE A 63 -1.87 -3.94 4.39
N GLY A 64 -2.03 -5.13 3.83
CA GLY A 64 -3.33 -5.77 3.82
C GLY A 64 -3.56 -6.62 5.06
N LYS A 65 -4.80 -6.70 5.51
CA LYS A 65 -5.13 -7.47 6.69
C LYS A 65 -4.76 -8.94 6.52
N VAL A 66 -4.14 -9.52 7.54
CA VAL A 66 -3.72 -10.91 7.50
C VAL A 66 -4.90 -11.86 7.73
N ASP A 67 -4.70 -13.10 7.33
CA ASP A 67 -5.72 -14.13 7.48
C ASP A 67 -5.55 -14.86 8.82
N GLU A 68 -6.00 -14.20 9.89
CA GLU A 68 -5.90 -14.77 11.23
C GLU A 68 -6.73 -16.05 11.35
N SER A 69 -7.64 -16.26 10.40
CA SER A 69 -8.50 -17.44 10.41
C SER A 69 -7.67 -18.72 10.45
N LYS A 70 -6.41 -18.62 10.04
CA LYS A 70 -5.51 -19.77 10.03
C LYS A 70 -4.97 -20.03 11.44
N LYS A 71 -4.14 -19.13 11.93
CA LYS A 71 -3.56 -19.26 13.25
C LYS A 71 -2.73 -20.54 13.36
N ARG A 72 -1.44 -20.43 13.09
CA ARG A 72 -0.54 -21.57 13.16
C ARG A 72 0.11 -21.66 14.54
N LYS A 73 1.00 -22.63 14.72
CA LYS A 73 1.69 -22.79 15.99
C LYS A 73 3.20 -22.80 15.81
N ASP A 74 3.92 -22.41 16.86
CA ASP A 74 5.38 -22.37 16.82
C ASP A 74 5.96 -23.73 17.21
N ASN A 75 7.26 -23.89 16.97
CA ASN A 75 7.95 -25.14 17.30
C ASN A 75 7.81 -25.47 18.78
N GLU A 76 7.53 -24.46 19.60
CA GLU A 76 7.38 -24.65 21.03
C GLU A 76 5.93 -24.95 21.42
N GLY A 77 5.07 -25.15 20.41
CA GLY A 77 3.68 -25.43 20.68
C GLY A 77 2.83 -24.19 20.77
N ASN A 78 3.48 -23.02 20.84
CA ASN A 78 2.77 -21.75 20.93
C ASN A 78 2.00 -21.47 19.64
N GLU A 79 1.24 -20.38 19.64
CA GLU A 79 0.46 -20.00 18.47
C GLU A 79 1.21 -18.95 17.64
N VAL A 80 0.76 -18.77 16.40
CA VAL A 80 1.39 -17.81 15.49
C VAL A 80 0.36 -16.98 14.74
N VAL A 81 0.80 -15.83 14.29
CA VAL A 81 -0.03 -14.94 13.51
C VAL A 81 0.69 -14.64 12.19
N PRO A 82 0.33 -15.36 11.12
CA PRO A 82 0.97 -15.18 9.82
C PRO A 82 1.16 -13.72 9.45
N LYS A 83 1.97 -13.46 8.43
CA LYS A 83 2.24 -12.10 7.98
C LYS A 83 1.17 -11.62 7.01
N PRO A 84 0.71 -10.38 7.17
CA PRO A 84 -0.33 -9.79 6.33
C PRO A 84 0.19 -9.38 4.96
N GLN A 85 -0.74 -9.11 4.03
CA GLN A 85 -0.37 -8.69 2.68
C GLN A 85 0.32 -7.33 2.71
N ARG A 86 1.12 -7.06 1.69
CA ARG A 86 1.84 -5.79 1.60
C ARG A 86 2.02 -5.36 0.15
N HIS A 87 1.74 -4.10 -0.14
CA HIS A 87 1.89 -3.56 -1.48
C HIS A 87 2.95 -2.47 -1.50
N MET A 88 3.49 -2.19 -2.68
CA MET A 88 4.52 -1.15 -2.81
C MET A 88 4.13 -0.12 -3.88
N PHE A 89 4.45 1.13 -3.61
CA PHE A 89 4.15 2.22 -4.54
C PHE A 89 5.15 3.35 -4.38
N SER A 90 5.79 3.75 -5.47
CA SER A 90 6.77 4.83 -5.44
C SER A 90 6.18 6.12 -5.97
N PHE A 91 6.58 7.24 -5.34
CA PHE A 91 6.09 8.55 -5.74
C PHE A 91 7.25 9.52 -5.94
N ASN A 92 6.94 10.71 -6.45
CA ASN A 92 7.97 11.72 -6.69
C ASN A 92 7.53 13.08 -6.16
N ASN A 93 6.61 13.07 -5.19
CA ASN A 93 6.12 14.30 -4.59
C ASN A 93 5.61 14.05 -3.17
N ARG A 94 6.27 14.68 -2.20
CA ARG A 94 5.89 14.53 -0.80
C ARG A 94 4.43 14.95 -0.59
N THR A 95 3.99 15.91 -1.39
CA THR A 95 2.65 16.40 -1.32
C THR A 95 1.65 15.33 -1.72
N VAL A 96 1.85 14.77 -2.92
CA VAL A 96 0.97 13.72 -3.43
C VAL A 96 1.03 12.51 -2.51
N MET A 97 2.22 12.23 -2.00
CA MET A 97 2.43 11.10 -1.10
C MET A 97 1.75 11.37 0.24
N ASP A 98 1.73 12.63 0.64
CA ASP A 98 1.11 13.03 1.90
C ASP A 98 -0.41 12.94 1.81
N ASN A 99 -0.94 13.06 0.60
CA ASN A 99 -2.38 12.99 0.39
C ASN A 99 -2.86 11.55 0.37
N ILE A 100 -2.21 10.72 -0.46
CA ILE A 100 -2.57 9.31 -0.57
C ILE A 100 -2.58 8.64 0.79
N LYS A 101 -1.47 8.80 1.51
CA LYS A 101 -1.33 8.21 2.84
C LYS A 101 -2.39 8.75 3.78
N MET A 102 -2.84 9.97 3.51
CA MET A 102 -3.86 10.62 4.33
C MET A 102 -5.25 10.08 3.99
N THR A 103 -5.52 9.94 2.70
CA THR A 103 -6.82 9.45 2.26
C THR A 103 -6.99 7.97 2.59
N LEU A 104 -5.96 7.19 2.34
CA LEU A 104 -6.00 5.76 2.62
C LEU A 104 -6.30 5.50 4.09
N GLN A 105 -5.71 6.31 4.96
CA GLN A 105 -5.92 6.17 6.40
C GLN A 105 -7.38 6.40 6.76
N GLN A 106 -8.06 7.21 5.98
CA GLN A 106 -9.47 7.51 6.21
C GLN A 106 -10.33 6.28 5.97
N ILE A 107 -9.97 5.50 4.95
CA ILE A 107 -10.71 4.30 4.61
C ILE A 107 -10.57 3.22 5.69
N ILE A 108 -9.34 3.03 6.16
CA ILE A 108 -9.10 2.03 7.21
C ILE A 108 -9.90 2.40 8.43
N SER A 109 -9.59 3.58 8.95
CA SER A 109 -10.26 4.10 10.13
C SER A 109 -11.78 4.03 9.97
N ARG A 110 -12.24 4.12 8.72
CA ARG A 110 -13.67 4.05 8.44
C ARG A 110 -14.21 2.66 8.73
N TYR A 111 -13.38 1.66 8.50
CA TYR A 111 -13.76 0.28 8.74
C TYR A 111 -13.07 -0.27 10.00
N LYS A 112 -12.26 0.57 10.64
CA LYS A 112 -11.55 0.20 11.85
C LYS A 112 -12.13 0.90 13.07
N ASP A 113 -12.60 2.12 12.86
CA ASP A 113 -13.19 2.91 13.95
C ASP A 113 -14.41 2.20 14.52
N ALA A 114 -15.18 1.57 13.65
CA ALA A 114 -16.39 0.86 14.05
C ALA A 114 -16.05 -0.28 15.02
N ASP A 115 -14.89 -0.90 14.82
CA ASP A 115 -14.45 -2.00 15.66
C ASP A 115 -13.28 -1.59 16.53
N LEU B 26 17.63 -7.70 -6.39
CA LEU B 26 17.53 -7.05 -5.05
C LEU B 26 16.86 -7.99 -4.04
N SER B 27 16.93 -7.61 -2.77
CA SER B 27 16.33 -8.42 -1.71
C SER B 27 15.25 -7.63 -0.96
N PRO B 28 14.39 -8.33 -0.21
CA PRO B 28 13.31 -7.69 0.55
C PRO B 28 13.84 -6.68 1.57
N ASP B 29 14.98 -7.00 2.17
CA ASP B 29 15.58 -6.12 3.16
C ASP B 29 15.90 -4.75 2.55
N ASP B 30 15.92 -4.68 1.23
CA ASP B 30 16.21 -3.43 0.54
C ASP B 30 14.99 -2.50 0.54
N ILE B 31 13.80 -3.07 0.35
CA ILE B 31 12.58 -2.30 0.32
C ILE B 31 12.20 -1.79 1.71
N GLU B 32 12.58 -2.54 2.73
CA GLU B 32 12.28 -2.15 4.11
C GLU B 32 13.22 -1.06 4.60
N GLN B 33 14.41 -1.00 4.01
CA GLN B 33 15.40 -0.01 4.39
C GLN B 33 14.86 1.40 4.18
N TRP B 34 13.97 1.55 3.20
CA TRP B 34 13.37 2.85 2.89
C TRP B 34 12.55 3.36 4.08
N PHE B 35 11.90 2.43 4.78
CA PHE B 35 11.08 2.78 5.93
C PHE B 35 11.83 2.57 7.24
N THR B 36 13.07 2.10 7.15
CA THR B 36 13.88 1.85 8.34
C THR B 36 14.19 3.15 9.06
N GLU B 37 14.33 4.23 8.30
CA GLU B 37 14.63 5.54 8.87
C GLU B 37 13.54 5.98 9.85
N ASP B 38 13.95 6.49 11.01
CA ASP B 38 13.01 6.93 12.02
C ASP B 38 13.59 8.09 12.83
N PRO B 39 13.44 9.33 12.34
CA PRO B 39 13.96 10.52 13.02
C PRO B 39 13.20 10.83 14.31
N PRO A 1 -4.74 15.06 -6.68
CA PRO A 1 -4.86 15.29 -5.22
C PRO A 1 -6.20 14.79 -4.68
N SER A 2 -6.20 14.34 -3.44
CA SER A 2 -7.42 13.85 -2.80
C SER A 2 -7.99 12.68 -3.59
N HIS A 3 -7.86 11.47 -3.04
CA HIS A 3 -8.38 10.27 -3.69
C HIS A 3 -7.68 10.02 -5.01
N SER A 4 -6.41 10.38 -5.07
CA SER A 4 -5.60 10.18 -6.27
C SER A 4 -4.19 10.73 -6.06
N GLY A 5 -3.33 10.45 -7.03
CA GLY A 5 -1.96 10.92 -6.94
C GLY A 5 -1.02 10.07 -7.76
N ALA A 6 -0.38 10.70 -8.74
CA ALA A 6 0.56 10.01 -9.61
C ALA A 6 1.52 9.14 -8.81
N ALA A 7 1.34 7.83 -8.91
CA ALA A 7 2.17 6.88 -8.19
C ALA A 7 2.84 5.87 -9.13
N ILE A 8 3.98 5.34 -8.71
CA ILE A 8 4.70 4.36 -9.51
C ILE A 8 4.42 2.95 -9.01
N PHE A 9 3.94 2.10 -9.89
CA PHE A 9 3.65 0.72 -9.53
C PHE A 9 4.58 -0.25 -10.23
N GLU A 10 5.17 -1.16 -9.47
CA GLU A 10 6.10 -2.14 -10.02
C GLU A 10 7.24 -1.47 -10.76
N LYS A 11 7.66 -0.31 -10.25
CA LYS A 11 8.74 0.45 -10.87
C LYS A 11 8.23 1.16 -12.12
N VAL A 12 6.94 1.01 -12.40
CA VAL A 12 6.33 1.65 -13.56
C VAL A 12 5.58 2.87 -13.12
N SER A 13 5.43 3.81 -14.02
CA SER A 13 4.74 5.05 -13.69
C SER A 13 3.28 5.03 -14.10
N GLY A 14 2.48 5.74 -13.32
CA GLY A 14 1.06 5.84 -13.55
C GLY A 14 0.39 6.62 -12.44
N ILE A 15 -0.91 6.79 -12.51
CA ILE A 15 -1.61 7.52 -11.46
C ILE A 15 -2.40 6.57 -10.59
N ILE A 16 -2.40 6.86 -9.30
CA ILE A 16 -3.11 6.05 -8.34
C ILE A 16 -4.35 6.81 -7.89
N ALA A 17 -5.51 6.24 -8.16
CA ALA A 17 -6.77 6.88 -7.79
C ALA A 17 -7.57 6.01 -6.83
N ILE A 18 -8.19 6.66 -5.86
CA ILE A 18 -8.97 5.97 -4.85
C ILE A 18 -10.45 6.36 -4.92
N ASN A 19 -11.33 5.38 -4.74
CA ASN A 19 -12.77 5.62 -4.77
C ASN A 19 -13.43 5.10 -3.51
N GLU A 20 -13.91 6.02 -2.68
CA GLU A 20 -14.57 5.65 -1.43
C GLU A 20 -16.09 5.57 -1.62
N ASP A 21 -16.55 5.66 -2.85
CA ASP A 21 -17.97 5.57 -3.16
C ASP A 21 -18.41 4.12 -3.19
N VAL A 22 -17.45 3.21 -3.32
CA VAL A 22 -17.74 1.78 -3.36
C VAL A 22 -17.32 1.10 -2.06
N SER A 23 -17.91 -0.06 -1.82
CA SER A 23 -17.62 -0.84 -0.63
C SER A 23 -17.34 -2.30 -0.98
N PRO A 24 -16.15 -2.81 -0.62
CA PRO A 24 -15.12 -2.05 0.09
C PRO A 24 -14.38 -1.09 -0.85
N ALA A 25 -14.13 0.12 -0.36
CA ALA A 25 -13.42 1.13 -1.16
C ALA A 25 -12.21 0.51 -1.84
N GLU A 26 -11.95 0.92 -3.09
CA GLU A 26 -10.83 0.37 -3.83
C GLU A 26 -9.93 1.48 -4.40
N LEU A 27 -8.70 1.09 -4.69
CA LEU A 27 -7.71 2.01 -5.26
C LEU A 27 -7.23 1.45 -6.60
N THR A 28 -7.25 2.28 -7.63
CA THR A 28 -6.83 1.85 -8.95
C THR A 28 -5.66 2.65 -9.49
N TRP A 29 -4.61 1.94 -9.88
CA TRP A 29 -3.41 2.55 -10.44
C TRP A 29 -3.44 2.41 -11.95
N ARG A 30 -3.24 3.52 -12.66
CA ARG A 30 -3.25 3.50 -14.11
C ARG A 30 -1.97 4.11 -14.67
N SER A 31 -1.20 3.30 -15.38
CA SER A 31 0.06 3.76 -15.98
C SER A 31 -0.12 5.12 -16.66
N THR A 32 0.98 5.76 -16.99
CA THR A 32 0.94 7.06 -17.64
C THR A 32 0.48 6.91 -19.08
N ASP A 33 0.99 5.87 -19.71
CA ASP A 33 0.65 5.56 -21.08
C ASP A 33 -0.38 4.44 -21.16
N GLY A 34 -0.64 3.80 -20.03
CA GLY A 34 -1.61 2.71 -20.00
C GLY A 34 -0.96 1.36 -20.22
N ASP A 35 0.32 1.25 -19.87
CA ASP A 35 1.06 0.02 -20.04
C ASP A 35 0.61 -1.05 -19.05
N LYS A 36 0.03 -0.62 -17.93
CA LYS A 36 -0.42 -1.56 -16.90
C LYS A 36 -1.42 -0.90 -15.96
N VAL A 37 -2.29 -1.71 -15.36
CA VAL A 37 -3.29 -1.21 -14.43
C VAL A 37 -3.43 -2.17 -13.24
N HIS A 38 -3.43 -1.60 -12.04
CA HIS A 38 -3.56 -2.41 -10.82
C HIS A 38 -4.57 -1.80 -9.86
N THR A 39 -5.28 -2.66 -9.14
CA THR A 39 -6.29 -2.20 -8.19
C THR A 39 -6.09 -2.86 -6.82
N VAL A 40 -6.28 -2.07 -5.77
CA VAL A 40 -6.14 -2.57 -4.40
C VAL A 40 -7.28 -2.13 -3.50
N VAL A 41 -7.69 -3.04 -2.63
CA VAL A 41 -8.75 -2.74 -1.68
C VAL A 41 -8.15 -2.14 -0.41
N LEU A 42 -8.52 -0.91 -0.11
CA LEU A 42 -8.02 -0.26 1.08
C LEU A 42 -8.58 -0.92 2.33
N SER A 43 -9.68 -1.65 2.18
CA SER A 43 -10.31 -2.34 3.30
C SER A 43 -9.40 -3.42 3.86
N THR A 44 -8.55 -3.97 2.99
CA THR A 44 -7.62 -5.02 3.41
C THR A 44 -6.33 -4.42 3.95
N ILE A 45 -6.02 -3.21 3.50
CA ILE A 45 -4.82 -2.52 3.94
C ILE A 45 -4.80 -2.36 5.46
N ASP A 46 -4.21 -3.33 6.14
CA ASP A 46 -4.12 -3.31 7.60
C ASP A 46 -3.35 -2.08 8.08
N LYS A 47 -2.40 -1.63 7.27
CA LYS A 47 -1.60 -0.47 7.62
C LYS A 47 -1.10 0.26 6.38
N LEU A 48 -0.76 1.53 6.54
CA LEU A 48 -0.27 2.35 5.45
C LEU A 48 1.00 3.09 5.89
N GLN A 49 2.06 2.93 5.11
CA GLN A 49 3.33 3.58 5.43
C GLN A 49 3.79 4.46 4.28
N ALA A 50 4.36 5.62 4.62
CA ALA A 50 4.85 6.56 3.62
C ALA A 50 6.20 7.12 4.03
N THR A 51 7.03 7.42 3.03
CA THR A 51 8.36 7.97 3.28
C THR A 51 8.26 9.45 3.67
N PRO A 52 8.82 9.83 4.83
CA PRO A 52 8.79 11.22 5.30
C PRO A 52 9.68 12.13 4.47
N ALA A 53 9.42 13.44 4.55
CA ALA A 53 10.19 14.41 3.81
C ALA A 53 11.68 14.34 4.17
N SER A 54 11.96 14.04 5.43
CA SER A 54 13.33 13.94 5.90
C SER A 54 14.09 12.88 5.12
N SER A 55 13.36 11.91 4.59
CA SER A 55 13.96 10.83 3.81
C SER A 55 13.85 11.11 2.32
N GLU A 56 14.98 11.30 1.67
CA GLU A 56 15.01 11.55 0.24
C GLU A 56 14.34 10.42 -0.53
N LYS A 57 14.20 9.27 0.13
CA LYS A 57 13.59 8.11 -0.49
C LYS A 57 12.09 8.32 -0.65
N MET A 58 11.67 8.73 -1.84
CA MET A 58 10.26 8.96 -2.13
C MET A 58 9.55 7.66 -2.48
N MET A 59 8.71 7.17 -1.57
CA MET A 59 7.98 5.92 -1.80
C MET A 59 7.01 5.62 -0.66
N LEU A 60 5.88 5.01 -1.02
CA LEU A 60 4.85 4.63 -0.06
C LEU A 60 4.71 3.11 -0.02
N ARG A 61 4.14 2.59 1.06
CA ARG A 61 3.97 1.14 1.19
C ARG A 61 2.68 0.79 1.95
N LEU A 62 1.86 -0.08 1.34
CA LEU A 62 0.61 -0.52 1.94
C LEU A 62 0.76 -1.96 2.46
N ILE A 63 0.11 -2.26 3.59
CA ILE A 63 0.18 -3.60 4.16
C ILE A 63 -1.10 -4.38 3.90
N GLY A 64 -0.98 -5.45 3.12
CA GLY A 64 -2.13 -6.27 2.82
C GLY A 64 -2.46 -7.23 3.95
N LYS A 65 -3.72 -7.24 4.37
CA LYS A 65 -4.16 -8.10 5.46
C LYS A 65 -3.77 -9.55 5.20
N VAL A 66 -3.50 -10.28 6.28
CA VAL A 66 -3.10 -11.68 6.18
C VAL A 66 -4.21 -12.61 6.66
N ASP A 67 -3.86 -13.85 6.97
CA ASP A 67 -4.80 -14.84 7.45
C ASP A 67 -4.07 -15.92 8.23
N GLU A 68 -3.60 -15.56 9.42
CA GLU A 68 -2.87 -16.50 10.27
C GLU A 68 -3.69 -17.76 10.53
N SER A 69 -4.99 -17.66 10.39
CA SER A 69 -5.88 -18.80 10.61
C SER A 69 -5.49 -19.97 9.73
N LYS A 70 -4.75 -19.69 8.66
CA LYS A 70 -4.31 -20.74 7.74
C LYS A 70 -3.22 -21.60 8.38
N LYS A 71 -2.23 -20.95 8.97
CA LYS A 71 -1.12 -21.65 9.61
C LYS A 71 -0.33 -22.47 8.61
N ARG A 72 0.74 -21.89 8.09
CA ARG A 72 1.58 -22.56 7.11
C ARG A 72 2.82 -23.16 7.77
N LYS A 73 3.25 -24.32 7.29
CA LYS A 73 4.42 -24.98 7.84
C LYS A 73 5.69 -24.50 7.15
N ASP A 74 6.78 -24.43 7.91
CA ASP A 74 8.07 -23.99 7.38
C ASP A 74 8.94 -25.17 7.00
N ASN A 75 10.13 -24.87 6.46
CA ASN A 75 11.07 -25.91 6.05
C ASN A 75 11.50 -26.76 7.24
N GLU A 76 11.31 -26.24 8.44
CA GLU A 76 11.69 -26.96 9.66
C GLU A 76 10.55 -27.85 10.16
N GLY A 77 9.53 -28.03 9.33
CA GLY A 77 8.40 -28.86 9.72
C GLY A 77 7.58 -28.25 10.84
N ASN A 78 7.75 -26.95 11.05
CA ASN A 78 7.00 -26.25 12.10
C ASN A 78 6.09 -25.18 11.51
N GLU A 79 4.95 -24.98 12.15
CA GLU A 79 3.98 -23.99 11.69
C GLU A 79 4.50 -22.57 11.92
N VAL A 80 4.20 -21.67 10.99
CA VAL A 80 4.63 -20.29 11.10
C VAL A 80 3.54 -19.32 10.65
N VAL A 81 3.63 -18.08 11.10
CA VAL A 81 2.67 -17.06 10.71
C VAL A 81 3.07 -16.47 9.36
N PRO A 82 2.30 -16.76 8.30
CA PRO A 82 2.61 -16.27 6.96
C PRO A 82 2.92 -14.77 6.94
N LYS A 83 3.83 -14.39 6.05
CA LYS A 83 4.23 -12.99 5.93
C LYS A 83 3.16 -12.17 5.22
N PRO A 84 2.38 -11.39 5.99
CA PRO A 84 1.31 -10.54 5.46
C PRO A 84 1.71 -9.85 4.15
N GLN A 85 0.72 -9.60 3.30
CA GLN A 85 0.96 -8.94 2.02
C GLN A 85 1.44 -7.51 2.23
N ARG A 86 2.17 -7.00 1.24
CA ARG A 86 2.69 -5.63 1.32
C ARG A 86 2.89 -5.06 -0.09
N HIS A 87 2.20 -3.96 -0.38
CA HIS A 87 2.30 -3.32 -1.68
C HIS A 87 3.35 -2.21 -1.65
N MET A 88 3.93 -1.91 -2.82
CA MET A 88 4.95 -0.88 -2.91
C MET A 88 4.66 0.11 -4.03
N PHE A 89 4.49 1.37 -3.68
CA PHE A 89 4.21 2.42 -4.65
C PHE A 89 5.18 3.58 -4.47
N SER A 90 5.88 3.94 -5.54
CA SER A 90 6.84 5.03 -5.49
C SER A 90 6.24 6.34 -5.99
N PHE A 91 6.43 7.41 -5.23
CA PHE A 91 5.92 8.71 -5.59
C PHE A 91 7.05 9.73 -5.70
N ASN A 92 6.78 10.83 -6.38
CA ASN A 92 7.79 11.88 -6.55
C ASN A 92 7.27 13.22 -6.07
N ASN A 93 6.38 13.19 -5.08
CA ASN A 93 5.81 14.40 -4.52
C ASN A 93 5.30 14.16 -3.10
N ARG A 94 5.96 14.77 -2.13
CA ARG A 94 5.58 14.63 -0.73
C ARG A 94 4.09 14.94 -0.54
N THR A 95 3.57 15.80 -1.39
CA THR A 95 2.17 16.18 -1.34
C THR A 95 1.27 15.09 -1.91
N VAL A 96 1.56 14.70 -3.15
CA VAL A 96 0.79 13.67 -3.82
C VAL A 96 0.77 12.38 -3.00
N MET A 97 1.93 11.99 -2.49
CA MET A 97 2.03 10.80 -1.67
C MET A 97 1.25 10.97 -0.38
N ASP A 98 1.27 12.18 0.16
CA ASP A 98 0.56 12.49 1.39
C ASP A 98 -0.94 12.38 1.17
N ASN A 99 -1.38 12.72 -0.02
CA ASN A 99 -2.79 12.66 -0.37
C ASN A 99 -3.27 11.22 -0.30
N ILE A 100 -2.40 10.29 -0.68
CA ILE A 100 -2.70 8.87 -0.66
C ILE A 100 -2.77 8.37 0.77
N LYS A 101 -1.72 8.65 1.53
CA LYS A 101 -1.66 8.23 2.93
C LYS A 101 -2.74 8.91 3.76
N MET A 102 -3.15 10.10 3.30
CA MET A 102 -4.18 10.86 3.98
C MET A 102 -5.56 10.31 3.66
N THR A 103 -5.75 9.88 2.42
CA THR A 103 -7.02 9.32 2.00
C THR A 103 -7.15 7.88 2.47
N LEU A 104 -6.05 7.14 2.42
CA LEU A 104 -6.05 5.75 2.85
C LEU A 104 -6.39 5.64 4.33
N GLN A 105 -5.83 6.55 5.12
CA GLN A 105 -6.06 6.55 6.56
C GLN A 105 -7.54 6.79 6.86
N GLN A 106 -8.22 7.48 5.97
CA GLN A 106 -9.63 7.78 6.14
C GLN A 106 -10.48 6.52 6.00
N ILE A 107 -10.11 5.66 5.05
CA ILE A 107 -10.84 4.43 4.80
C ILE A 107 -10.69 3.45 5.95
N ILE A 108 -9.46 3.26 6.42
CA ILE A 108 -9.20 2.35 7.54
C ILE A 108 -10.04 2.77 8.72
N SER A 109 -9.78 3.99 9.16
CA SER A 109 -10.48 4.58 10.28
C SER A 109 -12.00 4.40 10.15
N ARG A 110 -12.47 4.34 8.92
CA ARG A 110 -13.90 4.17 8.66
C ARG A 110 -14.35 2.77 9.04
N TYR A 111 -13.45 1.81 8.87
CA TYR A 111 -13.75 0.42 9.18
C TYR A 111 -13.26 0.06 10.58
N LYS A 112 -12.19 0.71 11.01
CA LYS A 112 -11.63 0.47 12.34
C LYS A 112 -12.57 0.96 13.42
N ASP A 113 -13.24 2.08 13.15
CA ASP A 113 -14.18 2.67 14.10
C ASP A 113 -15.34 1.71 14.36
N ALA A 114 -15.78 1.03 13.32
CA ALA A 114 -16.89 0.08 13.45
C ALA A 114 -16.51 -1.10 14.33
N ASP A 115 -15.24 -1.50 14.25
CA ASP A 115 -14.76 -2.62 15.04
C ASP A 115 -13.32 -2.37 15.53
N LEU B 26 16.59 -5.74 -3.48
CA LEU B 26 16.41 -6.95 -4.32
C LEU B 26 15.32 -7.86 -3.76
N SER B 27 15.14 -7.83 -2.45
CA SER B 27 14.12 -8.64 -1.79
C SER B 27 13.14 -7.76 -1.03
N PRO B 28 11.98 -8.32 -0.65
CA PRO B 28 10.94 -7.59 0.09
C PRO B 28 11.50 -6.89 1.31
N ASP B 29 12.34 -7.59 2.05
CA ASP B 29 12.94 -7.04 3.26
C ASP B 29 13.75 -5.78 2.93
N ASP B 30 14.28 -5.72 1.72
CA ASP B 30 15.06 -4.57 1.28
C ASP B 30 14.20 -3.30 1.25
N ILE B 31 13.01 -3.43 0.70
CA ILE B 31 12.09 -2.30 0.60
C ILE B 31 11.58 -1.88 1.97
N GLU B 32 11.55 -2.83 2.89
CA GLU B 32 11.10 -2.56 4.25
C GLU B 32 12.08 -1.66 4.99
N GLN B 33 13.36 -1.81 4.66
CA GLN B 33 14.40 -1.00 5.30
C GLN B 33 14.22 0.47 4.98
N TRP B 34 13.65 0.75 3.81
CA TRP B 34 13.42 2.13 3.38
C TRP B 34 12.56 2.89 4.40
N PHE B 35 11.69 2.16 5.09
CA PHE B 35 10.81 2.76 6.09
C PHE B 35 11.35 2.60 7.50
N THR B 36 12.32 1.70 7.67
CA THR B 36 12.91 1.46 8.98
C THR B 36 13.87 2.59 9.35
N GLU B 37 14.49 3.19 8.35
CA GLU B 37 15.43 4.28 8.57
C GLU B 37 14.74 5.46 9.25
N ASP B 38 15.43 6.07 10.22
CA ASP B 38 14.88 7.21 10.95
C ASP B 38 13.62 6.81 11.72
N PRO B 39 13.39 7.44 12.88
CA PRO B 39 12.21 7.14 13.71
C PRO B 39 10.92 7.63 13.08
N PRO A 1 -5.28 16.70 -5.03
CA PRO A 1 -4.63 16.17 -3.83
C PRO A 1 -5.60 15.44 -2.91
N SER A 2 -6.47 14.63 -3.52
CA SER A 2 -7.47 13.87 -2.77
C SER A 2 -7.99 12.70 -3.59
N HIS A 3 -7.80 11.50 -3.08
CA HIS A 3 -8.26 10.29 -3.77
C HIS A 3 -7.52 10.09 -5.08
N SER A 4 -6.26 10.51 -5.10
CA SER A 4 -5.42 10.37 -6.29
C SER A 4 -4.00 10.83 -6.00
N GLY A 5 -3.09 10.46 -6.88
CA GLY A 5 -1.70 10.83 -6.71
C GLY A 5 -0.77 9.96 -7.51
N ALA A 6 -0.05 10.60 -8.43
CA ALA A 6 0.88 9.89 -9.30
C ALA A 6 1.76 8.94 -8.50
N ALA A 7 1.54 7.65 -8.69
CA ALA A 7 2.31 6.61 -7.99
C ALA A 7 2.96 5.63 -8.96
N ILE A 8 4.09 5.06 -8.55
CA ILE A 8 4.79 4.10 -9.38
C ILE A 8 4.47 2.67 -8.92
N PHE A 9 4.00 1.86 -9.85
CA PHE A 9 3.67 0.48 -9.54
C PHE A 9 4.60 -0.49 -10.26
N GLU A 10 5.15 -1.44 -9.51
CA GLU A 10 6.06 -2.43 -10.08
C GLU A 10 7.23 -1.75 -10.77
N LYS A 11 7.66 -0.61 -10.23
CA LYS A 11 8.77 0.15 -10.80
C LYS A 11 8.29 0.90 -12.05
N VAL A 12 6.99 0.78 -12.36
CA VAL A 12 6.42 1.46 -13.50
C VAL A 12 5.69 2.69 -13.03
N SER A 13 5.57 3.66 -13.91
CA SER A 13 4.92 4.90 -13.54
C SER A 13 3.45 4.94 -13.95
N GLY A 14 2.68 5.66 -13.15
CA GLY A 14 1.26 5.80 -13.38
C GLY A 14 0.62 6.58 -12.25
N ILE A 15 -0.69 6.80 -12.31
CA ILE A 15 -1.35 7.53 -11.25
C ILE A 15 -2.17 6.59 -10.39
N ILE A 16 -2.19 6.87 -9.10
CA ILE A 16 -2.94 6.06 -8.16
C ILE A 16 -4.17 6.84 -7.72
N ALA A 17 -5.34 6.28 -8.03
CA ALA A 17 -6.58 6.94 -7.70
C ALA A 17 -7.45 6.07 -6.79
N ILE A 18 -7.98 6.67 -5.74
CA ILE A 18 -8.82 5.96 -4.78
C ILE A 18 -10.28 6.33 -4.95
N ASN A 19 -11.16 5.33 -4.83
CA ASN A 19 -12.60 5.55 -4.97
C ASN A 19 -13.35 4.89 -3.81
N GLU A 20 -13.94 5.72 -2.95
CA GLU A 20 -14.70 5.22 -1.81
C GLU A 20 -16.17 5.01 -2.18
N ASP A 21 -16.50 5.19 -3.46
CA ASP A 21 -17.86 5.01 -3.93
C ASP A 21 -18.17 3.53 -4.09
N VAL A 22 -17.13 2.71 -4.16
CA VAL A 22 -17.29 1.28 -4.32
C VAL A 22 -17.16 0.56 -2.99
N SER A 23 -17.93 -0.51 -2.81
CA SER A 23 -17.89 -1.27 -1.57
C SER A 23 -17.41 -2.70 -1.84
N PRO A 24 -16.25 -3.10 -1.27
CA PRO A 24 -15.43 -2.24 -0.43
C PRO A 24 -14.57 -1.29 -1.25
N ALA A 25 -14.38 -0.07 -0.73
CA ALA A 25 -13.59 0.94 -1.42
C ALA A 25 -12.27 0.35 -1.90
N GLU A 26 -11.84 0.74 -3.10
CA GLU A 26 -10.61 0.23 -3.68
C GLU A 26 -9.76 1.35 -4.27
N LEU A 27 -8.51 1.01 -4.57
CA LEU A 27 -7.56 1.95 -5.16
C LEU A 27 -7.07 1.44 -6.50
N THR A 28 -7.17 2.26 -7.53
CA THR A 28 -6.75 1.85 -8.87
C THR A 28 -5.56 2.65 -9.39
N TRP A 29 -4.54 1.94 -9.83
CA TRP A 29 -3.34 2.54 -10.38
C TRP A 29 -3.39 2.51 -11.90
N ARG A 30 -3.15 3.64 -12.54
CA ARG A 30 -3.17 3.71 -14.00
C ARG A 30 -1.85 4.26 -14.54
N SER A 31 -1.13 3.43 -15.29
CA SER A 31 0.15 3.82 -15.86
C SER A 31 0.06 5.21 -16.49
N THR A 32 1.21 5.79 -16.80
CA THR A 32 1.26 7.11 -17.41
C THR A 32 0.86 7.01 -18.87
N ASP A 33 1.36 5.99 -19.52
CA ASP A 33 1.07 5.75 -20.93
C ASP A 33 -0.27 5.04 -21.10
N GLY A 34 -0.77 4.42 -20.04
CA GLY A 34 -2.03 3.72 -20.10
C GLY A 34 -1.88 2.29 -20.59
N ASP A 35 -0.76 1.66 -20.23
CA ASP A 35 -0.49 0.28 -20.63
C ASP A 35 -0.61 -0.68 -19.46
N LYS A 36 -0.49 -0.16 -18.25
CA LYS A 36 -0.57 -0.99 -17.05
C LYS A 36 -1.58 -0.42 -16.06
N VAL A 37 -2.43 -1.30 -15.51
CA VAL A 37 -3.43 -0.88 -14.54
C VAL A 37 -3.56 -1.90 -13.42
N HIS A 38 -3.68 -1.41 -12.19
CA HIS A 38 -3.80 -2.27 -11.02
C HIS A 38 -4.86 -1.75 -10.06
N THR A 39 -5.55 -2.67 -9.40
CA THR A 39 -6.59 -2.31 -8.45
C THR A 39 -6.38 -3.01 -7.10
N VAL A 40 -6.51 -2.24 -6.03
CA VAL A 40 -6.33 -2.77 -4.68
C VAL A 40 -7.55 -2.53 -3.82
N VAL A 41 -7.89 -3.51 -3.00
CA VAL A 41 -9.02 -3.37 -2.09
C VAL A 41 -8.54 -2.70 -0.81
N LEU A 42 -9.10 -1.52 -0.52
CA LEU A 42 -8.71 -0.76 0.66
C LEU A 42 -9.30 -1.34 1.93
N SER A 43 -10.45 -1.97 1.81
CA SER A 43 -11.13 -2.57 2.96
C SER A 43 -10.23 -3.56 3.71
N THR A 44 -9.22 -4.07 3.02
CA THR A 44 -8.31 -5.04 3.62
C THR A 44 -7.05 -4.34 4.14
N ILE A 45 -6.76 -3.16 3.60
CA ILE A 45 -5.60 -2.40 4.02
C ILE A 45 -5.62 -2.13 5.52
N ASP A 46 -5.05 -3.06 6.28
CA ASP A 46 -5.02 -2.94 7.73
C ASP A 46 -4.00 -1.89 8.18
N LYS A 47 -2.96 -1.70 7.38
CA LYS A 47 -1.92 -0.73 7.72
C LYS A 47 -1.44 0.04 6.49
N LEU A 48 -1.09 1.30 6.72
CA LEU A 48 -0.59 2.16 5.66
C LEU A 48 0.67 2.88 6.12
N GLN A 49 1.75 2.73 5.36
CA GLN A 49 3.02 3.35 5.72
C GLN A 49 3.58 4.18 4.57
N ALA A 50 4.24 5.30 4.93
CA ALA A 50 4.83 6.18 3.93
C ALA A 50 6.25 6.55 4.33
N THR A 51 7.06 6.95 3.34
CA THR A 51 8.44 7.33 3.61
C THR A 51 8.50 8.72 4.24
N PRO A 52 9.29 8.89 5.31
CA PRO A 52 9.43 10.17 6.00
C PRO A 52 9.98 11.27 5.09
N ALA A 53 9.66 12.52 5.43
CA ALA A 53 10.12 13.66 4.65
C ALA A 53 11.65 13.76 4.65
N SER A 54 12.24 13.55 5.81
CA SER A 54 13.70 13.60 5.95
C SER A 54 14.36 12.60 5.00
N SER A 55 13.64 11.53 4.71
CA SER A 55 14.14 10.49 3.83
C SER A 55 13.95 10.87 2.37
N GLU A 56 15.06 10.95 1.63
CA GLU A 56 15.02 11.30 0.22
C GLU A 56 14.13 10.33 -0.54
N LYS A 57 13.87 9.17 0.08
CA LYS A 57 13.03 8.15 -0.54
C LYS A 57 11.62 8.68 -0.78
N MET A 58 10.98 8.16 -1.83
CA MET A 58 9.63 8.58 -2.18
C MET A 58 8.75 7.37 -2.47
N MET A 59 8.26 6.71 -1.43
CA MET A 59 7.42 5.54 -1.59
C MET A 59 6.37 5.41 -0.49
N LEU A 60 5.43 4.50 -0.69
CA LEU A 60 4.36 4.25 0.27
C LEU A 60 4.01 2.77 0.29
N ARG A 61 3.94 2.17 1.48
CA ARG A 61 3.64 0.75 1.60
C ARG A 61 2.29 0.50 2.27
N LEU A 62 1.49 -0.37 1.66
CA LEU A 62 0.18 -0.73 2.19
C LEU A 62 0.18 -2.16 2.71
N ILE A 63 -0.49 -2.40 3.83
CA ILE A 63 -0.54 -3.74 4.40
C ILE A 63 -1.95 -4.32 4.32
N GLY A 64 -2.06 -5.52 3.75
CA GLY A 64 -3.35 -6.16 3.63
C GLY A 64 -3.65 -7.09 4.79
N LYS A 65 -4.82 -6.94 5.38
CA LYS A 65 -5.23 -7.76 6.52
C LYS A 65 -4.91 -9.24 6.29
N VAL A 66 -4.56 -9.93 7.36
CA VAL A 66 -4.23 -11.35 7.27
C VAL A 66 -5.20 -12.19 8.09
N ASP A 67 -4.80 -13.42 8.39
CA ASP A 67 -5.64 -14.33 9.18
C ASP A 67 -4.92 -15.65 9.40
N GLU A 68 -3.67 -15.57 9.86
CA GLU A 68 -2.87 -16.77 10.11
C GLU A 68 -3.56 -17.71 11.09
N SER A 69 -4.46 -17.16 11.89
CA SER A 69 -5.19 -17.94 12.87
C SER A 69 -6.04 -19.01 12.18
N LYS A 70 -6.25 -18.85 10.88
CA LYS A 70 -7.05 -19.80 10.11
C LYS A 70 -6.32 -21.14 9.97
N LYS A 71 -5.01 -21.08 9.75
CA LYS A 71 -4.22 -22.29 9.60
C LYS A 71 -4.69 -23.11 8.40
N ARG A 72 -4.12 -22.85 7.24
CA ARG A 72 -4.50 -23.56 6.02
C ARG A 72 -3.57 -24.75 5.78
N LYS A 73 -4.13 -25.84 5.26
CA LYS A 73 -3.36 -27.04 4.99
C LYS A 73 -2.76 -26.99 3.58
N ASP A 74 -1.56 -27.55 3.44
CA ASP A 74 -0.87 -27.57 2.16
C ASP A 74 -1.16 -28.87 1.40
N ASN A 75 -0.70 -28.94 0.16
CA ASN A 75 -0.90 -30.12 -0.67
C ASN A 75 -0.27 -31.35 -0.04
N GLU A 76 0.68 -31.14 0.87
CA GLU A 76 1.35 -32.24 1.55
C GLU A 76 0.58 -32.70 2.79
N GLY A 77 -0.61 -32.12 3.00
CA GLY A 77 -1.42 -32.49 4.14
C GLY A 77 -0.92 -31.87 5.43
N ASN A 78 -0.05 -30.87 5.31
CA ASN A 78 0.49 -30.19 6.50
C ASN A 78 -0.04 -28.76 6.59
N GLU A 79 -0.25 -28.30 7.81
CA GLU A 79 -0.75 -26.95 8.05
C GLU A 79 0.32 -25.91 7.75
N VAL A 80 -0.11 -24.74 7.29
CA VAL A 80 0.80 -23.67 6.96
C VAL A 80 0.34 -22.35 7.59
N VAL A 81 1.27 -21.42 7.74
CA VAL A 81 0.96 -20.12 8.30
C VAL A 81 0.90 -19.08 7.19
N PRO A 82 -0.32 -18.74 6.71
CA PRO A 82 -0.51 -17.78 5.64
C PRO A 82 0.32 -16.51 5.84
N LYS A 83 0.50 -15.75 4.77
CA LYS A 83 1.28 -14.51 4.84
C LYS A 83 0.40 -13.30 4.50
N PRO A 84 0.65 -12.18 5.18
CA PRO A 84 -0.11 -10.94 4.98
C PRO A 84 0.22 -10.24 3.67
N GLN A 85 -0.76 -9.56 3.09
CA GLN A 85 -0.56 -8.85 1.83
C GLN A 85 0.20 -7.54 2.07
N ARG A 86 1.00 -7.14 1.10
CA ARG A 86 1.77 -5.91 1.20
C ARG A 86 2.01 -5.29 -0.17
N HIS A 87 1.57 -4.05 -0.35
CA HIS A 87 1.73 -3.35 -1.62
C HIS A 87 2.74 -2.22 -1.47
N MET A 88 3.49 -1.95 -2.54
CA MET A 88 4.50 -0.89 -2.52
C MET A 88 4.34 0.05 -3.72
N PHE A 89 4.43 1.35 -3.45
CA PHE A 89 4.32 2.35 -4.51
C PHE A 89 5.39 3.42 -4.35
N SER A 90 5.74 4.06 -5.46
CA SER A 90 6.76 5.11 -5.46
C SER A 90 6.23 6.39 -6.09
N PHE A 91 6.28 7.49 -5.34
CA PHE A 91 5.81 8.78 -5.84
C PHE A 91 6.97 9.76 -6.01
N ASN A 92 6.68 10.91 -6.60
CA ASN A 92 7.71 11.92 -6.82
C ASN A 92 7.31 13.26 -6.21
N ASN A 93 6.47 13.21 -5.17
CA ASN A 93 6.02 14.41 -4.49
C ASN A 93 5.55 14.11 -3.09
N ARG A 94 6.16 14.76 -2.10
CA ARG A 94 5.80 14.55 -0.70
C ARG A 94 4.32 14.84 -0.49
N THR A 95 3.82 15.82 -1.21
CA THR A 95 2.44 16.23 -1.12
C THR A 95 1.51 15.13 -1.65
N VAL A 96 1.82 14.65 -2.86
CA VAL A 96 1.03 13.59 -3.48
C VAL A 96 1.02 12.35 -2.60
N MET A 97 2.17 12.05 -2.00
CA MET A 97 2.29 10.88 -1.13
C MET A 97 1.44 11.06 0.12
N ASP A 98 1.37 12.29 0.61
CA ASP A 98 0.58 12.59 1.81
C ASP A 98 -0.90 12.46 1.52
N ASN A 99 -1.29 12.81 0.30
CA ASN A 99 -2.68 12.72 -0.10
C ASN A 99 -3.17 11.28 -0.03
N ILE A 100 -2.33 10.37 -0.50
CA ILE A 100 -2.65 8.94 -0.47
C ILE A 100 -2.73 8.43 0.96
N LYS A 101 -1.69 8.71 1.74
CA LYS A 101 -1.64 8.30 3.13
C LYS A 101 -2.72 8.99 3.94
N MET A 102 -3.11 10.18 3.49
CA MET A 102 -4.14 10.97 4.16
C MET A 102 -5.52 10.43 3.83
N THR A 103 -5.69 10.00 2.59
CA THR A 103 -6.97 9.46 2.15
C THR A 103 -7.11 8.00 2.58
N LEU A 104 -6.00 7.26 2.55
CA LEU A 104 -6.01 5.86 2.95
C LEU A 104 -6.38 5.72 4.42
N GLN A 105 -5.84 6.60 5.25
CA GLN A 105 -6.11 6.58 6.68
C GLN A 105 -7.59 6.83 6.96
N GLN A 106 -8.22 7.56 6.07
CA GLN A 106 -9.64 7.88 6.21
C GLN A 106 -10.51 6.63 6.01
N ILE A 107 -10.05 5.74 5.14
CA ILE A 107 -10.77 4.51 4.85
C ILE A 107 -10.65 3.50 5.99
N ILE A 108 -9.43 3.32 6.49
CA ILE A 108 -9.20 2.39 7.59
C ILE A 108 -10.05 2.80 8.78
N SER A 109 -9.79 4.00 9.25
CA SER A 109 -10.51 4.57 10.38
C SER A 109 -12.01 4.46 10.15
N ARG A 110 -12.42 4.47 8.89
CA ARG A 110 -13.82 4.37 8.53
C ARG A 110 -14.34 2.97 8.82
N TYR A 111 -13.58 1.98 8.37
CA TYR A 111 -13.93 0.58 8.58
C TYR A 111 -13.69 0.18 10.02
N LYS A 112 -12.71 0.84 10.65
CA LYS A 112 -12.37 0.55 12.03
C LYS A 112 -13.54 0.87 12.96
N ASP A 113 -14.16 2.03 12.73
CA ASP A 113 -15.29 2.47 13.53
C ASP A 113 -16.43 1.47 13.45
N ALA A 114 -16.61 0.87 12.28
CA ALA A 114 -17.66 -0.11 12.07
C ALA A 114 -17.47 -1.33 12.96
N ASP A 115 -16.21 -1.67 13.21
CA ASP A 115 -15.88 -2.82 14.04
C ASP A 115 -15.28 -2.38 15.37
N LEU B 26 15.33 -7.79 -3.50
CA LEU B 26 15.05 -9.25 -3.57
C LEU B 26 14.22 -9.71 -2.38
N SER B 27 14.48 -9.13 -1.21
CA SER B 27 13.76 -9.48 0.00
C SER B 27 13.23 -8.23 0.70
N PRO B 28 12.29 -8.40 1.65
CA PRO B 28 11.71 -7.28 2.39
C PRO B 28 12.77 -6.39 3.02
N ASP B 29 13.87 -7.00 3.44
CA ASP B 29 14.97 -6.27 4.07
C ASP B 29 15.49 -5.18 3.16
N ASP B 30 15.25 -5.33 1.85
CA ASP B 30 15.70 -4.35 0.87
C ASP B 30 14.75 -3.16 0.80
N ILE B 31 13.45 -3.43 0.96
CA ILE B 31 12.44 -2.38 0.90
C ILE B 31 12.33 -1.63 2.22
N GLU B 32 12.62 -2.32 3.31
CA GLU B 32 12.55 -1.71 4.64
C GLU B 32 13.61 -0.62 4.80
N GLN B 33 14.72 -0.78 4.09
CA GLN B 33 15.82 0.19 4.16
C GLN B 33 15.33 1.56 3.70
N TRP B 34 14.46 1.58 2.70
CA TRP B 34 13.92 2.82 2.16
C TRP B 34 13.20 3.62 3.24
N PHE B 35 12.63 2.91 4.22
CA PHE B 35 11.92 3.54 5.31
C PHE B 35 12.80 3.62 6.57
N THR B 36 14.02 3.09 6.47
CA THR B 36 14.94 3.10 7.60
C THR B 36 16.05 4.13 7.39
N GLU B 37 16.54 4.23 6.17
CA GLU B 37 17.60 5.17 5.84
C GLU B 37 17.16 6.61 6.11
N ASP B 38 18.07 7.41 6.63
CA ASP B 38 17.78 8.81 6.95
C ASP B 38 18.97 9.70 6.62
N PRO B 39 18.74 11.03 6.50
CA PRO B 39 19.80 11.98 6.20
C PRO B 39 20.77 12.17 7.36
N PRO A 1 -5.34 16.05 -5.08
CA PRO A 1 -4.73 15.86 -3.75
C PRO A 1 -5.73 15.34 -2.72
N SER A 2 -6.14 14.08 -2.87
CA SER A 2 -7.10 13.48 -1.96
C SER A 2 -7.35 12.02 -2.33
N HIS A 3 -8.06 11.80 -3.43
CA HIS A 3 -8.37 10.46 -3.89
C HIS A 3 -7.70 10.16 -5.22
N SER A 4 -6.51 10.72 -5.40
CA SER A 4 -5.73 10.52 -6.62
C SER A 4 -4.33 11.10 -6.45
N GLY A 5 -3.35 10.40 -7.01
CA GLY A 5 -1.99 10.86 -6.92
C GLY A 5 -1.04 10.04 -7.76
N ALA A 6 -0.42 10.69 -8.73
CA ALA A 6 0.52 10.03 -9.61
C ALA A 6 1.48 9.13 -8.85
N ALA A 7 1.23 7.83 -8.91
CA ALA A 7 2.05 6.85 -8.20
C ALA A 7 2.70 5.86 -9.16
N ILE A 8 3.83 5.29 -8.75
CA ILE A 8 4.54 4.31 -9.58
C ILE A 8 4.23 2.90 -9.10
N PHE A 9 3.78 2.07 -10.02
CA PHE A 9 3.44 0.68 -9.68
C PHE A 9 4.37 -0.29 -10.40
N GLU A 10 4.98 -1.20 -9.64
CA GLU A 10 5.90 -2.18 -10.20
C GLU A 10 7.04 -1.49 -10.92
N LYS A 11 7.51 -0.38 -10.36
CA LYS A 11 8.60 0.39 -10.95
C LYS A 11 8.12 1.12 -12.20
N VAL A 12 6.82 1.00 -12.50
CA VAL A 12 6.24 1.67 -13.65
C VAL A 12 5.50 2.89 -13.19
N SER A 13 5.35 3.85 -14.08
CA SER A 13 4.67 5.08 -13.73
C SER A 13 3.21 5.08 -14.14
N GLY A 14 2.41 5.79 -13.35
CA GLY A 14 0.98 5.90 -13.58
C GLY A 14 0.33 6.68 -12.47
N ILE A 15 -0.98 6.86 -12.54
CA ILE A 15 -1.67 7.59 -11.49
C ILE A 15 -2.46 6.64 -10.62
N ILE A 16 -2.48 6.93 -9.33
CA ILE A 16 -3.21 6.12 -8.38
C ILE A 16 -4.44 6.88 -7.94
N ALA A 17 -5.60 6.32 -8.21
CA ALA A 17 -6.85 6.96 -7.86
C ALA A 17 -7.67 6.10 -6.91
N ILE A 18 -8.21 6.75 -5.88
CA ILE A 18 -9.00 6.06 -4.87
C ILE A 18 -10.49 6.40 -5.02
N ASN A 19 -11.33 5.39 -4.82
CA ASN A 19 -12.77 5.56 -4.94
C ASN A 19 -13.49 4.94 -3.75
N GLU A 20 -14.10 5.79 -2.94
CA GLU A 20 -14.83 5.32 -1.77
C GLU A 20 -16.31 5.05 -2.09
N ASP A 21 -16.66 5.16 -3.37
CA ASP A 21 -18.01 4.92 -3.82
C ASP A 21 -18.29 3.42 -3.93
N VAL A 22 -17.21 2.63 -3.97
CA VAL A 22 -17.32 1.19 -4.08
C VAL A 22 -17.14 0.54 -2.71
N SER A 23 -17.88 -0.55 -2.47
CA SER A 23 -17.79 -1.26 -1.21
C SER A 23 -17.30 -2.69 -1.43
N PRO A 24 -16.11 -3.04 -0.89
CA PRO A 24 -15.28 -2.14 -0.10
C PRO A 24 -14.47 -1.19 -0.97
N ALA A 25 -14.30 0.05 -0.51
CA ALA A 25 -13.54 1.05 -1.27
C ALA A 25 -12.24 0.45 -1.80
N GLU A 26 -11.87 0.82 -3.02
CA GLU A 26 -10.65 0.30 -3.64
C GLU A 26 -9.83 1.42 -4.28
N LEU A 27 -8.59 1.09 -4.62
CA LEU A 27 -7.68 2.03 -5.26
C LEU A 27 -7.23 1.48 -6.61
N THR A 28 -7.30 2.31 -7.64
CA THR A 28 -6.93 1.88 -8.98
C THR A 28 -5.75 2.69 -9.53
N TRP A 29 -4.72 1.97 -9.97
CA TRP A 29 -3.54 2.59 -10.55
C TRP A 29 -3.60 2.52 -12.06
N ARG A 30 -3.37 3.65 -12.72
CA ARG A 30 -3.39 3.69 -14.17
C ARG A 30 -2.10 4.26 -14.72
N SER A 31 -1.35 3.44 -15.46
CA SER A 31 -0.08 3.87 -16.04
C SER A 31 -0.21 5.24 -16.71
N THR A 32 0.93 5.85 -17.02
CA THR A 32 0.94 7.15 -17.66
C THR A 32 0.52 7.01 -19.11
N ASP A 33 1.04 5.99 -19.74
CA ASP A 33 0.75 5.71 -21.14
C ASP A 33 -0.60 5.01 -21.28
N GLY A 34 -1.04 4.36 -20.20
CA GLY A 34 -2.32 3.67 -20.23
C GLY A 34 -2.18 2.23 -20.71
N ASP A 35 -1.05 1.61 -20.40
CA ASP A 35 -0.79 0.23 -20.80
C ASP A 35 -0.86 -0.72 -19.61
N LYS A 36 -0.73 -0.18 -18.41
CA LYS A 36 -0.77 -0.98 -17.19
C LYS A 36 -1.78 -0.42 -16.20
N VAL A 37 -2.59 -1.32 -15.61
CA VAL A 37 -3.59 -0.91 -14.64
C VAL A 37 -3.65 -1.89 -13.47
N HIS A 38 -3.79 -1.36 -12.26
CA HIS A 38 -3.86 -2.20 -11.06
C HIS A 38 -4.96 -1.73 -10.12
N THR A 39 -5.59 -2.68 -9.45
CA THR A 39 -6.66 -2.37 -8.51
C THR A 39 -6.38 -3.01 -7.14
N VAL A 40 -6.60 -2.24 -6.08
CA VAL A 40 -6.36 -2.72 -4.73
C VAL A 40 -7.56 -2.43 -3.81
N VAL A 41 -7.86 -3.38 -2.95
CA VAL A 41 -8.95 -3.22 -2.01
C VAL A 41 -8.43 -2.48 -0.77
N LEU A 42 -8.99 -1.30 -0.52
CA LEU A 42 -8.54 -0.49 0.62
C LEU A 42 -9.07 -1.04 1.94
N SER A 43 -10.24 -1.67 1.90
CA SER A 43 -10.85 -2.21 3.11
C SER A 43 -9.92 -3.17 3.85
N THR A 44 -8.94 -3.72 3.14
CA THR A 44 -7.98 -4.65 3.76
C THR A 44 -6.79 -3.91 4.34
N ILE A 45 -6.54 -2.71 3.84
CA ILE A 45 -5.40 -1.91 4.31
C ILE A 45 -5.39 -1.85 5.84
N ASP A 46 -4.43 -2.57 6.43
CA ASP A 46 -4.29 -2.61 7.87
C ASP A 46 -3.18 -1.67 8.35
N LYS A 47 -2.27 -1.30 7.45
CA LYS A 47 -1.17 -0.41 7.80
C LYS A 47 -0.66 0.36 6.59
N LEU A 48 -0.49 1.66 6.76
CA LEU A 48 0.00 2.51 5.69
C LEU A 48 1.44 2.95 5.97
N GLN A 49 2.32 2.67 5.02
CA GLN A 49 3.73 3.03 5.16
C GLN A 49 4.12 4.09 4.13
N ALA A 50 4.84 5.11 4.58
CA ALA A 50 5.27 6.18 3.68
C ALA A 50 6.67 6.66 4.03
N THR A 51 7.43 7.03 3.00
CA THR A 51 8.79 7.51 3.19
C THR A 51 8.80 8.94 3.73
N PRO A 52 9.56 9.20 4.81
CA PRO A 52 9.63 10.53 5.42
C PRO A 52 10.31 11.55 4.49
N ALA A 53 9.97 12.82 4.69
CA ALA A 53 10.54 13.89 3.88
C ALA A 53 12.06 13.95 4.04
N SER A 54 12.54 13.65 5.24
CA SER A 54 13.97 13.67 5.51
C SER A 54 14.72 12.71 4.60
N SER A 55 14.02 11.67 4.16
CA SER A 55 14.61 10.67 3.28
C SER A 55 14.57 11.13 1.84
N GLU A 56 15.75 11.23 1.22
CA GLU A 56 15.85 11.64 -0.16
C GLU A 56 15.06 10.71 -1.07
N LYS A 57 14.75 9.52 -0.54
CA LYS A 57 14.01 8.53 -1.32
C LYS A 57 12.50 8.78 -1.22
N MET A 58 11.79 8.43 -2.28
CA MET A 58 10.35 8.62 -2.35
C MET A 58 9.63 7.29 -2.54
N MET A 59 8.64 7.00 -1.70
CA MET A 59 7.91 5.74 -1.81
C MET A 59 6.82 5.61 -0.74
N LEU A 60 5.91 4.65 -0.96
CA LEU A 60 4.81 4.38 -0.05
C LEU A 60 4.45 2.91 -0.09
N ARG A 61 4.22 2.31 1.07
CA ARG A 61 3.89 0.89 1.15
C ARG A 61 2.54 0.64 1.85
N LEU A 62 1.66 -0.09 1.19
CA LEU A 62 0.35 -0.42 1.74
C LEU A 62 0.36 -1.84 2.31
N ILE A 63 -0.27 -2.02 3.45
CA ILE A 63 -0.32 -3.33 4.10
C ILE A 63 -1.75 -3.82 4.21
N GLY A 64 -1.99 -5.04 3.74
CA GLY A 64 -3.32 -5.63 3.81
C GLY A 64 -3.50 -6.51 5.03
N LYS A 65 -4.73 -6.69 5.46
CA LYS A 65 -5.03 -7.53 6.62
C LYS A 65 -4.52 -8.94 6.41
N VAL A 66 -4.31 -9.65 7.52
CA VAL A 66 -3.82 -11.03 7.46
C VAL A 66 -4.79 -11.99 8.15
N ASP A 67 -4.30 -13.17 8.49
CA ASP A 67 -5.11 -14.19 9.14
C ASP A 67 -4.23 -15.36 9.58
N GLU A 68 -3.28 -15.08 10.47
CA GLU A 68 -2.37 -16.10 10.97
C GLU A 68 -3.13 -17.24 11.63
N SER A 69 -4.37 -16.97 12.04
CA SER A 69 -5.20 -17.99 12.69
C SER A 69 -5.37 -19.21 11.78
N LYS A 70 -5.11 -19.03 10.50
CA LYS A 70 -5.25 -20.12 9.54
C LYS A 70 -4.29 -21.26 9.87
N LYS A 71 -3.03 -20.90 10.13
CA LYS A 71 -2.01 -21.90 10.46
C LYS A 71 -1.79 -22.85 9.30
N ARG A 72 -0.79 -22.55 8.48
CA ARG A 72 -0.47 -23.39 7.32
C ARG A 72 0.75 -24.25 7.60
N LYS A 73 0.98 -25.25 6.76
CA LYS A 73 2.12 -26.14 6.93
C LYS A 73 2.95 -26.21 5.65
N ASP A 74 4.26 -26.34 5.82
CA ASP A 74 5.18 -26.42 4.69
C ASP A 74 5.29 -27.86 4.17
N ASN A 75 5.97 -28.02 3.05
CA ASN A 75 6.15 -29.35 2.46
C ASN A 75 6.93 -30.27 3.39
N GLU A 76 7.62 -29.70 4.37
CA GLU A 76 8.40 -30.48 5.32
C GLU A 76 7.54 -30.92 6.51
N GLY A 77 6.24 -30.67 6.45
CA GLY A 77 5.36 -31.05 7.53
C GLY A 77 5.37 -30.05 8.67
N ASN A 78 6.18 -29.00 8.55
CA ASN A 78 6.27 -27.98 9.57
C ASN A 78 5.16 -26.94 9.42
N GLU A 79 4.86 -26.22 10.48
CA GLU A 79 3.81 -25.20 10.46
C GLU A 79 4.41 -23.82 10.19
N VAL A 80 3.65 -22.97 9.51
CA VAL A 80 4.11 -21.63 9.19
C VAL A 80 2.98 -20.62 9.32
N VAL A 81 3.37 -19.39 9.62
CA VAL A 81 2.43 -18.29 9.78
C VAL A 81 2.44 -17.40 8.55
N PRO A 82 1.46 -17.55 7.65
CA PRO A 82 1.37 -16.75 6.42
C PRO A 82 1.57 -15.27 6.69
N LYS A 83 2.20 -14.59 5.74
CA LYS A 83 2.46 -13.16 5.86
C LYS A 83 1.33 -12.34 5.25
N PRO A 84 1.11 -11.13 5.78
CA PRO A 84 0.05 -10.22 5.33
C PRO A 84 0.35 -9.61 3.97
N GLN A 85 -0.69 -9.10 3.32
CA GLN A 85 -0.54 -8.47 2.01
C GLN A 85 0.29 -7.20 2.11
N ARG A 86 1.19 -7.02 1.15
CA ARG A 86 2.05 -5.84 1.13
C ARG A 86 2.22 -5.31 -0.30
N HIS A 87 1.80 -4.06 -0.50
CA HIS A 87 1.90 -3.44 -1.82
C HIS A 87 2.96 -2.34 -1.81
N MET A 88 3.49 -2.01 -2.98
CA MET A 88 4.51 -0.98 -3.11
C MET A 88 4.13 0.07 -4.14
N PHE A 89 4.42 1.34 -3.83
CA PHE A 89 4.12 2.44 -4.72
C PHE A 89 5.11 3.57 -4.53
N SER A 90 5.72 4.03 -5.63
CA SER A 90 6.71 5.11 -5.57
C SER A 90 6.14 6.40 -6.14
N PHE A 91 6.34 7.49 -5.40
CA PHE A 91 5.84 8.80 -5.82
C PHE A 91 7.00 9.80 -5.91
N ASN A 92 6.71 10.98 -6.45
CA ASN A 92 7.73 12.02 -6.58
C ASN A 92 7.24 13.34 -5.99
N ASN A 93 6.33 13.24 -5.02
CA ASN A 93 5.78 14.43 -4.37
C ASN A 93 5.32 14.10 -2.96
N ARG A 94 5.92 14.76 -1.97
CA ARG A 94 5.55 14.53 -0.58
C ARG A 94 4.06 14.72 -0.36
N THR A 95 3.49 15.65 -1.10
CA THR A 95 2.08 15.95 -1.00
C THR A 95 1.25 14.84 -1.64
N VAL A 96 1.53 14.54 -2.90
CA VAL A 96 0.81 13.49 -3.61
C VAL A 96 0.98 12.15 -2.89
N MET A 97 2.20 11.90 -2.43
CA MET A 97 2.51 10.67 -1.72
C MET A 97 1.80 10.63 -0.38
N ASP A 98 1.71 11.80 0.27
CA ASP A 98 1.06 11.90 1.57
C ASP A 98 -0.45 11.86 1.42
N ASN A 99 -0.94 12.39 0.30
CA ASN A 99 -2.37 12.40 0.03
C ASN A 99 -2.93 10.99 0.03
N ILE A 100 -2.19 10.07 -0.58
CA ILE A 100 -2.60 8.67 -0.64
C ILE A 100 -2.62 8.05 0.74
N LYS A 101 -1.51 8.21 1.47
CA LYS A 101 -1.40 7.67 2.81
C LYS A 101 -2.38 8.37 3.75
N MET A 102 -2.71 9.62 3.41
CA MET A 102 -3.64 10.42 4.20
C MET A 102 -5.07 10.00 3.93
N THR A 103 -5.38 9.74 2.66
CA THR A 103 -6.72 9.33 2.28
C THR A 103 -6.96 7.88 2.64
N LEU A 104 -5.95 7.04 2.46
CA LEU A 104 -6.05 5.62 2.78
C LEU A 104 -6.35 5.43 4.27
N GLN A 105 -5.72 6.25 5.10
CA GLN A 105 -5.93 6.17 6.54
C GLN A 105 -7.40 6.40 6.89
N GLN A 106 -8.06 7.22 6.08
CA GLN A 106 -9.47 7.50 6.27
C GLN A 106 -10.29 6.25 6.02
N ILE A 107 -9.80 5.40 5.12
CA ILE A 107 -10.47 4.16 4.78
C ILE A 107 -10.41 3.18 5.94
N ILE A 108 -9.18 2.88 6.38
CA ILE A 108 -8.98 1.97 7.50
C ILE A 108 -9.84 2.40 8.66
N SER A 109 -9.58 3.60 9.12
CA SER A 109 -10.32 4.19 10.23
C SER A 109 -11.82 4.10 9.98
N ARG A 110 -12.21 4.11 8.71
CA ARG A 110 -13.60 4.02 8.32
C ARG A 110 -14.16 2.65 8.67
N TYR A 111 -13.36 1.63 8.43
CA TYR A 111 -13.76 0.26 8.73
C TYR A 111 -13.48 -0.07 10.19
N LYS A 112 -12.48 0.61 10.76
CA LYS A 112 -12.12 0.40 12.16
C LYS A 112 -13.27 0.80 13.07
N ASP A 113 -13.89 1.94 12.75
CA ASP A 113 -15.00 2.45 13.53
C ASP A 113 -16.16 1.46 13.54
N ALA A 114 -16.38 0.80 12.40
CA ALA A 114 -17.45 -0.17 12.27
C ALA A 114 -17.26 -1.34 13.23
N ASP A 115 -16.01 -1.69 13.49
CA ASP A 115 -15.69 -2.79 14.39
C ASP A 115 -15.19 -2.26 15.73
N LEU B 26 17.18 -5.77 -3.32
CA LEU B 26 17.05 -7.11 -3.95
C LEU B 26 16.09 -8.00 -3.16
N SER B 27 16.02 -7.77 -1.86
CA SER B 27 15.13 -8.55 -0.99
C SER B 27 14.18 -7.64 -0.22
N PRO B 28 13.10 -8.21 0.34
CA PRO B 28 12.10 -7.44 1.10
C PRO B 28 12.74 -6.64 2.22
N ASP B 29 13.70 -7.24 2.92
CA ASP B 29 14.39 -6.58 4.02
C ASP B 29 14.98 -5.26 3.57
N ASP B 30 15.21 -5.12 2.27
CA ASP B 30 15.77 -3.90 1.71
C ASP B 30 14.79 -2.74 1.85
N ILE B 31 13.52 -3.00 1.58
CA ILE B 31 12.49 -1.99 1.68
C ILE B 31 12.20 -1.63 3.13
N GLU B 32 12.50 -2.56 4.03
CA GLU B 32 12.27 -2.33 5.46
C GLU B 32 13.12 -1.17 5.96
N GLN B 33 14.34 -1.07 5.46
CA GLN B 33 15.25 0.00 5.86
C GLN B 33 14.68 1.37 5.47
N TRP B 34 13.98 1.41 4.35
CA TRP B 34 13.39 2.64 3.85
C TRP B 34 12.42 3.23 4.87
N PHE B 35 11.73 2.36 5.60
CA PHE B 35 10.76 2.80 6.60
C PHE B 35 11.29 2.62 8.02
N THR B 36 12.48 2.04 8.15
CA THR B 36 13.10 1.81 9.45
C THR B 36 13.97 3.00 9.84
N GLU B 37 14.54 3.67 8.85
CA GLU B 37 15.41 4.81 9.09
C GLU B 37 14.58 6.07 9.34
N ASP B 38 15.07 6.93 10.23
CA ASP B 38 14.39 8.17 10.56
C ASP B 38 12.97 7.89 11.09
N PRO B 39 12.26 8.95 11.52
CA PRO B 39 10.90 8.81 12.05
C PRO B 39 9.98 8.05 11.10
#